data_1R6N
# 
_entry.id   1R6N 
# 
_audit_conform.dict_name       mmcif_pdbx.dic 
_audit_conform.dict_version    5.379 
_audit_conform.dict_location   http://mmcif.pdb.org/dictionaries/ascii/mmcif_pdbx.dic 
# 
loop_
_database_2.database_id 
_database_2.database_code 
_database_2.pdbx_database_accession 
_database_2.pdbx_DOI 
PDB   1R6N         pdb_00001r6n 10.2210/pdb1r6n/pdb 
RCSB  RCSB020501   ?            ?                   
WWPDB D_1000020501 ?            ?                   
# 
_pdbx_database_related.db_name        PDB 
_pdbx_database_related.db_id          1R6K 
_pdbx_database_related.details        'HPV11 E2 TAD apo' 
_pdbx_database_related.content_type   unspecified 
# 
_pdbx_database_status.entry_id                        1R6N 
_pdbx_database_status.status_code                     REL 
_pdbx_database_status.recvd_initial_deposition_date   2003-10-15 
_pdbx_database_status.deposit_site                    RCSB 
_pdbx_database_status.process_site                    RCSB 
_pdbx_database_status.status_code_sf                  REL 
_pdbx_database_status.SG_entry                        . 
_pdbx_database_status.pdb_format_compatible           Y 
_pdbx_database_status.status_code_mr                  ? 
_pdbx_database_status.status_code_cs                  ? 
_pdbx_database_status.methods_development_category    ? 
_pdbx_database_status.status_code_nmr_data            ? 
# 
loop_
_audit_author.name 
_audit_author.pdbx_ordinal 
'Wang, Y.'     1 
'Coulombe, R.' 2 
# 
_citation.id                        primary 
_citation.title                     
;Crystal Structure of the E2 Transactivation Domain of Human 
Papillomavirus Type 11 Bound to a Protein Interaction Inhibitor
;
_citation.journal_abbrev            J.Biol.Chem. 
_citation.journal_volume            279 
_citation.page_first                6976 
_citation.page_last                 6985 
_citation.year                      2004 
_citation.journal_id_ASTM           JBCHA3 
_citation.country                   US 
_citation.journal_id_ISSN           0021-9258 
_citation.journal_id_CSD            0071 
_citation.book_publisher            ? 
_citation.pdbx_database_id_PubMed   14634007 
_citation.pdbx_database_id_DOI      10.1074/jbc.M311376200 
# 
loop_
_citation_author.citation_id 
_citation_author.name 
_citation_author.ordinal 
_citation_author.identifier_ORCID 
primary 'Wang, Y.'         1  ? 
primary 'Coulombe, R.'     2  ? 
primary 'Cameron, D.R.'    3  ? 
primary 'Thauvette, L.'    4  ? 
primary 'Massariol, M.-J.' 5  ? 
primary 'Amon, L.M.'       6  ? 
primary 'Fink, D.'         7  ? 
primary 'Titolo, S.'       8  ? 
primary 'Welchner, E.'     9  ? 
primary 'Yoakim, C.'       10 ? 
primary 'Archambault, J.'  11 ? 
primary 'White, P.W.'      12 ? 
# 
_cell.entry_id           1R6N 
_cell.length_a           60.456 
_cell.length_b           60.456 
_cell.length_c           82.526 
_cell.angle_alpha        90.00 
_cell.angle_beta         90.00 
_cell.angle_gamma        90.00 
_cell.Z_PDB              4 
_cell.pdbx_unique_axis   ? 
# 
_symmetry.entry_id                         1R6N 
_symmetry.space_group_name_H-M             'P 41' 
_symmetry.cell_setting                     tetragonal 
_symmetry.pdbx_full_space_group_name_H-M   ? 
_symmetry.Int_Tables_number                76 
# 
loop_
_entity.id 
_entity.type 
_entity.src_method 
_entity.pdbx_description 
_entity.formula_weight 
_entity.pdbx_number_of_molecules 
_entity.pdbx_ec 
_entity.pdbx_mutation 
_entity.pdbx_fragment 
_entity.details 
1 polymer     man 'HPV11 REGULATORY PROTEIN E2' 24434.838 1  ? ? 'TRANSACTIVATION DOMAIN (RESIDUES 2-201)' 'inhibited form' 
2 non-polymer syn 
;SPIRO[3-CARBOXY-4-{(4-[1,2,3]THIADIAZOL-4-YL-PHENYL)-AMINO-CARBONYL} -5-[3,4-DICHLORO-PHENYL]-TETRAHYDROFURAN-2,2'-5-METHYL-INDAN-1,3-DIONE]
;
608.449   2  ? ? ?                                         ?                
3 non-polymer syn '2-METHYL-PROPIONIC ACID' 88.105    1  ? ? ?                                         ?                
4 non-polymer syn 'DIMETHYL SULFOXIDE' 78.133    1  ? ? ?                                         ?                
5 water       nat water 18.015    27 ? ? ?                                         ?                
# 
_entity_name_com.entity_id   1 
_entity_name_com.name        'HPV11 E2 TAD; E2 protein' 
# 
_entity_poly.entity_id                      1 
_entity_poly.type                           'polypeptide(L)' 
_entity_poly.nstd_linkage                   no 
_entity_poly.nstd_monomer                   no 
_entity_poly.pdbx_seq_one_letter_code       
;GHHHHHHEAIAKRLDACQDQLLELYEENSIDIHKHIMHWKCIRLESVLLHKAKQMGLSHIGLQVVPPLTVSETKGHNAIE
MQMHLESLAKTQYGVEPWTLQDTSYEMWLTPPKRCFKKQGNTVEVKFDGCEDNVMEYVVWTHIYLQDNDSWVKVTSSVDA
KGIYYTCGQFKTYYVNFNKEAQKYGSTNHWEVCYGSTVICSPASVSSKKKK
;
_entity_poly.pdbx_seq_one_letter_code_can   
;GHHHHHHEAIAKRLDACQDQLLELYEENSIDIHKHIMHWKCIRLESVLLHKAKQMGLSHIGLQVVPPLTVSETKGHNAIE
MQMHLESLAKTQYGVEPWTLQDTSYEMWLTPPKRCFKKQGNTVEVKFDGCEDNVMEYVVWTHIYLQDNDSWVKVTSSVDA
KGIYYTCGQFKTYYVNFNKEAQKYGSTNHWEVCYGSTVICSPASVSSKKKK
;
_entity_poly.pdbx_strand_id                 A 
_entity_poly.pdbx_target_identifier         ? 
# 
loop_
_entity_poly_seq.entity_id 
_entity_poly_seq.num 
_entity_poly_seq.mon_id 
_entity_poly_seq.hetero 
1 1   GLY n 
1 2   HIS n 
1 3   HIS n 
1 4   HIS n 
1 5   HIS n 
1 6   HIS n 
1 7   HIS n 
1 8   GLU n 
1 9   ALA n 
1 10  ILE n 
1 11  ALA n 
1 12  LYS n 
1 13  ARG n 
1 14  LEU n 
1 15  ASP n 
1 16  ALA n 
1 17  CYS n 
1 18  GLN n 
1 19  ASP n 
1 20  GLN n 
1 21  LEU n 
1 22  LEU n 
1 23  GLU n 
1 24  LEU n 
1 25  TYR n 
1 26  GLU n 
1 27  GLU n 
1 28  ASN n 
1 29  SER n 
1 30  ILE n 
1 31  ASP n 
1 32  ILE n 
1 33  HIS n 
1 34  LYS n 
1 35  HIS n 
1 36  ILE n 
1 37  MET n 
1 38  HIS n 
1 39  TRP n 
1 40  LYS n 
1 41  CYS n 
1 42  ILE n 
1 43  ARG n 
1 44  LEU n 
1 45  GLU n 
1 46  SER n 
1 47  VAL n 
1 48  LEU n 
1 49  LEU n 
1 50  HIS n 
1 51  LYS n 
1 52  ALA n 
1 53  LYS n 
1 54  GLN n 
1 55  MET n 
1 56  GLY n 
1 57  LEU n 
1 58  SER n 
1 59  HIS n 
1 60  ILE n 
1 61  GLY n 
1 62  LEU n 
1 63  GLN n 
1 64  VAL n 
1 65  VAL n 
1 66  PRO n 
1 67  PRO n 
1 68  LEU n 
1 69  THR n 
1 70  VAL n 
1 71  SER n 
1 72  GLU n 
1 73  THR n 
1 74  LYS n 
1 75  GLY n 
1 76  HIS n 
1 77  ASN n 
1 78  ALA n 
1 79  ILE n 
1 80  GLU n 
1 81  MET n 
1 82  GLN n 
1 83  MET n 
1 84  HIS n 
1 85  LEU n 
1 86  GLU n 
1 87  SER n 
1 88  LEU n 
1 89  ALA n 
1 90  LYS n 
1 91  THR n 
1 92  GLN n 
1 93  TYR n 
1 94  GLY n 
1 95  VAL n 
1 96  GLU n 
1 97  PRO n 
1 98  TRP n 
1 99  THR n 
1 100 LEU n 
1 101 GLN n 
1 102 ASP n 
1 103 THR n 
1 104 SER n 
1 105 TYR n 
1 106 GLU n 
1 107 MET n 
1 108 TRP n 
1 109 LEU n 
1 110 THR n 
1 111 PRO n 
1 112 PRO n 
1 113 LYS n 
1 114 ARG n 
1 115 CYS n 
1 116 PHE n 
1 117 LYS n 
1 118 LYS n 
1 119 GLN n 
1 120 GLY n 
1 121 ASN n 
1 122 THR n 
1 123 VAL n 
1 124 GLU n 
1 125 VAL n 
1 126 LYS n 
1 127 PHE n 
1 128 ASP n 
1 129 GLY n 
1 130 CYS n 
1 131 GLU n 
1 132 ASP n 
1 133 ASN n 
1 134 VAL n 
1 135 MET n 
1 136 GLU n 
1 137 TYR n 
1 138 VAL n 
1 139 VAL n 
1 140 TRP n 
1 141 THR n 
1 142 HIS n 
1 143 ILE n 
1 144 TYR n 
1 145 LEU n 
1 146 GLN n 
1 147 ASP n 
1 148 ASN n 
1 149 ASP n 
1 150 SER n 
1 151 TRP n 
1 152 VAL n 
1 153 LYS n 
1 154 VAL n 
1 155 THR n 
1 156 SER n 
1 157 SER n 
1 158 VAL n 
1 159 ASP n 
1 160 ALA n 
1 161 LYS n 
1 162 GLY n 
1 163 ILE n 
1 164 TYR n 
1 165 TYR n 
1 166 THR n 
1 167 CYS n 
1 168 GLY n 
1 169 GLN n 
1 170 PHE n 
1 171 LYS n 
1 172 THR n 
1 173 TYR n 
1 174 TYR n 
1 175 VAL n 
1 176 ASN n 
1 177 PHE n 
1 178 ASN n 
1 179 LYS n 
1 180 GLU n 
1 181 ALA n 
1 182 GLN n 
1 183 LYS n 
1 184 TYR n 
1 185 GLY n 
1 186 SER n 
1 187 THR n 
1 188 ASN n 
1 189 HIS n 
1 190 TRP n 
1 191 GLU n 
1 192 VAL n 
1 193 CYS n 
1 194 TYR n 
1 195 GLY n 
1 196 SER n 
1 197 THR n 
1 198 VAL n 
1 199 ILE n 
1 200 CYS n 
1 201 SER n 
1 202 PRO n 
1 203 ALA n 
1 204 SER n 
1 205 VAL n 
1 206 SER n 
1 207 SER n 
1 208 LYS n 
1 209 LYS n 
1 210 LYS n 
1 211 LYS n 
# 
_entity_src_gen.entity_id                          1 
_entity_src_gen.pdbx_src_id                        1 
_entity_src_gen.pdbx_alt_source_flag               sample 
_entity_src_gen.pdbx_seq_type                      ? 
_entity_src_gen.pdbx_beg_seq_num                   ? 
_entity_src_gen.pdbx_end_seq_num                   ? 
_entity_src_gen.gene_src_common_name               ? 
_entity_src_gen.gene_src_genus                     Alphapapillomavirus 
_entity_src_gen.pdbx_gene_src_gene                 E2 
_entity_src_gen.gene_src_species                   'Human papillomavirus - 6' 
_entity_src_gen.gene_src_strain                    ? 
_entity_src_gen.gene_src_tissue                    ? 
_entity_src_gen.gene_src_tissue_fraction           ? 
_entity_src_gen.gene_src_details                   ? 
_entity_src_gen.pdbx_gene_src_fragment             ? 
_entity_src_gen.pdbx_gene_src_scientific_name      'Human papillomavirus type 11' 
_entity_src_gen.pdbx_gene_src_ncbi_taxonomy_id     10580 
_entity_src_gen.pdbx_gene_src_variant              ? 
_entity_src_gen.pdbx_gene_src_cell_line            ? 
_entity_src_gen.pdbx_gene_src_atcc                 ? 
_entity_src_gen.pdbx_gene_src_organ                ? 
_entity_src_gen.pdbx_gene_src_organelle            ? 
_entity_src_gen.pdbx_gene_src_cell                 ? 
_entity_src_gen.pdbx_gene_src_cellular_location    ? 
_entity_src_gen.host_org_common_name               ? 
_entity_src_gen.pdbx_host_org_scientific_name      'Escherichia coli' 
_entity_src_gen.pdbx_host_org_ncbi_taxonomy_id     562 
_entity_src_gen.host_org_genus                     Escherichia 
_entity_src_gen.pdbx_host_org_gene                 ? 
_entity_src_gen.pdbx_host_org_organ                ? 
_entity_src_gen.host_org_species                   ? 
_entity_src_gen.pdbx_host_org_tissue               ? 
_entity_src_gen.pdbx_host_org_tissue_fraction      ? 
_entity_src_gen.pdbx_host_org_strain               B834 
_entity_src_gen.pdbx_host_org_variant              ? 
_entity_src_gen.pdbx_host_org_cell_line            ? 
_entity_src_gen.pdbx_host_org_atcc                 ? 
_entity_src_gen.pdbx_host_org_culture_collection   ? 
_entity_src_gen.pdbx_host_org_cell                 ? 
_entity_src_gen.pdbx_host_org_organelle            ? 
_entity_src_gen.pdbx_host_org_cellular_location    ? 
_entity_src_gen.pdbx_host_org_vector_type          plasmid 
_entity_src_gen.pdbx_host_org_vector               ? 
_entity_src_gen.host_org_details                   ? 
_entity_src_gen.expression_system_id               ? 
_entity_src_gen.plasmid_name                       ? 
_entity_src_gen.plasmid_details                    ? 
_entity_src_gen.pdbx_description                   ? 
# 
_struct_ref.id                         1 
_struct_ref.entity_id                  1 
_struct_ref.db_name                    UNP 
_struct_ref.db_code                    VE2_HPV11 
_struct_ref.pdbx_db_accession          P04015 
_struct_ref.pdbx_align_begin           2 
_struct_ref.pdbx_seq_one_letter_code   
;EAIAKRLDACQDQLLELYEENSIDIHKHIMHWKCIRLESVLLHKAKQMGLSHIGLQVVPPLTVSETKGHNAIEMQMHLES
LAKTQYGVEPWTLQDTSYEMWLTPPKRCFKKQGNTVEVKFDGCEDNVMEYVVWTHIYLQDNDSWVKVTSSVDAKGIYYTC
GQFKTYYVNFNKEAQKYGSTNHWEVCYGSTVICSPASVSS
;
_struct_ref.pdbx_db_isoform            ? 
# 
_struct_ref_seq.align_id                      1 
_struct_ref_seq.ref_id                        1 
_struct_ref_seq.pdbx_PDB_id_code              1R6N 
_struct_ref_seq.pdbx_strand_id                A 
_struct_ref_seq.seq_align_beg                 8 
_struct_ref_seq.pdbx_seq_align_beg_ins_code   ? 
_struct_ref_seq.seq_align_end                 207 
_struct_ref_seq.pdbx_seq_align_end_ins_code   ? 
_struct_ref_seq.pdbx_db_accession             P04015 
_struct_ref_seq.db_align_beg                  2 
_struct_ref_seq.pdbx_db_align_beg_ins_code    ? 
_struct_ref_seq.db_align_end                  201 
_struct_ref_seq.pdbx_db_align_end_ins_code    ? 
_struct_ref_seq.pdbx_auth_seq_align_beg       2 
_struct_ref_seq.pdbx_auth_seq_align_end       201 
# 
loop_
_struct_ref_seq_dif.align_id 
_struct_ref_seq_dif.pdbx_pdb_id_code 
_struct_ref_seq_dif.mon_id 
_struct_ref_seq_dif.pdbx_pdb_strand_id 
_struct_ref_seq_dif.seq_num 
_struct_ref_seq_dif.pdbx_pdb_ins_code 
_struct_ref_seq_dif.pdbx_seq_db_name 
_struct_ref_seq_dif.pdbx_seq_db_accession_code 
_struct_ref_seq_dif.db_mon_id 
_struct_ref_seq_dif.pdbx_seq_db_seq_num 
_struct_ref_seq_dif.details 
_struct_ref_seq_dif.pdbx_auth_seq_num 
_struct_ref_seq_dif.pdbx_ordinal 
1 1R6N GLY A 1   ? UNP P04015 ? ? 'expression tag' -5  1  
1 1R6N HIS A 2   ? UNP P04015 ? ? 'expression tag' -4  2  
1 1R6N HIS A 3   ? UNP P04015 ? ? 'expression tag' -3  3  
1 1R6N HIS A 4   ? UNP P04015 ? ? 'expression tag' -2  4  
1 1R6N HIS A 5   ? UNP P04015 ? ? 'expression tag' -1  5  
1 1R6N HIS A 6   ? UNP P04015 ? ? 'expression tag' 0   6  
1 1R6N HIS A 7   ? UNP P04015 ? ? 'expression tag' 1   7  
1 1R6N LYS A 208 ? UNP P04015 ? ? 'expression tag' 202 8  
1 1R6N LYS A 209 ? UNP P04015 ? ? 'expression tag' 203 9  
1 1R6N LYS A 210 ? UNP P04015 ? ? 'expression tag' 204 10 
1 1R6N LYS A 211 ? UNP P04015 ? ? 'expression tag' 205 11 
# 
loop_
_chem_comp.id 
_chem_comp.type 
_chem_comp.mon_nstd_flag 
_chem_comp.name 
_chem_comp.pdbx_synonyms 
_chem_comp.formula 
_chem_comp.formula_weight 
434 non-polymer         . 
;SPIRO[3-CARBOXY-4-{(4-[1,2,3]THIADIAZOL-4-YL-PHENYL)-AMINO-CARBONYL} -5-[3,4-DICHLORO-PHENYL]-TETRAHYDROFURAN-2,2'-5-METHYL-INDAN-1,3-DIONE]
;
'BILH 434' 'C29 H19 Cl2 N3 O6 S' 608.449 
ALA 'L-peptide linking' y ALANINE ?          'C3 H7 N O2'          89.093  
ALQ non-polymer         . '2-METHYL-PROPIONIC ACID' ?          'C4 H8 O2'            88.105  
ARG 'L-peptide linking' y ARGININE ?          'C6 H15 N4 O2 1'      175.209 
ASN 'L-peptide linking' y ASPARAGINE ?          'C4 H8 N2 O3'         132.118 
ASP 'L-peptide linking' y 'ASPARTIC ACID' ?          'C4 H7 N O4'          133.103 
CYS 'L-peptide linking' y CYSTEINE ?          'C3 H7 N O2 S'        121.158 
DMS non-polymer         . 'DIMETHYL SULFOXIDE' ?          'C2 H6 O S'           78.133  
GLN 'L-peptide linking' y GLUTAMINE ?          'C5 H10 N2 O3'        146.144 
GLU 'L-peptide linking' y 'GLUTAMIC ACID' ?          'C5 H9 N O4'          147.129 
GLY 'peptide linking'   y GLYCINE ?          'C2 H5 N O2'          75.067  
HIS 'L-peptide linking' y HISTIDINE ?          'C6 H10 N3 O2 1'      156.162 
HOH non-polymer         . WATER ?          'H2 O'                18.015  
ILE 'L-peptide linking' y ISOLEUCINE ?          'C6 H13 N O2'         131.173 
LEU 'L-peptide linking' y LEUCINE ?          'C6 H13 N O2'         131.173 
LYS 'L-peptide linking' y LYSINE ?          'C6 H15 N2 O2 1'      147.195 
MET 'L-peptide linking' y METHIONINE ?          'C5 H11 N O2 S'       149.211 
PHE 'L-peptide linking' y PHENYLALANINE ?          'C9 H11 N O2'         165.189 
PRO 'L-peptide linking' y PROLINE ?          'C5 H9 N O2'          115.130 
SER 'L-peptide linking' y SERINE ?          'C3 H7 N O3'          105.093 
THR 'L-peptide linking' y THREONINE ?          'C4 H9 N O3'          119.119 
TRP 'L-peptide linking' y TRYPTOPHAN ?          'C11 H12 N2 O2'       204.225 
TYR 'L-peptide linking' y TYROSINE ?          'C9 H11 N O3'         181.189 
VAL 'L-peptide linking' y VALINE ?          'C5 H11 N O2'         117.146 
# 
_exptl.entry_id          1R6N 
_exptl.method            'X-RAY DIFFRACTION' 
_exptl.crystals_number   1 
# 
_exptl_crystal.id                    1 
_exptl_crystal.density_Matthews      3.14 
_exptl_crystal.density_percent_sol   60.6 
_exptl_crystal.density_meas          ? 
_exptl_crystal.description           ? 
# 
_exptl_crystal_grow.crystal_id      1 
_exptl_crystal_grow.method          'VAPOR DIFFUSION, HANGING DROP' 
_exptl_crystal_grow.temp            295 
_exptl_crystal_grow.pH              5.0 
_exptl_crystal_grow.pdbx_details    'Na Citrate, MPD, pH 5.0, VAPOR DIFFUSION, HANGING DROP, temperature 295K' 
_exptl_crystal_grow.temp_details    ? 
_exptl_crystal_grow.pdbx_pH_range   . 
# 
_diffrn.id                     1 
_diffrn.ambient_temp           100 
_diffrn.ambient_temp_details   ? 
_diffrn.crystal_id             1 
# 
_diffrn_detector.diffrn_id              1 
_diffrn_detector.detector               CCD 
_diffrn_detector.type                   'BRANDEIS - B4' 
_diffrn_detector.pdbx_collection_date   2001-03-01 
_diffrn_detector.details                ? 
# 
_diffrn_radiation.diffrn_id                        1 
_diffrn_radiation.wavelength_id                    1 
_diffrn_radiation.pdbx_monochromatic_or_laue_m_l   M 
_diffrn_radiation.monochromator                    ? 
_diffrn_radiation.pdbx_diffrn_protocol             'SINGLE WAVELENGTH' 
_diffrn_radiation.pdbx_scattering_type             x-ray 
# 
_diffrn_radiation_wavelength.id           1 
_diffrn_radiation_wavelength.wavelength   1.000 
_diffrn_radiation_wavelength.wt           1.0 
# 
_diffrn_source.diffrn_id                   1 
_diffrn_source.source                      SYNCHROTRON 
_diffrn_source.type                        'NSLS BEAMLINE X25' 
_diffrn_source.pdbx_synchrotron_site       NSLS 
_diffrn_source.pdbx_synchrotron_beamline   X25 
_diffrn_source.pdbx_wavelength             ? 
_diffrn_source.pdbx_wavelength_list        1.000 
# 
_reflns.entry_id                     1R6N 
_reflns.observed_criterion_sigma_F   0.0 
_reflns.observed_criterion_sigma_I   0.0 
_reflns.d_resolution_high            2.40 
_reflns.d_resolution_low             50.0 
_reflns.number_all                   11028 
_reflns.number_obs                   10792 
_reflns.percent_possible_obs         97.9 
_reflns.pdbx_Rmerge_I_obs            0.079 
_reflns.pdbx_Rsym_value              ? 
_reflns.pdbx_netI_over_sigmaI        27.47 
_reflns.B_iso_Wilson_estimate        ? 
_reflns.pdbx_redundancy              6.44 
_reflns.R_free_details               ? 
_reflns.limit_h_max                  ? 
_reflns.limit_h_min                  ? 
_reflns.limit_k_max                  ? 
_reflns.limit_k_min                  ? 
_reflns.limit_l_max                  ? 
_reflns.limit_l_min                  ? 
_reflns.observed_criterion_F_max     ? 
_reflns.observed_criterion_F_min     ? 
_reflns.pdbx_diffrn_id               1 
_reflns.pdbx_ordinal                 1 
# 
_reflns_shell.d_res_high             2.40 
_reflns_shell.d_res_low              2.49 
_reflns_shell.percent_possible_all   86.4 
_reflns_shell.Rmerge_I_obs           0.474 
_reflns_shell.pdbx_Rsym_value        ? 
_reflns_shell.meanI_over_sigI_obs    2.01 
_reflns_shell.pdbx_redundancy        ? 
_reflns_shell.percent_possible_obs   ? 
_reflns_shell.number_unique_all      964 
_reflns_shell.pdbx_diffrn_id         ? 
_reflns_shell.pdbx_ordinal           1 
# 
_refine.entry_id                                 1R6N 
_refine.ls_d_res_high                            2.40 
_refine.ls_d_res_low                             50.0 
_refine.pdbx_ls_sigma_F                          0.0 
_refine.pdbx_ls_sigma_I                          0.0 
_refine.ls_number_reflns_all                     11669 
_refine.ls_number_reflns_obs                     11003 
_refine.ls_number_reflns_R_free                  879 
_refine.ls_percent_reflns_obs                    94.3 
_refine.ls_R_factor_all                          0.2095 
_refine.ls_R_factor_obs                          0.2095 
_refine.ls_R_factor_R_work                       0.2095 
_refine.ls_R_factor_R_free                       0.266 
_refine.ls_redundancy_reflns_obs                 ? 
_refine.pdbx_data_cutoff_high_absF               ? 
_refine.pdbx_data_cutoff_low_absF                ? 
_refine.ls_number_parameters                     ? 
_refine.ls_number_restraints                     ? 
_refine.ls_percent_reflns_R_free                 ? 
_refine.ls_R_factor_R_free_error                 ? 
_refine.ls_R_factor_R_free_error_details         ? 
_refine.pdbx_method_to_determine_struct          'MOLECULAR REPLACEMENT' 
_refine.pdbx_starting_model                      'HPV11 E2 TAb apo (1R6K)' 
_refine.pdbx_ls_cross_valid_method               THROUGHOUT 
_refine.pdbx_R_Free_selection_details            Random 
_refine.pdbx_stereochem_target_val_spec_case     ? 
_refine.pdbx_stereochemistry_target_values       'Engh & Huber' 
_refine.solvent_model_details                    ? 
_refine.solvent_model_param_bsol                 ? 
_refine.solvent_model_param_ksol                 ? 
_refine.occupancy_max                            ? 
_refine.occupancy_min                            ? 
_refine.pdbx_isotropic_thermal_model             Isotropic 
_refine.B_iso_mean                               60.61 
_refine.aniso_B[1][1]                            ? 
_refine.aniso_B[1][2]                            ? 
_refine.aniso_B[1][3]                            ? 
_refine.aniso_B[2][2]                            ? 
_refine.aniso_B[2][3]                            ? 
_refine.aniso_B[3][3]                            ? 
_refine.details                                  ? 
_refine.B_iso_min                                ? 
_refine.B_iso_max                                ? 
_refine.correlation_coeff_Fo_to_Fc               ? 
_refine.correlation_coeff_Fo_to_Fc_free          ? 
_refine.pdbx_solvent_vdw_probe_radii             ? 
_refine.pdbx_solvent_ion_probe_radii             ? 
_refine.pdbx_solvent_shrinkage_radii             ? 
_refine.overall_SU_R_Cruickshank_DPI             ? 
_refine.overall_SU_R_free                        ? 
_refine.overall_SU_B                             ? 
_refine.overall_SU_ML                            ? 
_refine.pdbx_overall_ESU_R                       ? 
_refine.pdbx_overall_ESU_R_Free                  ? 
_refine.pdbx_data_cutoff_high_rms_absF           ? 
_refine.pdbx_refine_id                           'X-RAY DIFFRACTION' 
_refine.pdbx_diffrn_id                           1 
_refine.pdbx_TLS_residual_ADP_flag               ? 
_refine.pdbx_overall_phase_error                 ? 
_refine.pdbx_overall_SU_R_free_Cruickshank_DPI   ? 
_refine.pdbx_overall_SU_R_Blow_DPI               ? 
_refine.pdbx_overall_SU_R_free_Blow_DPI          ? 
# 
_refine_analyze.entry_id                        1R6N 
_refine_analyze.Luzzati_coordinate_error_obs    0.33 
_refine_analyze.Luzzati_sigma_a_obs             0.46 
_refine_analyze.Luzzati_d_res_low_obs           5.0 
_refine_analyze.Luzzati_coordinate_error_free   0.41 
_refine_analyze.Luzzati_sigma_a_free            0.52 
_refine_analyze.Luzzati_d_res_low_free          ? 
_refine_analyze.number_disordered_residues      ? 
_refine_analyze.occupancy_sum_non_hydrogen      ? 
_refine_analyze.occupancy_sum_hydrogen          ? 
_refine_analyze.pdbx_Luzzati_d_res_high_obs     ? 
_refine_analyze.pdbx_refine_id                  'X-RAY DIFFRACTION' 
# 
_refine_hist.pdbx_refine_id                   'X-RAY DIFFRACTION' 
_refine_hist.cycle_id                         LAST 
_refine_hist.pdbx_number_atoms_protein        1594 
_refine_hist.pdbx_number_atoms_nucleic_acid   0 
_refine_hist.pdbx_number_atoms_ligand         92 
_refine_hist.number_atoms_solvent             27 
_refine_hist.number_atoms_total               1713 
_refine_hist.d_res_high                       2.40 
_refine_hist.d_res_low                        50.0 
# 
loop_
_refine_ls_restr.type 
_refine_ls_restr.dev_ideal 
_refine_ls_restr.dev_ideal_target 
_refine_ls_restr.weight 
_refine_ls_restr.number 
_refine_ls_restr.pdbx_refine_id 
_refine_ls_restr.pdbx_restraint_function 
c_bond_d           0.007251 ? ? ? 'X-RAY DIFFRACTION' ? 
c_angle_deg        1.1901   ? ? ? 'X-RAY DIFFRACTION' ? 
c_dihedral_angle_d 24.30859 ? ? ? 'X-RAY DIFFRACTION' ? 
c_improper_angle_d 0.85799  ? ? ? 'X-RAY DIFFRACTION' ? 
c_mcbond_it        1.566    ? ? ? 'X-RAY DIFFRACTION' ? 
c_mcangle_it       2.741    ? ? ? 'X-RAY DIFFRACTION' ? 
# 
_struct.entry_id                  1R6N 
_struct.title                     'HPV11 E2 TAD complex crystal structure' 
_struct.pdbx_model_details        ? 
_struct.pdbx_CASP_flag            ? 
_struct.pdbx_model_type_details   ? 
# 
_struct_keywords.entry_id        1R6N 
_struct_keywords.pdbx_keywords   'TRANSCRIPTION, REPLICATION' 
_struct_keywords.text            
'Papillomavirus; E2 TAD; TAD; X-ray structure; TRANSCRIPTION; REPLICATION, TRANSCRIPTION, REPLICATION' 
# 
loop_
_struct_asym.id 
_struct_asym.pdbx_blank_PDB_chainid_flag 
_struct_asym.pdbx_modified 
_struct_asym.entity_id 
_struct_asym.details 
A N N 1 ? 
B N N 2 ? 
C N N 2 ? 
D N N 3 ? 
E N N 4 ? 
F N N 5 ? 
# 
_struct_biol.id                    1 
_struct_biol.pdbx_parent_biol_id   ? 
_struct_biol.details               ? 
# 
loop_
_struct_conf.conf_type_id 
_struct_conf.id 
_struct_conf.pdbx_PDB_helix_id 
_struct_conf.beg_label_comp_id 
_struct_conf.beg_label_asym_id 
_struct_conf.beg_label_seq_id 
_struct_conf.pdbx_beg_PDB_ins_code 
_struct_conf.end_label_comp_id 
_struct_conf.end_label_asym_id 
_struct_conf.end_label_seq_id 
_struct_conf.pdbx_end_PDB_ins_code 
_struct_conf.beg_auth_comp_id 
_struct_conf.beg_auth_asym_id 
_struct_conf.beg_auth_seq_id 
_struct_conf.end_auth_comp_id 
_struct_conf.end_auth_asym_id 
_struct_conf.end_auth_seq_id 
_struct_conf.pdbx_PDB_helix_class 
_struct_conf.details 
_struct_conf.pdbx_PDB_helix_length 
HELX_P HELX_P1 1 ALA A 9   ? ASN A 28  ? ALA A 3   ASN A 22  1 ? 20 
HELX_P HELX_P2 2 ASP A 31  ? MET A 55  ? ASP A 25  MET A 49  1 ? 25 
HELX_P HELX_P3 3 PRO A 67  ? LYS A 90  ? PRO A 61  LYS A 84  1 ? 24 
HELX_P HELX_P4 4 SER A 104 ? LEU A 109 ? SER A 98  LEU A 103 1 ? 6  
HELX_P HELX_P5 5 PHE A 177 ? GLY A 185 ? PHE A 171 GLY A 179 1 ? 9  
# 
_struct_conf_type.id          HELX_P 
_struct_conf_type.criteria    ? 
_struct_conf_type.reference   ? 
# 
_struct_mon_prot_cis.pdbx_id                1 
_struct_mon_prot_cis.label_comp_id          PRO 
_struct_mon_prot_cis.label_seq_id           111 
_struct_mon_prot_cis.label_asym_id          A 
_struct_mon_prot_cis.label_alt_id           . 
_struct_mon_prot_cis.pdbx_PDB_ins_code      ? 
_struct_mon_prot_cis.auth_comp_id           PRO 
_struct_mon_prot_cis.auth_seq_id            105 
_struct_mon_prot_cis.auth_asym_id           A 
_struct_mon_prot_cis.pdbx_label_comp_id_2   PRO 
_struct_mon_prot_cis.pdbx_label_seq_id_2    112 
_struct_mon_prot_cis.pdbx_label_asym_id_2   A 
_struct_mon_prot_cis.pdbx_PDB_ins_code_2    ? 
_struct_mon_prot_cis.pdbx_auth_comp_id_2    PRO 
_struct_mon_prot_cis.pdbx_auth_seq_id_2     106 
_struct_mon_prot_cis.pdbx_auth_asym_id_2    A 
_struct_mon_prot_cis.pdbx_PDB_model_num     1 
_struct_mon_prot_cis.pdbx_omega_angle       -0.30 
# 
loop_
_struct_sheet.id 
_struct_sheet.type 
_struct_sheet.number_strands 
_struct_sheet.details 
A ? 2 ? 
B ? 7 ? 
# 
loop_
_struct_sheet_order.sheet_id 
_struct_sheet_order.range_id_1 
_struct_sheet_order.range_id_2 
_struct_sheet_order.offset 
_struct_sheet_order.sense 
A 1 2 ? anti-parallel 
B 1 2 ? anti-parallel 
B 2 3 ? anti-parallel 
B 3 4 ? anti-parallel 
B 4 5 ? anti-parallel 
B 5 6 ? anti-parallel 
B 6 7 ? anti-parallel 
# 
loop_
_struct_sheet_range.sheet_id 
_struct_sheet_range.id 
_struct_sheet_range.beg_label_comp_id 
_struct_sheet_range.beg_label_asym_id 
_struct_sheet_range.beg_label_seq_id 
_struct_sheet_range.pdbx_beg_PDB_ins_code 
_struct_sheet_range.end_label_comp_id 
_struct_sheet_range.end_label_asym_id 
_struct_sheet_range.end_label_seq_id 
_struct_sheet_range.pdbx_end_PDB_ins_code 
_struct_sheet_range.beg_auth_comp_id 
_struct_sheet_range.beg_auth_asym_id 
_struct_sheet_range.beg_auth_seq_id 
_struct_sheet_range.end_auth_comp_id 
_struct_sheet_range.end_auth_asym_id 
_struct_sheet_range.end_auth_seq_id 
A 1 HIS A 59  ? ILE A 60  ? HIS A 53  ILE A 54  
A 2 GLN A 63  ? VAL A 64  ? GLN A 57  VAL A 58  
B 1 PHE A 170 ? ASN A 176 ? PHE A 164 ASN A 170 
B 2 GLY A 162 ? CYS A 167 ? GLY A 156 CYS A 161 
B 3 SER A 150 ? VAL A 158 ? SER A 144 VAL A 152 
B 4 VAL A 134 ? ASP A 147 ? VAL A 128 ASP A 141 
B 5 PHE A 116 ? PHE A 127 ? PHE A 110 PHE A 121 
B 6 TRP A 190 ? TYR A 194 ? TRP A 184 TYR A 188 
B 7 THR A 197 ? CYS A 200 ? THR A 191 CYS A 194 
# 
loop_
_pdbx_struct_sheet_hbond.sheet_id 
_pdbx_struct_sheet_hbond.range_id_1 
_pdbx_struct_sheet_hbond.range_id_2 
_pdbx_struct_sheet_hbond.range_1_label_atom_id 
_pdbx_struct_sheet_hbond.range_1_label_comp_id 
_pdbx_struct_sheet_hbond.range_1_label_asym_id 
_pdbx_struct_sheet_hbond.range_1_label_seq_id 
_pdbx_struct_sheet_hbond.range_1_PDB_ins_code 
_pdbx_struct_sheet_hbond.range_1_auth_atom_id 
_pdbx_struct_sheet_hbond.range_1_auth_comp_id 
_pdbx_struct_sheet_hbond.range_1_auth_asym_id 
_pdbx_struct_sheet_hbond.range_1_auth_seq_id 
_pdbx_struct_sheet_hbond.range_2_label_atom_id 
_pdbx_struct_sheet_hbond.range_2_label_comp_id 
_pdbx_struct_sheet_hbond.range_2_label_asym_id 
_pdbx_struct_sheet_hbond.range_2_label_seq_id 
_pdbx_struct_sheet_hbond.range_2_PDB_ins_code 
_pdbx_struct_sheet_hbond.range_2_auth_atom_id 
_pdbx_struct_sheet_hbond.range_2_auth_comp_id 
_pdbx_struct_sheet_hbond.range_2_auth_asym_id 
_pdbx_struct_sheet_hbond.range_2_auth_seq_id 
A 1 2 N ILE A 60  ? N ILE A 54  O GLN A 63  ? O GLN A 57  
B 1 2 O THR A 172 ? O THR A 166 N TYR A 165 ? N TYR A 159 
B 2 3 O TYR A 164 ? O TYR A 158 N SER A 157 ? N SER A 151 
B 3 4 O SER A 150 ? O SER A 144 N ASP A 147 ? N ASP A 141 
B 4 5 O TYR A 144 ? O TYR A 138 N PHE A 116 ? N PHE A 110 
B 5 6 N GLU A 124 ? N GLU A 118 O CYS A 193 ? O CYS A 187 
B 6 7 N VAL A 192 ? N VAL A 186 O ILE A 199 ? O ILE A 193 
# 
loop_
_struct_site.id 
_struct_site.pdbx_evidence_code 
_struct_site.pdbx_auth_asym_id 
_struct_site.pdbx_auth_comp_id 
_struct_site.pdbx_auth_seq_id 
_struct_site.pdbx_auth_ins_code 
_struct_site.pdbx_num_residues 
_struct_site.details 
AC1 Software A 434 1111 ? 12 'BINDING SITE FOR RESIDUE 434 A 1111' 
AC2 Software A 434 1112 ? 10 'BINDING SITE FOR RESIDUE 434 A 1112' 
AC3 Software A ALQ 1113 ? 5  'BINDING SITE FOR RESIDUE ALQ A 1113' 
AC4 Software A DMS 1114 ? 1  'BINDING SITE FOR RESIDUE DMS A 1114' 
# 
loop_
_struct_site_gen.id 
_struct_site_gen.site_id 
_struct_site_gen.pdbx_num_res 
_struct_site_gen.label_comp_id 
_struct_site_gen.label_asym_id 
_struct_site_gen.label_seq_id 
_struct_site_gen.pdbx_auth_ins_code 
_struct_site_gen.auth_comp_id 
_struct_site_gen.auth_asym_id 
_struct_site_gen.auth_seq_id 
_struct_site_gen.label_atom_id 
_struct_site_gen.label_alt_id 
_struct_site_gen.symmetry 
_struct_site_gen.details 
1  AC1 12 HIS A 38  ? HIS A 32   . ? 1_555 ? 
2  AC1 12 TRP A 39  ? TRP A 33   . ? 1_555 ? 
3  AC1 12 LYS A 40  ? LYS A 34   . ? 3_645 ? 
4  AC1 12 LEU A 100 ? LEU A 94   . ? 1_555 ? 
5  AC1 12 GLN A 101 ? GLN A 95   . ? 1_555 ? 
6  AC1 12 THR A 103 ? THR A 97   . ? 1_555 ? 
7  AC1 12 SER A 104 ? SER A 98   . ? 1_555 ? 
8  AC1 12 TYR A 105 ? TYR A 99   . ? 1_555 ? 
9  AC1 12 GLU A 106 ? GLU A 100  . ? 1_555 ? 
10 AC1 12 434 C .   ? 434 A 1112 . ? 1_555 ? 
11 AC1 12 ALQ D .   ? ALQ A 1113 . ? 1_555 ? 
12 AC1 12 HOH F .   ? HOH A 1125 . ? 1_555 ? 
13 AC2 10 TRP A 39  ? TRP A 33   . ? 1_555 ? 
14 AC2 10 LYS A 40  ? LYS A 34   . ? 3_645 ? 
15 AC2 10 ARG A 43  ? ARG A 37   . ? 3_645 ? 
16 AC2 10 THR A 69  ? THR A 63   . ? 1_555 ? 
17 AC2 10 THR A 73  ? THR A 67   . ? 1_555 ? 
18 AC2 10 LYS A 74  ? LYS A 68   . ? 1_555 ? 
19 AC2 10 ASN A 77  ? ASN A 71   . ? 1_555 ? 
20 AC2 10 TYR A 105 ? TYR A 99   . ? 1_555 ? 
21 AC2 10 434 B .   ? 434 A 1111 . ? 1_555 ? 
22 AC2 10 HOH F .   ? HOH A 1132 . ? 1_555 ? 
23 AC3 5  LEU A 21  ? LEU A 15   . ? 1_555 ? 
24 AC3 5  LEU A 22  ? LEU A 16   . ? 1_555 ? 
25 AC3 5  HIS A 38  ? HIS A 32   . ? 1_555 ? 
26 AC3 5  434 B .   ? 434 A 1111 . ? 1_555 ? 
27 AC3 5  HOH F .   ? HOH A 1136 . ? 1_555 ? 
28 AC4 1  TYR A 25  ? TYR A 19   . ? 1_555 ? 
# 
_atom_sites.entry_id                    1R6N 
_atom_sites.fract_transf_matrix[1][1]   0.00976091 
_atom_sites.fract_transf_matrix[1][2]   -0.00500869 
_atom_sites.fract_transf_matrix[1][3]   -0.01237911 
_atom_sites.fract_transf_matrix[2][1]   0.01334922 
_atom_sites.fract_transf_matrix[2][2]   0.00406987 
_atom_sites.fract_transf_matrix[2][3]   0.00887914 
_atom_sites.fract_transf_matrix[3][1]   0.00026167 
_atom_sites.fract_transf_matrix[3][2]   -0.01115666 
_atom_sites.fract_transf_matrix[3][3]   0.00472040 
_atom_sites.fract_transf_vector[1]      0.794107 
_atom_sites.fract_transf_vector[2]      0.187016 
_atom_sites.fract_transf_vector[3]      0.011386 
# 
loop_
_atom_type.symbol 
C  
CL 
N  
O  
S  
# 
loop_
_atom_site.group_PDB 
_atom_site.id 
_atom_site.type_symbol 
_atom_site.label_atom_id 
_atom_site.label_alt_id 
_atom_site.label_comp_id 
_atom_site.label_asym_id 
_atom_site.label_entity_id 
_atom_site.label_seq_id 
_atom_site.pdbx_PDB_ins_code 
_atom_site.Cartn_x 
_atom_site.Cartn_y 
_atom_site.Cartn_z 
_atom_site.occupancy 
_atom_site.B_iso_or_equiv 
_atom_site.pdbx_formal_charge 
_atom_site.auth_seq_id 
_atom_site.auth_comp_id 
_atom_site.auth_asym_id 
_atom_site.auth_atom_id 
_atom_site.pdbx_PDB_model_num 
ATOM   1    N  N   . HIS A 1 7   ? -10.409 6.073   -34.078 1.00 81.53  ? 1    HIS A N   1 
ATOM   2    C  CA  . HIS A 1 7   ? -9.588  5.043   -33.378 1.00 82.27  ? 1    HIS A CA  1 
ATOM   3    C  C   . HIS A 1 7   ? -9.834  3.691   -34.048 1.00 84.50  ? 1    HIS A C   1 
ATOM   4    O  O   . HIS A 1 7   ? -10.935 3.426   -34.539 1.00 86.07  ? 1    HIS A O   1 
ATOM   5    C  CB  . HIS A 1 7   ? -9.981  4.985   -31.895 1.00 80.26  ? 1    HIS A CB  1 
ATOM   6    C  CG  . HIS A 1 7   ? -9.920  6.313   -31.201 1.00 78.59  ? 1    HIS A CG  1 
ATOM   7    N  ND1 . HIS A 1 7   ? -8.735  6.910   -30.831 1.00 77.83  ? 1    HIS A ND1 1 
ATOM   8    C  CD2 . HIS A 1 7   ? -10.901 7.178   -30.844 1.00 77.81  ? 1    HIS A CD2 1 
ATOM   9    C  CE1 . HIS A 1 7   ? -8.985  8.084   -30.279 1.00 77.10  ? 1    HIS A CE1 1 
ATOM   10   N  NE2 . HIS A 1 7   ? -10.292 8.271   -30.276 1.00 77.05  ? 1    HIS A NE2 1 
ATOM   11   N  N   . GLU A 1 8   ? -8.808  2.845   -34.076 1.00 85.30  ? 2    GLU A N   1 
ATOM   12   C  CA  . GLU A 1 8   ? -8.894  1.523   -34.701 1.00 85.94  ? 2    GLU A CA  1 
ATOM   13   C  C   . GLU A 1 8   ? -7.775  0.625   -34.183 1.00 84.83  ? 2    GLU A C   1 
ATOM   14   O  O   . GLU A 1 8   ? -7.981  -0.564  -33.916 1.00 85.59  ? 2    GLU A O   1 
ATOM   15   C  CB  . GLU A 1 8   ? -8.765  1.642   -36.223 1.00 87.57  ? 2    GLU A CB  1 
ATOM   16   C  CG  . GLU A 1 8   ? -9.978  2.204   -36.931 1.00 90.61  ? 2    GLU A CG  1 
ATOM   17   C  CD  . GLU A 1 8   ? -9.687  2.562   -38.378 1.00 92.78  ? 2    GLU A CD  1 
ATOM   18   O  OE1 . GLU A 1 8   ? -9.091  1.723   -39.088 1.00 92.42  ? 2    GLU A OE1 1 
ATOM   19   O  OE2 . GLU A 1 8   ? -10.061 3.680   -38.802 1.00 93.83  ? 2    GLU A OE2 1 
ATOM   20   N  N   . ALA A 1 9   ? -6.584  1.203   -34.065 1.00 82.66  ? 3    ALA A N   1 
ATOM   21   C  CA  . ALA A 1 9   ? -5.416  0.485   -33.573 1.00 81.56  ? 3    ALA A CA  1 
ATOM   22   C  C   . ALA A 1 9   ? -5.448  0.475   -32.047 1.00 79.84  ? 3    ALA A C   1 
ATOM   23   O  O   . ALA A 1 9   ? -4.444  0.191   -31.391 1.00 79.55  ? 3    ALA A O   1 
ATOM   24   C  CB  . ALA A 1 9   ? -4.138  1.165   -34.071 1.00 81.15  ? 3    ALA A CB  1 
ATOM   25   N  N   . ILE A 1 10  ? -6.614  0.792   -31.492 1.00 78.00  ? 4    ILE A N   1 
ATOM   26   C  CA  . ILE A 1 10  ? -6.809  0.833   -30.052 1.00 76.69  ? 4    ILE A CA  1 
ATOM   27   C  C   . ILE A 1 10  ? -6.421  -0.499  -29.403 1.00 75.30  ? 4    ILE A C   1 
ATOM   28   O  O   . ILE A 1 10  ? -5.775  -0.516  -28.360 1.00 75.12  ? 4    ILE A O   1 
ATOM   29   C  CB  . ILE A 1 10  ? -8.283  1.158   -29.713 1.00 77.26  ? 4    ILE A CB  1 
ATOM   30   C  CG1 . ILE A 1 10  ? -8.395  1.614   -28.260 1.00 78.24  ? 4    ILE A CG1 1 
ATOM   31   C  CG2 . ILE A 1 10  ? -9.162  -0.057  -29.960 1.00 77.48  ? 4    ILE A CG2 1 
ATOM   32   C  CD1 . ILE A 1 10  ? -7.735  2.949   -27.995 1.00 78.57  ? 4    ILE A CD1 1 
ATOM   33   N  N   . ALA A 1 11  ? -6.804  -1.609  -30.029 1.00 73.46  ? 5    ALA A N   1 
ATOM   34   C  CA  . ALA A 1 11  ? -6.495  -2.936  -29.501 1.00 71.21  ? 5    ALA A CA  1 
ATOM   35   C  C   . ALA A 1 11  ? -5.011  -3.273  -29.624 1.00 69.52  ? 5    ALA A C   1 
ATOM   36   O  O   . ALA A 1 11  ? -4.406  -3.809  -28.700 1.00 69.21  ? 5    ALA A O   1 
ATOM   37   C  CB  . ALA A 1 11  ? -7.331  -3.985  -30.215 1.00 70.57  ? 5    ALA A CB  1 
ATOM   38   N  N   . LYS A 1 12  ? -4.421  -2.960  -30.768 1.00 68.77  ? 6    LYS A N   1 
ATOM   39   C  CA  . LYS A 1 12  ? -3.006  -3.232  -30.980 1.00 67.87  ? 6    LYS A CA  1 
ATOM   40   C  C   . LYS A 1 12  ? -2.197  -2.421  -29.963 1.00 67.40  ? 6    LYS A C   1 
ATOM   41   O  O   . LYS A 1 12  ? -1.146  -2.858  -29.500 1.00 68.06  ? 6    LYS A O   1 
ATOM   42   C  CB  . LYS A 1 12  ? -2.604  -2.837  -32.406 0.50 67.57  ? 6    LYS A CB  1 
ATOM   43   C  CG  . LYS A 1 12  ? -1.767  -3.872  -33.144 0.50 67.25  ? 6    LYS A CG  1 
ATOM   44   C  CD  . LYS A 1 12  ? -1.380  -3.376  -34.532 0.50 66.19  ? 6    LYS A CD  1 
ATOM   45   C  CE  . LYS A 1 12  ? -0.642  -4.446  -35.329 0.50 65.64  ? 6    LYS A CE  1 
ATOM   46   N  NZ  . LYS A 1 12  ? -1.504  -5.620  -35.644 0.50 63.42  ? 6    LYS A NZ  1 
ATOM   47   N  N   . ARG A 1 13  ? -2.706  -1.238  -29.624 1.00 65.53  ? 7    ARG A N   1 
ATOM   48   C  CA  . ARG A 1 13  ? -2.052  -0.350  -28.670 1.00 63.95  ? 7    ARG A CA  1 
ATOM   49   C  C   . ARG A 1 13  ? -2.268  -0.808  -27.228 1.00 61.02  ? 7    ARG A C   1 
ATOM   50   O  O   . ARG A 1 13  ? -1.405  -0.608  -26.379 1.00 59.29  ? 7    ARG A O   1 
ATOM   51   C  CB  . ARG A 1 13  ? -2.577  1.080   -28.846 1.00 67.00  ? 7    ARG A CB  1 
ATOM   52   C  CG  . ARG A 1 13  ? -1.570  2.089   -29.406 1.00 71.56  ? 7    ARG A CG  1 
ATOM   53   C  CD  . ARG A 1 13  ? -0.924  1.624   -30.714 1.00 76.69  ? 7    ARG A CD  1 
ATOM   54   N  NE  . ARG A 1 13  ? 0.239   0.765   -30.475 1.00 81.40  ? 7    ARG A NE  1 
ATOM   55   C  CZ  . ARG A 1 13  ? 1.386   1.179   -29.937 1.00 82.80  ? 7    ARG A CZ  1 
ATOM   56   N  NH1 . ARG A 1 13  ? 1.539   2.453   -29.580 1.00 83.26  ? 7    ARG A NH1 1 
ATOM   57   N  NH2 . ARG A 1 13  ? 2.378   0.316   -29.742 1.00 81.70  ? 7    ARG A NH2 1 
ATOM   58   N  N   . LEU A 1 14  ? -3.421  -1.415  -26.959 1.00 59.29  ? 8    LEU A N   1 
ATOM   59   C  CA  . LEU A 1 14  ? -3.738  -1.904  -25.624 1.00 58.33  ? 8    LEU A CA  1 
ATOM   60   C  C   . LEU A 1 14  ? -2.955  -3.167  -25.289 1.00 58.36  ? 8    LEU A C   1 
ATOM   61   O  O   . LEU A 1 14  ? -2.529  -3.355  -24.155 1.00 57.68  ? 8    LEU A O   1 
ATOM   62   C  CB  . LEU A 1 14  ? -5.227  -2.208  -25.490 1.00 58.74  ? 8    LEU A CB  1 
ATOM   63   C  CG  . LEU A 1 14  ? -5.593  -2.685  -24.077 1.00 60.77  ? 8    LEU A CG  1 
ATOM   64   C  CD1 . LEU A 1 14  ? -5.528  -1.496  -23.120 1.00 60.32  ? 8    LEU A CD1 1 
ATOM   65   C  CD2 . LEU A 1 14  ? -6.985  -3.300  -24.060 1.00 60.10  ? 8    LEU A CD2 1 
ATOM   66   N  N   . ASP A 1 15  ? -2.769  -4.042  -26.272 1.00 59.19  ? 9    ASP A N   1 
ATOM   67   C  CA  . ASP A 1 15  ? -2.025  -5.267  -26.026 1.00 59.08  ? 9    ASP A CA  1 
ATOM   68   C  C   . ASP A 1 15  ? -0.556  -4.962  -25.813 1.00 57.16  ? 9    ASP A C   1 
ATOM   69   O  O   . ASP A 1 15  ? 0.140   -5.698  -25.114 1.00 58.03  ? 9    ASP A O   1 
ATOM   70   C  CB  . ASP A 1 15  ? -2.181  -6.255  -27.182 1.00 63.08  ? 9    ASP A CB  1 
ATOM   71   C  CG  . ASP A 1 15  ? -1.394  -7.545  -26.947 1.00 69.38  ? 9    ASP A CG  1 
ATOM   72   O  OD1 . ASP A 1 15  ? -1.366  -8.018  -25.777 1.00 71.25  ? 9    ASP A OD1 1 
ATOM   73   O  OD2 . ASP A 1 15  ? -0.814  -8.086  -27.922 1.00 69.49  ? 9    ASP A OD2 1 
ATOM   74   N  N   . ALA A 1 16  ? -0.090  -3.871  -26.413 1.00 54.42  ? 10   ALA A N   1 
ATOM   75   C  CA  . ALA A 1 16  ? 1.301   -3.458  -26.271 1.00 53.00  ? 10   ALA A CA  1 
ATOM   76   C  C   . ALA A 1 16  ? 1.502   -2.859  -24.888 1.00 52.09  ? 10   ALA A C   1 
ATOM   77   O  O   . ALA A 1 16  ? 2.581   -2.971  -24.300 1.00 53.71  ? 10   ALA A O   1 
ATOM   78   C  CB  . ALA A 1 16  ? 1.669   -2.431  -27.346 1.00 52.43  ? 10   ALA A CB  1 
ATOM   79   N  N   . CYS A 1 17  ? 0.455   -2.226  -24.371 1.00 49.61  ? 11   CYS A N   1 
ATOM   80   C  CA  . CYS A 1 17  ? 0.505   -1.610  -23.052 1.00 49.73  ? 11   CYS A CA  1 
ATOM   81   C  C   . CYS A 1 17  ? 0.479   -2.700  -21.972 1.00 48.78  ? 11   CYS A C   1 
ATOM   82   O  O   . CYS A 1 17  ? 1.309   -2.705  -21.058 1.00 45.52  ? 11   CYS A O   1 
ATOM   83   C  CB  . CYS A 1 17  ? -0.680  -0.654  -22.881 1.00 49.23  ? 11   CYS A CB  1 
ATOM   84   S  SG  . CYS A 1 17  ? -0.759  0.221   -21.297 1.00 54.57  ? 11   CYS A SG  1 
ATOM   85   N  N   . GLN A 1 18  ? -0.466  -3.628  -22.091 1.00 49.63  ? 12   GLN A N   1 
ATOM   86   C  CA  . GLN A 1 18  ? -0.585  -4.716  -21.122 1.00 50.32  ? 12   GLN A CA  1 
ATOM   87   C  C   . GLN A 1 18  ? 0.609   -5.648  -21.194 1.00 51.05  ? 12   GLN A C   1 
ATOM   88   O  O   . GLN A 1 18  ? 0.994   -6.249  -20.188 1.00 52.11  ? 12   GLN A O   1 
ATOM   89   C  CB  . GLN A 1 18  ? -1.888  -5.474  -21.342 1.00 46.68  ? 12   GLN A CB  1 
ATOM   90   C  CG  . GLN A 1 18  ? -3.049  -4.548  -21.114 1.00 47.84  ? 12   GLN A CG  1 
ATOM   91   C  CD  . GLN A 1 18  ? -4.389  -5.206  -21.260 1.00 47.37  ? 12   GLN A CD  1 
ATOM   92   O  OE1 . GLN A 1 18  ? -4.607  -6.017  -22.166 1.00 47.90  ? 12   GLN A OE1 1 
ATOM   93   N  NE2 . GLN A 1 18  ? -5.314  -4.842  -20.380 1.00 45.67  ? 12   GLN A NE2 1 
ATOM   94   N  N   . ASP A 1 19  ? 1.205   -5.760  -22.374 1.00 50.99  ? 13   ASP A N   1 
ATOM   95   C  CA  . ASP A 1 19  ? 2.386   -6.592  -22.519 1.00 52.09  ? 13   ASP A CA  1 
ATOM   96   C  C   . ASP A 1 19  ? 3.518   -5.912  -21.749 1.00 51.88  ? 13   ASP A C   1 
ATOM   97   O  O   . ASP A 1 19  ? 4.337   -6.574  -21.103 1.00 52.66  ? 13   ASP A O   1 
ATOM   98   C  CB  . ASP A 1 19  ? 2.766   -6.725  -23.986 1.00 55.87  ? 13   ASP A CB  1 
ATOM   99   C  CG  . ASP A 1 19  ? 3.973   -7.602  -24.184 1.00 61.67  ? 13   ASP A CG  1 
ATOM   100  O  OD1 . ASP A 1 19  ? 3.870   -8.821  -23.900 1.00 64.43  ? 13   ASP A OD1 1 
ATOM   101  O  OD2 . ASP A 1 19  ? 5.026   -7.070  -24.609 1.00 63.71  ? 13   ASP A OD2 1 
ATOM   102  N  N   . GLN A 1 20  ? 3.539   -4.581  -21.809 1.00 51.52  ? 14   GLN A N   1 
ATOM   103  C  CA  . GLN A 1 20  ? 4.543   -3.767  -21.125 1.00 48.70  ? 14   GLN A CA  1 
ATOM   104  C  C   . GLN A 1 20  ? 4.372   -3.857  -19.607 1.00 46.35  ? 14   GLN A C   1 
ATOM   105  O  O   . GLN A 1 20  ? 5.355   -3.912  -18.862 1.00 43.80  ? 14   GLN A O   1 
ATOM   106  C  CB  . GLN A 1 20  ? 4.421   -2.308  -21.577 1.00 52.37  ? 14   GLN A CB  1 
ATOM   107  C  CG  . GLN A 1 20  ? 5.462   -1.381  -20.970 1.00 58.56  ? 14   GLN A CG  1 
ATOM   108  C  CD  . GLN A 1 20  ? 6.885   -1.842  -21.267 1.00 64.19  ? 14   GLN A CD  1 
ATOM   109  O  OE1 . GLN A 1 20  ? 7.239   -2.090  -22.423 1.00 66.31  ? 14   GLN A OE1 1 
ATOM   110  N  NE2 . GLN A 1 20  ? 7.706   -1.958  -20.224 1.00 65.69  ? 14   GLN A NE2 1 
ATOM   111  N  N   . LEU A 1 21  ? 3.121   -3.854  -19.154 1.00 43.01  ? 15   LEU A N   1 
ATOM   112  C  CA  . LEU A 1 21  ? 2.829   -3.967  -17.733 1.00 40.87  ? 15   LEU A CA  1 
ATOM   113  C  C   . LEU A 1 21  ? 3.360   -5.300  -17.225 1.00 40.90  ? 15   LEU A C   1 
ATOM   114  O  O   . LEU A 1 21  ? 4.006   -5.366  -16.174 1.00 39.88  ? 15   LEU A O   1 
ATOM   115  C  CB  . LEU A 1 21  ? 1.320   -3.869  -17.481 1.00 39.61  ? 15   LEU A CB  1 
ATOM   116  C  CG  . LEU A 1 21  ? 0.776   -2.438  -17.578 1.00 39.92  ? 15   LEU A CG  1 
ATOM   117  C  CD1 . LEU A 1 21  ? -0.739  -2.452  -17.693 1.00 38.86  ? 15   LEU A CD1 1 
ATOM   118  C  CD2 . LEU A 1 21  ? 1.241   -1.643  -16.359 1.00 36.49  ? 15   LEU A CD2 1 
ATOM   119  N  N   . LEU A 1 22  ? 3.110   -6.362  -17.984 1.00 41.74  ? 16   LEU A N   1 
ATOM   120  C  CA  . LEU A 1 22  ? 3.587   -7.677  -17.593 1.00 45.05  ? 16   LEU A CA  1 
ATOM   121  C  C   . LEU A 1 22  ? 5.104   -7.645  -17.496 1.00 46.99  ? 16   LEU A C   1 
ATOM   122  O  O   . LEU A 1 22  ? 5.697   -8.206  -16.578 1.00 48.16  ? 16   LEU A O   1 
ATOM   123  C  CB  . LEU A 1 22  ? 3.141   -8.719  -18.609 1.00 46.90  ? 16   LEU A CB  1 
ATOM   124  C  CG  . LEU A 1 22  ? 3.495   -10.170 -18.275 1.00 47.73  ? 16   LEU A CG  1 
ATOM   125  C  CD1 . LEU A 1 22  ? 2.981   -10.543 -16.874 1.00 44.30  ? 16   LEU A CD1 1 
ATOM   126  C  CD2 . LEU A 1 22  ? 2.896   -11.072 -19.348 1.00 45.91  ? 16   LEU A CD2 1 
ATOM   127  N  N   . GLU A 1 23  ? 5.723   -6.964  -18.447 1.00 49.96  ? 17   GLU A N   1 
ATOM   128  C  CA  . GLU A 1 23  ? 7.170   -6.823  -18.474 1.00 52.90  ? 17   GLU A CA  1 
ATOM   129  C  C   . GLU A 1 23  ? 7.655   -6.114  -17.197 1.00 52.74  ? 17   GLU A C   1 
ATOM   130  O  O   . GLU A 1 23  ? 8.639   -6.522  -16.587 1.00 54.21  ? 17   GLU A O   1 
ATOM   131  C  CB  . GLU A 1 23  ? 7.578   -6.004  -19.699 1.00 57.09  ? 17   GLU A CB  1 
ATOM   132  C  CG  . GLU A 1 23  ? 9.011   -6.174  -20.104 1.00 62.54  ? 17   GLU A CG  1 
ATOM   133  C  CD  . GLU A 1 23  ? 9.286   -7.588  -20.551 1.00 68.00  ? 17   GLU A CD  1 
ATOM   134  O  OE1 . GLU A 1 23  ? 8.600   -8.046  -21.497 1.00 69.73  ? 17   GLU A OE1 1 
ATOM   135  O  OE2 . GLU A 1 23  ? 10.178  -8.239  -19.957 1.00 68.44  ? 17   GLU A OE2 1 
ATOM   136  N  N   . LEU A 1 24  ? 6.963   -5.051  -16.796 1.00 51.17  ? 18   LEU A N   1 
ATOM   137  C  CA  . LEU A 1 24  ? 7.352   -4.312  -15.601 1.00 48.90  ? 18   LEU A CA  1 
ATOM   138  C  C   . LEU A 1 24  ? 7.178   -5.162  -14.360 1.00 49.18  ? 18   LEU A C   1 
ATOM   139  O  O   . LEU A 1 24  ? 7.996   -5.106  -13.443 1.00 49.97  ? 18   LEU A O   1 
ATOM   140  C  CB  . LEU A 1 24  ? 6.535   -3.026  -15.481 1.00 47.34  ? 18   LEU A CB  1 
ATOM   141  C  CG  . LEU A 1 24  ? 6.848   -2.010  -16.585 1.00 48.33  ? 18   LEU A CG  1 
ATOM   142  C  CD1 . LEU A 1 24  ? 5.846   -0.846  -16.569 1.00 46.73  ? 18   LEU A CD1 1 
ATOM   143  C  CD2 . LEU A 1 24  ? 8.276   -1.509  -16.386 1.00 47.00  ? 18   LEU A CD2 1 
ATOM   144  N  N   . TYR A 1 25  ? 6.105   -5.943  -14.323 1.00 50.13  ? 19   TYR A N   1 
ATOM   145  C  CA  . TYR A 1 25  ? 5.860   -6.826  -13.189 1.00 50.87  ? 19   TYR A CA  1 
ATOM   146  C  C   . TYR A 1 25  ? 6.983   -7.858  -13.061 1.00 52.24  ? 19   TYR A C   1 
ATOM   147  O  O   . TYR A 1 25  ? 7.506   -8.073  -11.974 1.00 52.98  ? 19   TYR A O   1 
ATOM   148  C  CB  . TYR A 1 25  ? 4.531   -7.565  -13.346 1.00 50.39  ? 19   TYR A CB  1 
ATOM   149  C  CG  . TYR A 1 25  ? 4.332   -8.620  -12.284 1.00 49.85  ? 19   TYR A CG  1 
ATOM   150  C  CD1 . TYR A 1 25  ? 4.060   -8.259  -10.965 1.00 53.20  ? 19   TYR A CD1 1 
ATOM   151  C  CD2 . TYR A 1 25  ? 4.511   -9.968  -12.574 1.00 48.60  ? 19   TYR A CD2 1 
ATOM   152  C  CE1 . TYR A 1 25  ? 3.981   -9.211  -9.962  1.00 52.19  ? 19   TYR A CE1 1 
ATOM   153  C  CE2 . TYR A 1 25  ? 4.437   -10.932 -11.578 1.00 50.03  ? 19   TYR A CE2 1 
ATOM   154  C  CZ  . TYR A 1 25  ? 4.175   -10.544 -10.274 1.00 52.60  ? 19   TYR A CZ  1 
ATOM   155  O  OH  . TYR A 1 25  ? 4.129   -11.479 -9.267  1.00 56.08  ? 19   TYR A OH  1 
ATOM   156  N  N   . GLU A 1 26  ? 7.340   -8.498  -14.171 1.00 54.26  ? 20   GLU A N   1 
ATOM   157  C  CA  . GLU A 1 26  ? 8.392   -9.517  -14.178 1.00 58.45  ? 20   GLU A CA  1 
ATOM   158  C  C   . GLU A 1 26  ? 9.754   -8.993  -13.741 1.00 59.77  ? 20   GLU A C   1 
ATOM   159  O  O   . GLU A 1 26  ? 10.545  -9.715  -13.149 1.00 60.40  ? 20   GLU A O   1 
ATOM   160  C  CB  . GLU A 1 26  ? 8.551   -10.099 -15.576 1.00 59.65  ? 20   GLU A CB  1 
ATOM   161  C  CG  . GLU A 1 26  ? 7.428   -10.981 -16.052 1.00 64.06  ? 20   GLU A CG  1 
ATOM   162  C  CD  . GLU A 1 26  ? 7.488   -11.188 -17.558 1.00 67.53  ? 20   GLU A CD  1 
ATOM   163  O  OE1 . GLU A 1 26  ? 8.616   -11.220 -18.102 1.00 69.16  ? 20   GLU A OE1 1 
ATOM   164  O  OE2 . GLU A 1 26  ? 6.415   -11.322 -18.194 1.00 69.50  ? 20   GLU A OE2 1 
ATOM   165  N  N   . GLU A 1 27  ? 10.027  -7.737  -14.063 1.00 61.43  ? 21   GLU A N   1 
ATOM   166  C  CA  . GLU A 1 27  ? 11.297  -7.106  -13.741 1.00 62.31  ? 21   GLU A CA  1 
ATOM   167  C  C   . GLU A 1 27  ? 11.671  -7.216  -12.263 1.00 61.88  ? 21   GLU A C   1 
ATOM   168  O  O   . GLU A 1 27  ? 12.850  -7.378  -11.923 1.00 60.30  ? 21   GLU A O   1 
ATOM   169  C  CB  . GLU A 1 27  ? 11.234  -5.644  -14.173 1.00 65.88  ? 21   GLU A CB  1 
ATOM   170  C  CG  . GLU A 1 27  ? 12.456  -4.825  -13.877 1.00 70.42  ? 21   GLU A CG  1 
ATOM   171  C  CD  . GLU A 1 27  ? 12.201  -3.357  -14.132 1.00 75.19  ? 21   GLU A CD  1 
ATOM   172  O  OE1 . GLU A 1 27  ? 11.206  -2.835  -13.576 1.00 77.16  ? 21   GLU A OE1 1 
ATOM   173  O  OE2 . GLU A 1 27  ? 12.985  -2.730  -14.880 1.00 77.95  ? 21   GLU A OE2 1 
ATOM   174  N  N   . ASN A 1 28  ? 10.672  -7.133  -11.390 1.00 60.89  ? 22   ASN A N   1 
ATOM   175  C  CA  . ASN A 1 28  ? 10.903  -7.223  -9.952  1.00 60.56  ? 22   ASN A CA  1 
ATOM   176  C  C   . ASN A 1 28  ? 12.053  -6.289  -9.545  1.00 59.21  ? 22   ASN A C   1 
ATOM   177  O  O   . ASN A 1 28  ? 12.996  -6.687  -8.860  1.00 58.64  ? 22   ASN A O   1 
ATOM   178  C  CB  . ASN A 1 28  ? 11.224  -8.672  -9.591  1.00 64.38  ? 22   ASN A CB  1 
ATOM   179  C  CG  . ASN A 1 28  ? 11.295  -8.895  -8.102  1.00 68.26  ? 22   ASN A CG  1 
ATOM   180  O  OD1 . ASN A 1 28  ? 10.416  -8.458  -7.352  1.00 70.75  ? 22   ASN A OD1 1 
ATOM   181  N  ND2 . ASN A 1 28  ? 12.339  -9.593  -7.661  1.00 69.63  ? 22   ASN A ND2 1 
ATOM   182  N  N   . SER A 1 29  ? 11.938  -5.036  -9.975  1.00 57.49  ? 23   SER A N   1 
ATOM   183  C  CA  . SER A 1 29  ? 12.926  -3.983  -9.734  1.00 54.89  ? 23   SER A CA  1 
ATOM   184  C  C   . SER A 1 29  ? 12.873  -3.322  -8.356  1.00 53.65  ? 23   SER A C   1 
ATOM   185  O  O   . SER A 1 29  ? 11.849  -3.366  -7.673  1.00 53.01  ? 23   SER A O   1 
ATOM   186  C  CB  . SER A 1 29  ? 12.751  -2.909  -10.812 1.00 54.62  ? 23   SER A CB  1 
ATOM   187  O  OG  . SER A 1 29  ? 13.210  -1.644  -10.382 1.00 57.19  ? 23   SER A OG  1 
ATOM   188  N  N   . ILE A 1 30  ? 13.985  -2.714  -7.947  1.00 52.14  ? 24   ILE A N   1 
ATOM   189  C  CA  . ILE A 1 30  ? 14.032  -2.003  -6.670  1.00 52.17  ? 24   ILE A CA  1 
ATOM   190  C  C   . ILE A 1 30  ? 14.293  -0.511  -6.923  1.00 50.60  ? 24   ILE A C   1 
ATOM   191  O  O   . ILE A 1 30  ? 14.670  0.228   -6.018  1.00 49.85  ? 24   ILE A O   1 
ATOM   192  C  CB  . ILE A 1 30  ? 15.131  -2.553  -5.721  1.00 53.33  ? 24   ILE A CB  1 
ATOM   193  C  CG1 . ILE A 1 30  ? 16.523  -2.240  -6.269  1.00 55.49  ? 24   ILE A CG1 1 
ATOM   194  C  CG2 . ILE A 1 30  ? 14.964  -4.046  -5.552  1.00 53.96  ? 24   ILE A CG2 1 
ATOM   195  C  CD1 . ILE A 1 30  ? 17.634  -2.507  -5.271  1.00 54.08  ? 24   ILE A CD1 1 
ATOM   196  N  N   . ASP A 1 31  ? 14.080  -0.087  -8.165  1.00 49.38  ? 25   ASP A N   1 
ATOM   197  C  CA  . ASP A 1 31  ? 14.281  1.298   -8.567  1.00 50.53  ? 25   ASP A CA  1 
ATOM   198  C  C   . ASP A 1 31  ? 12.957  2.073   -8.570  1.00 49.17  ? 25   ASP A C   1 
ATOM   199  O  O   . ASP A 1 31  ? 12.082  1.838   -9.402  1.00 48.31  ? 25   ASP A O   1 
ATOM   200  C  CB  . ASP A 1 31  ? 14.926  1.332   -9.955  1.00 53.19  ? 25   ASP A CB  1 
ATOM   201  C  CG  . ASP A 1 31  ? 15.161  2.749   -10.463 1.00 55.89  ? 25   ASP A CG  1 
ATOM   202  O  OD1 . ASP A 1 31  ? 15.221  3.691   -9.638  1.00 55.08  ? 25   ASP A OD1 1 
ATOM   203  O  OD2 . ASP A 1 31  ? 15.305  2.910   -11.696 1.00 58.43  ? 25   ASP A OD2 1 
ATOM   204  N  N   . ILE A 1 32  ? 12.819  3.006   -7.638  1.00 46.47  ? 26   ILE A N   1 
ATOM   205  C  CA  . ILE A 1 32  ? 11.595  3.773   -7.552  1.00 46.99  ? 26   ILE A CA  1 
ATOM   206  C  C   . ILE A 1 32  ? 11.145  4.364   -8.887  1.00 48.05  ? 26   ILE A C   1 
ATOM   207  O  O   . ILE A 1 32  ? 9.947   4.508   -9.125  1.00 48.50  ? 26   ILE A O   1 
ATOM   208  C  CB  . ILE A 1 32  ? 11.710  4.913   -6.515  1.00 46.27  ? 26   ILE A CB  1 
ATOM   209  C  CG1 . ILE A 1 32  ? 10.307  5.464   -6.218  1.00 41.42  ? 26   ILE A CG1 1 
ATOM   210  C  CG2 . ILE A 1 32  ? 12.652  6.010   -7.038  1.00 43.91  ? 26   ILE A CG2 1 
ATOM   211  C  CD1 . ILE A 1 32  ? 10.248  6.393   -5.046  1.00 42.66  ? 26   ILE A CD1 1 
ATOM   212  N  N   . HIS A 1 33  ? 12.094  4.688   -9.765  1.00 48.54  ? 27   HIS A N   1 
ATOM   213  C  CA  . HIS A 1 33  ? 11.745  5.273   -11.062 1.00 48.97  ? 27   HIS A CA  1 
ATOM   214  C  C   . HIS A 1 33  ? 11.027  4.316   -12.016 1.00 46.81  ? 27   HIS A C   1 
ATOM   215  O  O   . HIS A 1 33  ? 10.220  4.750   -12.827 1.00 46.73  ? 27   HIS A O   1 
ATOM   216  C  CB  . HIS A 1 33  ? 12.995  5.874   -11.719 1.00 51.45  ? 27   HIS A CB  1 
ATOM   217  C  CG  . HIS A 1 33  ? 13.539  7.058   -10.982 1.00 54.50  ? 27   HIS A CG  1 
ATOM   218  N  ND1 . HIS A 1 33  ? 12.884  8.272   -10.942 1.00 56.18  ? 27   HIS A ND1 1 
ATOM   219  C  CD2 . HIS A 1 33  ? 14.629  7.193   -10.188 1.00 55.57  ? 27   HIS A CD2 1 
ATOM   220  C  CE1 . HIS A 1 33  ? 13.545  9.100   -10.153 1.00 55.85  ? 27   HIS A CE1 1 
ATOM   221  N  NE2 . HIS A 1 33  ? 14.608  8.471   -9.683  1.00 56.20  ? 27   HIS A NE2 1 
ATOM   222  N  N   . LYS A 1 34  ? 11.314  3.022   -11.922 1.00 46.63  ? 28   LYS A N   1 
ATOM   223  C  CA  . LYS A 1 34  ? 10.633  2.033   -12.760 1.00 46.39  ? 28   LYS A CA  1 
ATOM   224  C  C   . LYS A 1 34  ? 9.179   1.899   -12.279 1.00 44.65  ? 28   LYS A C   1 
ATOM   225  O  O   . LYS A 1 34  ? 8.258   1.696   -13.070 1.00 42.66  ? 28   LYS A O   1 
ATOM   226  C  CB  . LYS A 1 34  ? 11.328  0.674   -12.657 1.00 49.51  ? 28   LYS A CB  1 
ATOM   227  C  CG  . LYS A 1 34  ? 12.530  0.502   -13.567 1.00 55.30  ? 28   LYS A CG  1 
ATOM   228  C  CD  . LYS A 1 34  ? 12.071  0.407   -15.006 1.00 60.84  ? 28   LYS A CD  1 
ATOM   229  C  CE  . LYS A 1 34  ? 13.238  0.163   -15.949 1.00 65.10  ? 28   LYS A CE  1 
ATOM   230  N  NZ  . LYS A 1 34  ? 12.751  -0.059  -17.351 1.00 67.74  ? 28   LYS A NZ  1 
ATOM   231  N  N   . HIS A 1 35  ? 8.985   2.024   -10.973 1.00 42.50  ? 29   HIS A N   1 
ATOM   232  C  CA  . HIS A 1 35  ? 7.653   1.927   -10.397 1.00 42.54  ? 29   HIS A CA  1 
ATOM   233  C  C   . HIS A 1 35  ? 6.789   3.129   -10.790 1.00 41.71  ? 29   HIS A C   1 
ATOM   234  O  O   . HIS A 1 35  ? 5.585   2.995   -10.993 1.00 39.39  ? 29   HIS A O   1 
ATOM   235  C  CB  . HIS A 1 35  ? 7.766   1.785   -8.881  1.00 38.59  ? 29   HIS A CB  1 
ATOM   236  C  CG  . HIS A 1 35  ? 8.563   0.592   -8.468  1.00 39.72  ? 29   HIS A CG  1 
ATOM   237  N  ND1 . HIS A 1 35  ? 8.426   -0.636  -9.082  1.00 36.53  ? 29   HIS A ND1 1 
ATOM   238  C  CD2 . HIS A 1 35  ? 9.516   0.434   -7.517  1.00 41.09  ? 29   HIS A CD2 1 
ATOM   239  C  CE1 . HIS A 1 35  ? 9.258   -1.497  -8.526  1.00 37.01  ? 29   HIS A CE1 1 
ATOM   240  N  NE2 . HIS A 1 35  ? 9.932   -0.873  -7.576  1.00 39.90  ? 29   HIS A NE2 1 
ATOM   241  N  N   . ILE A 1 36  ? 7.411   4.297   -10.903 1.00 40.56  ? 30   ILE A N   1 
ATOM   242  C  CA  . ILE A 1 36  ? 6.697   5.490   -11.327 1.00 40.45  ? 30   ILE A CA  1 
ATOM   243  C  C   . ILE A 1 36  ? 6.264   5.258   -12.783 1.00 41.83  ? 30   ILE A C   1 
ATOM   244  O  O   . ILE A 1 36  ? 5.127   5.549   -13.167 1.00 43.29  ? 30   ILE A O   1 
ATOM   245  C  CB  . ILE A 1 36  ? 7.607   6.747   -11.205 1.00 39.87  ? 30   ILE A CB  1 
ATOM   246  C  CG1 . ILE A 1 36  ? 7.883   7.019   -9.724  1.00 38.96  ? 30   ILE A CG1 1 
ATOM   247  C  CG2 . ILE A 1 36  ? 6.958   7.960   -11.871 1.00 36.76  ? 30   ILE A CG2 1 
ATOM   248  C  CD1 . ILE A 1 36  ? 8.894   8.121   -9.440  1.00 39.22  ? 30   ILE A CD1 1 
ATOM   249  N  N   . MET A 1 37  ? 7.160   4.702   -13.587 1.00 42.36  ? 31   MET A N   1 
ATOM   250  C  CA  . MET A 1 37  ? 6.841   4.427   -14.978 1.00 45.11  ? 31   MET A CA  1 
ATOM   251  C  C   . MET A 1 37  ? 5.746   3.360   -15.034 1.00 44.13  ? 31   MET A C   1 
ATOM   252  O  O   . MET A 1 37  ? 4.899   3.354   -15.932 1.00 46.46  ? 31   MET A O   1 
ATOM   253  C  CB  . MET A 1 37  ? 8.102   3.955   -15.723 1.00 51.08  ? 31   MET A CB  1 
ATOM   254  C  CG  . MET A 1 37  ? 7.936   3.702   -17.236 1.00 57.98  ? 31   MET A CG  1 
ATOM   255  S  SD  . MET A 1 37  ? 7.296   5.122   -18.238 1.00 70.68  ? 31   MET A SD  1 
ATOM   256  C  CE  . MET A 1 37  ? 8.748   6.223   -18.284 1.00 66.12  ? 31   MET A CE  1 
ATOM   257  N  N   . HIS A 1 38  ? 5.761   2.451   -14.070 1.00 41.03  ? 32   HIS A N   1 
ATOM   258  C  CA  . HIS A 1 38  ? 4.757   1.391   -14.026 1.00 39.66  ? 32   HIS A CA  1 
ATOM   259  C  C   . HIS A 1 38  ? 3.366   2.022   -13.769 1.00 37.60  ? 32   HIS A C   1 
ATOM   260  O  O   . HIS A 1 38  ? 2.371   1.658   -14.412 1.00 34.32  ? 32   HIS A O   1 
ATOM   261  C  CB  . HIS A 1 38  ? 5.146   0.376   -12.943 1.00 38.80  ? 32   HIS A CB  1 
ATOM   262  C  CG  . HIS A 1 38  ? 4.413   -0.920  -13.036 1.00 39.77  ? 32   HIS A CG  1 
ATOM   263  N  ND1 . HIS A 1 38  ? 4.914   -2.095  -12.512 1.00 39.79  ? 32   HIS A ND1 1 
ATOM   264  C  CD2 . HIS A 1 38  ? 3.206   -1.228  -13.565 1.00 39.57  ? 32   HIS A CD2 1 
ATOM   265  C  CE1 . HIS A 1 38  ? 4.047   -3.068  -12.716 1.00 36.61  ? 32   HIS A CE1 1 
ATOM   266  N  NE2 . HIS A 1 38  ? 3.003   -2.568  -13.353 1.00 40.38  ? 32   HIS A NE2 1 
ATOM   267  N  N   . TRP A 1 39  ? 3.300   2.978   -12.845 1.00 34.82  ? 33   TRP A N   1 
ATOM   268  C  CA  . TRP A 1 39  ? 2.036   3.660   -12.593 1.00 37.92  ? 33   TRP A CA  1 
ATOM   269  C  C   . TRP A 1 39  ? 1.570   4.477   -13.809 1.00 39.62  ? 33   TRP A C   1 
ATOM   270  O  O   . TRP A 1 39  ? 0.373   4.592   -14.056 1.00 38.90  ? 33   TRP A O   1 
ATOM   271  C  CB  . TRP A 1 39  ? 2.129   4.545   -11.345 1.00 35.48  ? 33   TRP A CB  1 
ATOM   272  C  CG  . TRP A 1 39  ? 1.957   3.721   -10.105 1.00 35.85  ? 33   TRP A CG  1 
ATOM   273  C  CD1 . TRP A 1 39  ? 2.904   3.433   -9.162  1.00 34.53  ? 33   TRP A CD1 1 
ATOM   274  C  CD2 . TRP A 1 39  ? 0.796   2.976   -9.745  1.00 34.00  ? 33   TRP A CD2 1 
ATOM   275  N  NE1 . TRP A 1 39  ? 2.406   2.549   -8.244  1.00 33.89  ? 33   TRP A NE1 1 
ATOM   276  C  CE2 . TRP A 1 39  ? 1.110   2.252   -8.574  1.00 36.26  ? 33   TRP A CE2 1 
ATOM   277  C  CE3 . TRP A 1 39  ? -0.484  2.848   -10.300 1.00 35.18  ? 33   TRP A CE3 1 
ATOM   278  C  CZ2 . TRP A 1 39  ? 0.182   1.406   -7.938  1.00 35.31  ? 33   TRP A CZ2 1 
ATOM   279  C  CZ3 . TRP A 1 39  ? -1.411  2.007   -9.671  1.00 36.20  ? 33   TRP A CZ3 1 
ATOM   280  C  CH2 . TRP A 1 39  ? -1.071  1.298   -8.502  1.00 35.64  ? 33   TRP A CH2 1 
ATOM   281  N  N   . LYS A 1 40  ? 2.509   5.033   -14.575 1.00 42.66  ? 34   LYS A N   1 
ATOM   282  C  CA  . LYS A 1 40  ? 2.131   5.790   -15.771 1.00 44.64  ? 34   LYS A CA  1 
ATOM   283  C  C   . LYS A 1 40  ? 1.460   4.866   -16.781 1.00 44.19  ? 34   LYS A C   1 
ATOM   284  O  O   . LYS A 1 40  ? 0.478   5.247   -17.416 1.00 43.46  ? 34   LYS A O   1 
ATOM   285  C  CB  . LYS A 1 40  ? 3.352   6.473   -16.399 1.00 46.14  ? 34   LYS A CB  1 
ATOM   286  C  CG  . LYS A 1 40  ? 3.838   7.697   -15.608 1.00 47.79  ? 34   LYS A CG  1 
ATOM   287  C  CD  . LYS A 1 40  ? 5.093   8.304   -16.218 1.00 49.02  ? 34   LYS A CD  1 
ATOM   288  C  CE  . LYS A 1 40  ? 5.543   9.528   -15.432 1.00 51.65  ? 34   LYS A CE  1 
ATOM   289  N  NZ  . LYS A 1 40  ? 6.697   10.215  -16.085 1.00 53.89  ? 34   LYS A NZ  1 
ATOM   290  N  N   . CYS A 1 41  ? 1.981   3.647   -16.913 1.00 45.03  ? 35   CYS A N   1 
ATOM   291  C  CA  . CYS A 1 41  ? 1.404   2.661   -17.829 1.00 46.02  ? 35   CYS A CA  1 
ATOM   292  C  C   . CYS A 1 41  ? 0.021   2.192   -17.356 1.00 44.99  ? 35   CYS A C   1 
ATOM   293  O  O   . CYS A 1 41  ? -0.818  1.809   -18.167 1.00 43.43  ? 35   CYS A O   1 
ATOM   294  C  CB  . CYS A 1 41  ? 2.334   1.457   -17.977 1.00 48.65  ? 35   CYS A CB  1 
ATOM   295  S  SG  . CYS A 1 41  ? 3.927   1.859   -18.750 1.00 58.63  ? 35   CYS A SG  1 
ATOM   296  N  N   . ILE A 1 42  ? -0.220  2.205   -16.048 1.00 43.85  ? 36   ILE A N   1 
ATOM   297  C  CA  . ILE A 1 42  ? -1.529  1.809   -15.554 1.00 43.74  ? 36   ILE A CA  1 
ATOM   298  C  C   . ILE A 1 42  ? -2.515  2.874   -16.036 1.00 45.70  ? 36   ILE A C   1 
ATOM   299  O  O   . ILE A 1 42  ? -3.660  2.562   -16.395 1.00 45.89  ? 36   ILE A O   1 
ATOM   300  C  CB  . ILE A 1 42  ? -1.570  1.730   -14.006 1.00 42.84  ? 36   ILE A CB  1 
ATOM   301  C  CG1 . ILE A 1 42  ? -0.819  0.484   -13.523 1.00 41.56  ? 36   ILE A CG1 1 
ATOM   302  C  CG2 . ILE A 1 42  ? -3.026  1.720   -13.513 1.00 41.76  ? 36   ILE A CG2 1 
ATOM   303  C  CD1 . ILE A 1 42  ? -1.529  -0.824  -13.816 1.00 37.25  ? 36   ILE A CD1 1 
ATOM   304  N  N   . ARG A 1 43  ? -2.066  4.132   -16.041 1.00 44.46  ? 37   ARG A N   1 
ATOM   305  C  CA  . ARG A 1 43  ? -2.906  5.240   -16.504 1.00 45.52  ? 37   ARG A CA  1 
ATOM   306  C  C   . ARG A 1 43  ? -3.192  5.070   -17.991 1.00 45.21  ? 37   ARG A C   1 
ATOM   307  O  O   . ARG A 1 43  ? -4.324  5.247   -18.446 1.00 45.61  ? 37   ARG A O   1 
ATOM   308  C  CB  . ARG A 1 43  ? -2.211  6.582   -16.289 1.00 46.34  ? 37   ARG A CB  1 
ATOM   309  C  CG  . ARG A 1 43  ? -2.077  6.985   -14.832 1.00 49.88  ? 37   ARG A CG  1 
ATOM   310  C  CD  . ARG A 1 43  ? -1.289  8.276   -14.714 1.00 51.09  ? 37   ARG A CD  1 
ATOM   311  N  NE  . ARG A 1 43  ? -1.784  9.296   -15.643 1.00 49.33  ? 37   ARG A NE  1 
ATOM   312  C  CZ  . ARG A 1 43  ? -1.170  10.456  -15.869 1.00 48.50  ? 37   ARG A CZ  1 
ATOM   313  N  NH1 . ARG A 1 43  ? -0.041  10.746  -15.236 1.00 43.56  ? 37   ARG A NH1 1 
ATOM   314  N  NH2 . ARG A 1 43  ? -1.680  11.324  -16.736 1.00 50.78  ? 37   ARG A NH2 1 
ATOM   315  N  N   . LEU A 1 44  ? -2.160  4.723   -18.750 1.00 44.93  ? 38   LEU A N   1 
ATOM   316  C  CA  . LEU A 1 44  ? -2.330  4.524   -20.177 1.00 45.87  ? 38   LEU A CA  1 
ATOM   317  C  C   . LEU A 1 44  ? -3.365  3.435   -20.434 1.00 46.07  ? 38   LEU A C   1 
ATOM   318  O  O   . LEU A 1 44  ? -4.297  3.637   -21.209 1.00 46.56  ? 38   LEU A O   1 
ATOM   319  C  CB  . LEU A 1 44  ? -0.998  4.144   -20.841 1.00 44.64  ? 38   LEU A CB  1 
ATOM   320  C  CG  . LEU A 1 44  ? -1.142  3.788   -22.323 1.00 46.34  ? 38   LEU A CG  1 
ATOM   321  C  CD1 . LEU A 1 44  ? -1.738  4.986   -23.058 1.00 50.07  ? 38   LEU A CD1 1 
ATOM   322  C  CD2 . LEU A 1 44  ? 0.188   3.404   -22.927 1.00 44.79  ? 38   LEU A CD2 1 
ATOM   323  N  N   . GLU A 1 45  ? -3.210  2.286   -19.775 1.00 47.49  ? 39   GLU A N   1 
ATOM   324  C  CA  . GLU A 1 45  ? -4.148  1.172   -19.958 1.00 47.53  ? 39   GLU A CA  1 
ATOM   325  C  C   . GLU A 1 45  ? -5.587  1.611   -19.713 1.00 46.17  ? 39   GLU A C   1 
ATOM   326  O  O   . GLU A 1 45  ? -6.472  1.349   -20.534 1.00 44.18  ? 39   GLU A O   1 
ATOM   327  C  CB  . GLU A 1 45  ? -3.808  0.002   -19.020 1.00 49.24  ? 39   GLU A CB  1 
ATOM   328  C  CG  . GLU A 1 45  ? -4.770  -1.190  -19.120 1.00 52.77  ? 39   GLU A CG  1 
ATOM   329  C  CD  . GLU A 1 45  ? -4.728  -2.114  -17.886 1.00 58.23  ? 39   GLU A CD  1 
ATOM   330  O  OE1 . GLU A 1 45  ? -4.943  -1.609  -16.752 1.00 57.92  ? 39   GLU A OE1 1 
ATOM   331  O  OE2 . GLU A 1 45  ? -4.494  -3.341  -18.050 1.00 57.26  ? 39   GLU A OE2 1 
ATOM   332  N  N   . SER A 1 46  ? -5.815  2.291   -18.593 1.00 45.57  ? 40   SER A N   1 
ATOM   333  C  CA  . SER A 1 46  ? -7.158  2.741   -18.254 1.00 48.74  ? 40   SER A CA  1 
ATOM   334  C  C   . SER A 1 46  ? -7.658  3.846   -19.177 1.00 49.22  ? 40   SER A C   1 
ATOM   335  O  O   . SER A 1 46  ? -8.861  4.002   -19.358 1.00 48.15  ? 40   SER A O   1 
ATOM   336  C  CB  . SER A 1 46  ? -7.204  3.218   -16.813 1.00 51.68  ? 40   SER A CB  1 
ATOM   337  O  OG  . SER A 1 46  ? -6.278  4.268   -16.634 1.00 58.41  ? 40   SER A OG  1 
ATOM   338  N  N   . VAL A 1 47  ? -6.748  4.629   -19.749 1.00 49.01  ? 41   VAL A N   1 
ATOM   339  C  CA  . VAL A 1 47  ? -7.174  5.667   -20.678 1.00 48.90  ? 41   VAL A CA  1 
ATOM   340  C  C   . VAL A 1 47  ? -7.709  4.965   -21.934 1.00 49.55  ? 41   VAL A C   1 
ATOM   341  O  O   . VAL A 1 47  ? -8.724  5.368   -22.492 1.00 47.95  ? 41   VAL A O   1 
ATOM   342  C  CB  . VAL A 1 47  ? -6.005  6.614   -21.065 1.00 49.64  ? 41   VAL A CB  1 
ATOM   343  C  CG1 . VAL A 1 47  ? -6.362  7.405   -22.336 1.00 48.55  ? 41   VAL A CG1 1 
ATOM   344  C  CG2 . VAL A 1 47  ? -5.722  7.587   -19.916 1.00 48.09  ? 41   VAL A CG2 1 
ATOM   345  N  N   . LEU A 1 48  ? -7.026  3.902   -22.353 1.00 50.25  ? 42   LEU A N   1 
ATOM   346  C  CA  . LEU A 1 48  ? -7.419  3.138   -23.532 1.00 52.33  ? 42   LEU A CA  1 
ATOM   347  C  C   . LEU A 1 48  ? -8.676  2.302   -23.307 1.00 53.24  ? 42   LEU A C   1 
ATOM   348  O  O   . LEU A 1 48  ? -9.519  2.187   -24.196 1.00 53.15  ? 42   LEU A O   1 
ATOM   349  C  CB  . LEU A 1 48  ? -6.276  2.225   -23.978 1.00 53.24  ? 42   LEU A CB  1 
ATOM   350  C  CG  . LEU A 1 48  ? -5.014  2.912   -24.507 1.00 55.02  ? 42   LEU A CG  1 
ATOM   351  C  CD1 . LEU A 1 48  ? -3.946  1.879   -24.877 1.00 53.39  ? 42   LEU A CD1 1 
ATOM   352  C  CD2 . LEU A 1 48  ? -5.384  3.748   -25.724 1.00 56.52  ? 42   LEU A CD2 1 
ATOM   353  N  N   . LEU A 1 49  ? -8.809  1.706   -22.128 1.00 53.96  ? 43   LEU A N   1 
ATOM   354  C  CA  . LEU A 1 49  ? -10.001 0.909   -21.854 1.00 53.85  ? 43   LEU A CA  1 
ATOM   355  C  C   . LEU A 1 49  ? -11.190 1.842   -21.718 1.00 53.96  ? 43   LEU A C   1 
ATOM   356  O  O   . LEU A 1 49  ? -12.291 1.537   -22.169 1.00 54.26  ? 43   LEU A O   1 
ATOM   357  C  CB  . LEU A 1 49  ? -9.809  0.072   -20.586 1.00 51.93  ? 43   LEU A CB  1 
ATOM   358  C  CG  . LEU A 1 49  ? -8.876  -1.120  -20.844 1.00 52.69  ? 43   LEU A CG  1 
ATOM   359  C  CD1 . LEU A 1 49  ? -8.519  -1.836  -19.551 1.00 49.01  ? 43   LEU A CD1 1 
ATOM   360  C  CD2 . LEU A 1 49  ? -9.561  -2.067  -21.828 1.00 51.15  ? 43   LEU A CD2 1 
ATOM   361  N  N   . HIS A 1 50  ? -10.957 2.994   -21.108 1.00 54.95  ? 44   HIS A N   1 
ATOM   362  C  CA  . HIS A 1 50  ? -12.009 3.981   -20.938 1.00 57.67  ? 44   HIS A CA  1 
ATOM   363  C  C   . HIS A 1 50  ? -12.482 4.457   -22.309 1.00 59.12  ? 44   HIS A C   1 
ATOM   364  O  O   . HIS A 1 50  ? -13.678 4.631   -22.545 1.00 58.99  ? 44   HIS A O   1 
ATOM   365  C  CB  . HIS A 1 50  ? -11.485 5.159   -20.133 1.00 58.26  ? 44   HIS A CB  1 
ATOM   366  C  CG  . HIS A 1 50  ? -12.529 6.177   -19.811 1.00 60.76  ? 44   HIS A CG  1 
ATOM   367  N  ND1 . HIS A 1 50  ? -12.984 7.093   -20.734 1.00 61.76  ? 44   HIS A ND1 1 
ATOM   368  C  CD2 . HIS A 1 50  ? -13.205 6.426   -18.665 1.00 61.07  ? 44   HIS A CD2 1 
ATOM   369  C  CE1 . HIS A 1 50  ? -13.892 7.867   -20.168 1.00 62.81  ? 44   HIS A CE1 1 
ATOM   370  N  NE2 . HIS A 1 50  ? -14.045 7.483   -18.912 1.00 61.81  ? 44   HIS A NE2 1 
ATOM   371  N  N   . LYS A 1 51  ? -11.535 4.662   -23.215 1.00 59.80  ? 45   LYS A N   1 
ATOM   372  C  CA  . LYS A 1 51  ? -11.865 5.100   -24.559 1.00 60.72  ? 45   LYS A CA  1 
ATOM   373  C  C   . LYS A 1 51  ? -12.653 4.000   -25.256 1.00 61.49  ? 45   LYS A C   1 
ATOM   374  O  O   . LYS A 1 51  ? -13.703 4.253   -25.846 1.00 62.24  ? 45   LYS A O   1 
ATOM   375  C  CB  . LYS A 1 51  ? -10.592 5.404   -25.351 1.00 61.31  ? 45   LYS A CB  1 
ATOM   376  C  CG  . LYS A 1 51  ? -10.858 6.105   -26.673 1.00 64.65  ? 45   LYS A CG  1 
ATOM   377  C  CD  . LYS A 1 51  ? -11.567 7.423   -26.418 1.00 68.24  ? 45   LYS A CD  1 
ATOM   378  C  CE  . LYS A 1 51  ? -11.982 8.103   -27.697 1.00 70.42  ? 45   LYS A CE  1 
ATOM   379  N  NZ  . LYS A 1 51  ? -12.669 9.392   -27.398 1.00 73.83  ? 45   LYS A NZ  1 
ATOM   380  N  N   . ALA A 1 52  ? -12.145 2.773   -25.170 1.00 62.31  ? 46   ALA A N   1 
ATOM   381  C  CA  . ALA A 1 52  ? -12.786 1.623   -25.801 1.00 63.08  ? 46   ALA A CA  1 
ATOM   382  C  C   . ALA A 1 52  ? -14.243 1.450   -25.383 1.00 63.38  ? 46   ALA A C   1 
ATOM   383  O  O   . ALA A 1 52  ? -15.064 1.010   -26.180 1.00 62.63  ? 46   ALA A O   1 
ATOM   384  C  CB  . ALA A 1 52  ? -12.002 0.354   -25.494 1.00 62.96  ? 46   ALA A CB  1 
ATOM   385  N  N   . LYS A 1 53  ? -14.568 1.793   -24.140 1.00 64.26  ? 47   LYS A N   1 
ATOM   386  C  CA  . LYS A 1 53  ? -15.938 1.659   -23.670 1.00 65.83  ? 47   LYS A CA  1 
ATOM   387  C  C   . LYS A 1 53  ? -16.819 2.736   -24.291 1.00 67.92  ? 47   LYS A C   1 
ATOM   388  O  O   . LYS A 1 53  ? -18.011 2.524   -24.509 1.00 69.39  ? 47   LYS A O   1 
ATOM   389  C  CB  . LYS A 1 53  ? -16.002 1.761   -22.145 1.00 65.35  ? 47   LYS A CB  1 
ATOM   390  C  CG  . LYS A 1 53  ? -17.368 1.403   -21.556 1.00 64.52  ? 47   LYS A CG  1 
ATOM   391  C  CD  . LYS A 1 53  ? -17.731 -0.036  -21.880 1.00 64.78  ? 47   LYS A CD  1 
ATOM   392  C  CE  . LYS A 1 53  ? -19.057 -0.448  -21.269 1.00 66.55  ? 47   LYS A CE  1 
ATOM   393  N  NZ  . LYS A 1 53  ? -19.342 -1.890  -21.548 1.00 67.69  ? 47   LYS A NZ  1 
ATOM   394  N  N   . GLN A 1 54  ? -16.230 3.896   -24.569 1.00 69.09  ? 48   GLN A N   1 
ATOM   395  C  CA  . GLN A 1 54  ? -16.975 4.990   -25.179 1.00 70.60  ? 48   GLN A CA  1 
ATOM   396  C  C   . GLN A 1 54  ? -17.299 4.677   -26.639 1.00 71.46  ? 48   GLN A C   1 
ATOM   397  O  O   . GLN A 1 54  ? -18.367 5.033   -27.133 1.00 71.31  ? 48   GLN A O   1 
ATOM   398  C  CB  . GLN A 1 54  ? -16.185 6.296   -25.085 1.00 70.34  ? 48   GLN A CB  1 
ATOM   399  C  CG  . GLN A 1 54  ? -16.297 6.980   -23.731 1.00 70.54  ? 48   GLN A CG  1 
ATOM   400  C  CD  . GLN A 1 54  ? -15.625 8.345   -23.706 1.00 71.97  ? 48   GLN A CD  1 
ATOM   401  O  OE1 . GLN A 1 54  ? -15.713 9.071   -22.713 1.00 70.96  ? 48   GLN A OE1 1 
ATOM   402  N  NE2 . GLN A 1 54  ? -14.949 8.698   -24.799 1.00 70.79  ? 48   GLN A NE2 1 
ATOM   403  N  N   . MET A 1 55  ? -16.376 4.014   -27.327 1.00 72.48  ? 49   MET A N   1 
ATOM   404  C  CA  . MET A 1 55  ? -16.592 3.641   -28.719 1.00 74.01  ? 49   MET A CA  1 
ATOM   405  C  C   . MET A 1 55  ? -17.611 2.503   -28.788 1.00 75.17  ? 49   MET A C   1 
ATOM   406  O  O   . MET A 1 55  ? -17.877 1.959   -29.862 1.00 76.53  ? 49   MET A O   1 
ATOM   407  C  CB  . MET A 1 55  ? -15.280 3.196   -29.369 1.00 75.50  ? 49   MET A CB  1 
ATOM   408  C  CG  . MET A 1 55  ? -14.314 4.327   -29.700 1.00 77.35  ? 49   MET A CG  1 
ATOM   409  S  SD  . MET A 1 55  ? -12.679 3.701   -30.195 1.00 81.82  ? 49   MET A SD  1 
ATOM   410  C  CE  . MET A 1 55  ? -13.041 2.973   -31.801 1.00 79.68  ? 49   MET A CE  1 
ATOM   411  N  N   . GLY A 1 56  ? -18.166 2.139   -27.636 1.00 75.09  ? 50   GLY A N   1 
ATOM   412  C  CA  . GLY A 1 56  ? -19.161 1.082   -27.593 1.00 75.93  ? 50   GLY A CA  1 
ATOM   413  C  C   . GLY A 1 56  ? -18.667 -0.353  -27.540 1.00 76.82  ? 50   GLY A C   1 
ATOM   414  O  O   . GLY A 1 56  ? -19.481 -1.271  -27.446 1.00 77.48  ? 50   GLY A O   1 
ATOM   415  N  N   . LEU A 1 57  ? -17.353 -0.561  -27.594 1.00 77.60  ? 51   LEU A N   1 
ATOM   416  C  CA  . LEU A 1 57  ? -16.794 -1.912  -27.548 1.00 77.55  ? 51   LEU A CA  1 
ATOM   417  C  C   . LEU A 1 57  ? -17.106 -2.642  -26.246 1.00 78.63  ? 51   LEU A C   1 
ATOM   418  O  O   . LEU A 1 57  ? -17.185 -2.031  -25.178 1.00 78.59  ? 51   LEU A O   1 
ATOM   419  C  CB  . LEU A 1 57  ? -15.280 -1.872  -27.751 1.00 77.22  ? 51   LEU A CB  1 
ATOM   420  C  CG  . LEU A 1 57  ? -14.810 -1.531  -29.163 1.00 77.65  ? 51   LEU A CG  1 
ATOM   421  C  CD1 . LEU A 1 57  ? -13.302 -1.389  -29.192 1.00 76.83  ? 51   LEU A CD1 1 
ATOM   422  C  CD2 . LEU A 1 57  ? -15.268 -2.627  -30.112 1.00 79.25  ? 51   LEU A CD2 1 
ATOM   423  N  N   . SER A 1 58  ? -17.275 -3.958  -26.349 1.00 79.39  ? 52   SER A N   1 
ATOM   424  C  CA  . SER A 1 58  ? -17.589 -4.792  -25.197 1.00 80.15  ? 52   SER A CA  1 
ATOM   425  C  C   . SER A 1 58  ? -16.438 -5.718  -24.840 1.00 79.80  ? 52   SER A C   1 
ATOM   426  O  O   . SER A 1 58  ? -16.275 -6.099  -23.684 1.00 80.23  ? 52   SER A O   1 
ATOM   427  C  CB  . SER A 1 58  ? -18.835 -5.636  -25.482 1.00 81.41  ? 52   SER A CB  1 
ATOM   428  O  OG  . SER A 1 58  ? -19.962 -4.819  -25.748 1.00 84.26  ? 52   SER A OG  1 
ATOM   429  N  N   . HIS A 1 59  ? -15.646 -6.087  -25.838 1.00 79.91  ? 53   HIS A N   1 
ATOM   430  C  CA  . HIS A 1 59  ? -14.527 -6.989  -25.624 1.00 80.47  ? 53   HIS A CA  1 
ATOM   431  C  C   . HIS A 1 59  ? -13.370 -6.621  -26.536 1.00 80.76  ? 53   HIS A C   1 
ATOM   432  O  O   . HIS A 1 59  ? -13.559 -5.980  -27.567 1.00 80.07  ? 53   HIS A O   1 
ATOM   433  C  CB  . HIS A 1 59  ? -14.943 -8.432  -25.933 1.00 81.94  ? 53   HIS A CB  1 
ATOM   434  C  CG  . HIS A 1 59  ? -16.226 -8.850  -25.285 1.00 84.42  ? 53   HIS A CG  1 
ATOM   435  N  ND1 . HIS A 1 59  ? -16.335 -9.092  -23.933 1.00 85.62  ? 53   HIS A ND1 1 
ATOM   436  C  CD2 . HIS A 1 59  ? -17.461 -9.050  -25.802 1.00 85.45  ? 53   HIS A CD2 1 
ATOM   437  C  CE1 . HIS A 1 59  ? -17.582 -9.423  -23.643 1.00 85.44  ? 53   HIS A CE1 1 
ATOM   438  N  NE2 . HIS A 1 59  ? -18.286 -9.405  -24.761 1.00 86.20  ? 53   HIS A NE2 1 
ATOM   439  N  N   . ILE A 1 60  ? -12.169 -7.033  -26.143 1.00 81.43  ? 54   ILE A N   1 
ATOM   440  C  CA  . ILE A 1 60  ? -10.964 -6.800  -26.929 1.00 81.60  ? 54   ILE A CA  1 
ATOM   441  C  C   . ILE A 1 60  ? -10.088 -8.035  -26.777 1.00 83.31  ? 54   ILE A C   1 
ATOM   442  O  O   . ILE A 1 60  ? -9.262  -8.117  -25.866 1.00 83.85  ? 54   ILE A O   1 
ATOM   443  C  CB  . ILE A 1 60  ? -10.164 -5.573  -26.447 1.00 80.14  ? 54   ILE A CB  1 
ATOM   444  C  CG1 . ILE A 1 60  ? -11.018 -4.309  -26.538 1.00 79.80  ? 54   ILE A CG1 1 
ATOM   445  C  CG2 . ILE A 1 60  ? -8.909  -5.420  -27.295 1.00 79.71  ? 54   ILE A CG2 1 
ATOM   446  C  CD1 . ILE A 1 60  ? -10.273 -3.038  -26.170 1.00 79.06  ? 54   ILE A CD1 1 
ATOM   447  N  N   . GLY A 1 61  ? -10.290 -9.004  -27.664 1.00 84.45  ? 55   GLY A N   1 
ATOM   448  C  CA  . GLY A 1 61  ? -9.511  -10.226 -27.613 1.00 84.87  ? 55   GLY A CA  1 
ATOM   449  C  C   . GLY A 1 61  ? -9.704  -11.021 -26.335 1.00 85.66  ? 55   GLY A C   1 
ATOM   450  O  O   . GLY A 1 61  ? -8.744  -11.244 -25.588 1.00 86.02  ? 55   GLY A O   1 
ATOM   451  N  N   . LEU A 1 62  ? -10.943 -11.433 -26.074 1.00 85.40  ? 56   LEU A N   1 
ATOM   452  C  CA  . LEU A 1 62  ? -11.266 -12.231 -24.890 1.00 84.55  ? 56   LEU A CA  1 
ATOM   453  C  C   . LEU A 1 62  ? -11.411 -11.390 -23.619 1.00 82.53  ? 56   LEU A C   1 
ATOM   454  O  O   . LEU A 1 62  ? -12.116 -11.775 -22.683 1.00 82.28  ? 56   LEU A O   1 
ATOM   455  C  CB  . LEU A 1 62  ? -10.185 -13.301 -24.685 1.00 86.00  ? 56   LEU A CB  1 
ATOM   456  C  CG  . LEU A 1 62  ? -10.439 -14.469 -23.734 1.00 87.24  ? 56   LEU A CG  1 
ATOM   457  C  CD1 . LEU A 1 62  ? -11.554 -15.355 -24.279 1.00 87.01  ? 56   LEU A CD1 1 
ATOM   458  C  CD2 . LEU A 1 62  ? -9.152  -15.263 -23.589 1.00 87.95  ? 56   LEU A CD2 1 
ATOM   459  N  N   . GLN A 1 63  ? -10.743 -10.241 -23.593 1.00 79.84  ? 57   GLN A N   1 
ATOM   460  C  CA  . GLN A 1 63  ? -10.792 -9.345  -22.442 1.00 76.42  ? 57   GLN A CA  1 
ATOM   461  C  C   . GLN A 1 63  ? -12.087 -8.521  -22.423 1.00 73.99  ? 57   GLN A C   1 
ATOM   462  O  O   . GLN A 1 63  ? -12.524 -8.012  -23.449 1.00 74.34  ? 57   GLN A O   1 
ATOM   463  C  CB  . GLN A 1 63  ? -9.573  -8.418  -22.471 1.00 76.17  ? 57   GLN A CB  1 
ATOM   464  C  CG  . GLN A 1 63  ? -9.494  -7.427  -21.324 1.00 76.22  ? 57   GLN A CG  1 
ATOM   465  C  CD  . GLN A 1 63  ? -8.253  -6.552  -21.396 1.00 76.88  ? 57   GLN A CD  1 
ATOM   466  O  OE1 . GLN A 1 63  ? -8.091  -5.615  -20.609 1.00 75.80  ? 57   GLN A OE1 1 
ATOM   467  N  NE2 . GLN A 1 63  ? -7.366  -6.858  -22.345 1.00 74.35  ? 57   GLN A NE2 1 
ATOM   468  N  N   . VAL A 1 64  ? -12.690 -8.393  -21.246 1.00 71.33  ? 58   VAL A N   1 
ATOM   469  C  CA  . VAL A 1 64  ? -13.925 -7.633  -21.088 1.00 69.64  ? 58   VAL A CA  1 
ATOM   470  C  C   . VAL A 1 64  ? -13.647 -6.161  -20.799 1.00 69.45  ? 58   VAL A C   1 
ATOM   471  O  O   . VAL A 1 64  ? -12.920 -5.833  -19.864 1.00 70.15  ? 58   VAL A O   1 
ATOM   472  C  CB  . VAL A 1 64  ? -14.773 -8.185  -19.921 1.00 69.30  ? 58   VAL A CB  1 
ATOM   473  C  CG1 . VAL A 1 64  ? -15.947 -7.265  -19.648 1.00 68.20  ? 58   VAL A CG1 1 
ATOM   474  C  CG2 . VAL A 1 64  ? -15.262 -9.584  -20.250 1.00 69.16  ? 58   VAL A CG2 1 
ATOM   475  N  N   . VAL A 1 65  ? -14.232 -5.272  -21.594 1.00 67.41  ? 59   VAL A N   1 
ATOM   476  C  CA  . VAL A 1 65  ? -14.038 -3.846  -21.382 1.00 65.86  ? 59   VAL A CA  1 
ATOM   477  C  C   . VAL A 1 65  ? -14.818 -3.449  -20.133 1.00 65.87  ? 59   VAL A C   1 
ATOM   478  O  O   . VAL A 1 65  ? -16.029 -3.632  -20.070 1.00 67.86  ? 59   VAL A O   1 
ATOM   479  C  CB  . VAL A 1 65  ? -14.535 -3.027  -22.587 1.00 64.75  ? 59   VAL A CB  1 
ATOM   480  C  CG1 . VAL A 1 65  ? -14.556 -1.548  -22.241 1.00 64.57  ? 59   VAL A CG1 1 
ATOM   481  C  CG2 . VAL A 1 65  ? -13.627 -3.271  -23.783 1.00 63.88  ? 59   VAL A CG2 1 
ATOM   482  N  N   . PRO A 1 66  ? -14.127 -2.890  -19.125 1.00 64.49  ? 60   PRO A N   1 
ATOM   483  C  CA  . PRO A 1 66  ? -14.702 -2.452  -17.848 1.00 63.09  ? 60   PRO A CA  1 
ATOM   484  C  C   . PRO A 1 66  ? -15.576 -1.209  -17.957 1.00 62.84  ? 60   PRO A C   1 
ATOM   485  O  O   . PRO A 1 66  ? -15.470 -0.448  -18.915 1.00 62.48  ? 60   PRO A O   1 
ATOM   486  C  CB  . PRO A 1 66  ? -13.472 -2.167  -16.982 1.00 63.22  ? 60   PRO A CB  1 
ATOM   487  C  CG  . PRO A 1 66  ? -12.308 -2.763  -17.752 1.00 64.68  ? 60   PRO A CG  1 
ATOM   488  C  CD  . PRO A 1 66  ? -12.691 -2.579  -19.172 1.00 63.88  ? 60   PRO A CD  1 
ATOM   489  N  N   . PRO A 1 67  ? -16.446 -0.982  -16.959 1.00 62.85  ? 61   PRO A N   1 
ATOM   490  C  CA  . PRO A 1 67  ? -17.327 0.189   -16.957 1.00 62.58  ? 61   PRO A CA  1 
ATOM   491  C  C   . PRO A 1 67  ? -16.458 1.451   -16.874 1.00 63.40  ? 61   PRO A C   1 
ATOM   492  O  O   . PRO A 1 67  ? -15.354 1.409   -16.339 1.00 64.02  ? 61   PRO A O   1 
ATOM   493  C  CB  . PRO A 1 67  ? -18.163 -0.013  -15.693 1.00 60.93  ? 61   PRO A CB  1 
ATOM   494  C  CG  . PRO A 1 67  ? -18.152 -1.485  -15.500 1.00 59.40  ? 61   PRO A CG  1 
ATOM   495  C  CD  . PRO A 1 67  ? -16.740 -1.854  -15.807 1.00 61.19  ? 61   PRO A CD  1 
ATOM   496  N  N   . LEU A 1 68  ? -16.955 2.563   -17.400 1.00 64.34  ? 62   LEU A N   1 
ATOM   497  C  CA  . LEU A 1 68  ? -16.211 3.818   -17.382 1.00 64.20  ? 62   LEU A CA  1 
ATOM   498  C  C   . LEU A 1 68  ? -15.766 4.195   -15.968 1.00 64.96  ? 62   LEU A C   1 
ATOM   499  O  O   . LEU A 1 68  ? -14.643 4.678   -15.760 1.00 65.93  ? 62   LEU A O   1 
ATOM   500  C  CB  . LEU A 1 68  ? -17.070 4.943   -17.974 1.00 63.41  ? 62   LEU A CB  1 
ATOM   501  C  CG  . LEU A 1 68  ? -17.522 4.768   -19.429 1.00 63.17  ? 62   LEU A CG  1 
ATOM   502  C  CD1 . LEU A 1 68  ? -18.428 5.922   -19.819 1.00 62.28  ? 62   LEU A CD1 1 
ATOM   503  C  CD2 . LEU A 1 68  ? -16.312 4.709   -20.352 1.00 60.69  ? 62   LEU A CD2 1 
ATOM   504  N  N   . THR A 1 69  ? -16.645 3.970   -14.996 1.00 63.78  ? 63   THR A N   1 
ATOM   505  C  CA  . THR A 1 69  ? -16.345 4.289   -13.604 1.00 62.65  ? 63   THR A CA  1 
ATOM   506  C  C   . THR A 1 69  ? -15.128 3.512   -13.064 1.00 60.57  ? 63   THR A C   1 
ATOM   507  O  O   . THR A 1 69  ? -14.400 4.012   -12.208 1.00 59.45  ? 63   THR A O   1 
ATOM   508  C  CB  . THR A 1 69  ? -17.568 4.015   -12.701 1.00 63.23  ? 63   THR A CB  1 
ATOM   509  O  OG1 . THR A 1 69  ? -17.265 4.403   -11.356 1.00 64.93  ? 63   THR A OG1 1 
ATOM   510  C  CG2 . THR A 1 69  ? -17.929 2.532   -12.723 1.00 63.15  ? 63   THR A CG2 1 
ATOM   511  N  N   . VAL A 1 70  ? -14.913 2.296   -13.561 1.00 58.04  ? 64   VAL A N   1 
ATOM   512  C  CA  . VAL A 1 70  ? -13.777 1.486   -13.130 1.00 56.61  ? 64   VAL A CA  1 
ATOM   513  C  C   . VAL A 1 70  ? -12.468 2.040   -13.697 1.00 56.13  ? 64   VAL A C   1 
ATOM   514  O  O   . VAL A 1 70  ? -11.483 2.191   -12.971 1.00 56.24  ? 64   VAL A O   1 
ATOM   515  C  CB  . VAL A 1 70  ? -13.924 0.018   -13.575 1.00 56.43  ? 64   VAL A CB  1 
ATOM   516  C  CG1 . VAL A 1 70  ? -12.619 -0.738  -13.334 1.00 54.05  ? 64   VAL A CG1 1 
ATOM   517  C  CG2 . VAL A 1 70  ? -15.057 -0.633  -12.815 1.00 55.85  ? 64   VAL A CG2 1 
ATOM   518  N  N   . SER A 1 71  ? -12.455 2.335   -14.993 1.00 53.27  ? 65   SER A N   1 
ATOM   519  C  CA  . SER A 1 71  ? -11.263 2.889   -15.618 1.00 52.83  ? 65   SER A CA  1 
ATOM   520  C  C   . SER A 1 71  ? -10.968 4.247   -15.004 1.00 53.47  ? 65   SER A C   1 
ATOM   521  O  O   . SER A 1 71  ? -9.809  4.604   -14.795 1.00 53.47  ? 65   SER A O   1 
ATOM   522  C  CB  . SER A 1 71  ? -11.457 3.047   -17.123 1.00 50.18  ? 65   SER A CB  1 
ATOM   523  O  OG  . SER A 1 71  ? -11.598 1.790   -17.746 1.00 49.82  ? 65   SER A OG  1 
ATOM   524  N  N   . GLU A 1 72  ? -12.020 5.009   -14.721 1.00 53.71  ? 66   GLU A N   1 
ATOM   525  C  CA  . GLU A 1 72  ? -11.841 6.322   -14.120 1.00 54.24  ? 66   GLU A CA  1 
ATOM   526  C  C   . GLU A 1 72  ? -11.219 6.189   -12.735 1.00 51.72  ? 66   GLU A C   1 
ATOM   527  O  O   . GLU A 1 72  ? -10.347 6.971   -12.359 1.00 51.68  ? 66   GLU A O   1 
ATOM   528  C  CB  . GLU A 1 72  ? -13.184 7.058   -14.046 1.00 57.23  ? 66   GLU A CB  1 
ATOM   529  C  CG  . GLU A 1 72  ? -13.575 7.738   -15.355 1.00 61.35  ? 66   GLU A CG  1 
ATOM   530  C  CD  . GLU A 1 72  ? -15.064 8.058   -15.448 1.00 64.49  ? 66   GLU A CD  1 
ATOM   531  O  OE1 . GLU A 1 72  ? -15.691 8.316   -14.398 1.00 65.89  ? 66   GLU A OE1 1 
ATOM   532  O  OE2 . GLU A 1 72  ? -15.605 8.064   -16.579 1.00 64.07  ? 66   GLU A OE2 1 
ATOM   533  N  N   . THR A 1 73  ? -11.642 5.177   -11.986 1.00 49.41  ? 67   THR A N   1 
ATOM   534  C  CA  . THR A 1 73  ? -11.110 4.967   -10.647 1.00 48.97  ? 67   THR A CA  1 
ATOM   535  C  C   . THR A 1 73  ? -9.653  4.514   -10.638 1.00 48.48  ? 67   THR A C   1 
ATOM   536  O  O   . THR A 1 73  ? -8.860  4.973   -9.818  1.00 48.47  ? 67   THR A O   1 
ATOM   537  C  CB  . THR A 1 73  ? -11.963 3.961   -9.884  1.00 50.64  ? 67   THR A CB  1 
ATOM   538  O  OG1 . THR A 1 73  ? -13.227 4.567   -9.587  1.00 50.59  ? 67   THR A OG1 1 
ATOM   539  C  CG2 . THR A 1 73  ? -11.266 3.533   -8.586  1.00 49.36  ? 67   THR A CG2 1 
ATOM   540  N  N   . LYS A 1 74  ? -9.300  3.611   -11.545 1.00 46.85  ? 68   LYS A N   1 
ATOM   541  C  CA  . LYS A 1 74  ? -7.926  3.144   -11.632 1.00 46.44  ? 68   LYS A CA  1 
ATOM   542  C  C   . LYS A 1 74  ? -7.021  4.284   -12.122 1.00 45.90  ? 68   LYS A C   1 
ATOM   543  O  O   . LYS A 1 74  ? -5.947  4.512   -11.564 1.00 46.12  ? 68   LYS A O   1 
ATOM   544  C  CB  . LYS A 1 74  ? -7.840  1.935   -12.571 1.00 46.05  ? 68   LYS A CB  1 
ATOM   545  C  CG  . LYS A 1 74  ? -8.529  0.708   -12.015 1.00 45.16  ? 68   LYS A CG  1 
ATOM   546  C  CD  . LYS A 1 74  ? -8.470  -0.462  -12.960 1.00 44.73  ? 68   LYS A CD  1 
ATOM   547  C  CE  . LYS A 1 74  ? -7.055  -0.952  -13.151 1.00 47.11  ? 68   LYS A CE  1 
ATOM   548  N  NZ  . LYS A 1 74  ? -7.049  -2.171  -14.014 1.00 50.24  ? 68   LYS A NZ  1 
ATOM   549  N  N   . GLY A 1 75  ? -7.454  5.002   -13.156 1.00 44.05  ? 69   GLY A N   1 
ATOM   550  C  CA  . GLY A 1 75  ? -6.666  6.115   -13.653 1.00 43.24  ? 69   GLY A CA  1 
ATOM   551  C  C   . GLY A 1 75  ? -6.400  7.133   -12.551 1.00 43.30  ? 69   GLY A C   1 
ATOM   552  O  O   . GLY A 1 75  ? -5.317  7.715   -12.459 1.00 42.76  ? 69   GLY A O   1 
ATOM   553  N  N   . HIS A 1 76  ? -7.395  7.348   -11.703 1.00 44.77  ? 70   HIS A N   1 
ATOM   554  C  CA  . HIS A 1 76  ? -7.277  8.289   -10.590 1.00 47.08  ? 70   HIS A CA  1 
ATOM   555  C  C   . HIS A 1 76  ? -6.262  7.765   -9.553  1.00 45.71  ? 70   HIS A C   1 
ATOM   556  O  O   . HIS A 1 76  ? -5.380  8.503   -9.113  1.00 45.24  ? 70   HIS A O   1 
ATOM   557  C  CB  . HIS A 1 76  ? -8.662  8.482   -9.943  1.00 53.83  ? 70   HIS A CB  1 
ATOM   558  C  CG  . HIS A 1 76  ? -8.700  9.515   -8.855  1.00 62.08  ? 70   HIS A CG  1 
ATOM   559  N  ND1 . HIS A 1 76  ? -8.768  10.870  -9.110  1.00 65.05  ? 70   HIS A ND1 1 
ATOM   560  C  CD2 . HIS A 1 76  ? -8.707  9.387   -7.504  1.00 64.22  ? 70   HIS A CD2 1 
ATOM   561  C  CE1 . HIS A 1 76  ? -8.821  11.532  -7.966  1.00 66.31  ? 70   HIS A CE1 1 
ATOM   562  N  NE2 . HIS A 1 76  ? -8.785  10.655  -6.975  1.00 66.44  ? 70   HIS A NE2 1 
ATOM   563  N  N   . ASN A 1 77  ? -6.376  6.498   -9.164  1.00 41.23  ? 71   ASN A N   1 
ATOM   564  C  CA  . ASN A 1 77  ? -5.448  5.958   -8.180  1.00 40.86  ? 71   ASN A CA  1 
ATOM   565  C  C   . ASN A 1 77  ? -4.026  5.972   -8.701  1.00 40.54  ? 71   ASN A C   1 
ATOM   566  O  O   . ASN A 1 77  ? -3.083  6.276   -7.955  1.00 40.54  ? 71   ASN A O   1 
ATOM   567  C  CB  . ASN A 1 77  ? -5.830  4.528   -7.775  1.00 40.62  ? 71   ASN A CB  1 
ATOM   568  C  CG  . ASN A 1 77  ? -7.165  4.463   -7.036  1.00 42.17  ? 71   ASN A CG  1 
ATOM   569  O  OD1 . ASN A 1 77  ? -7.524  5.379   -6.290  1.00 40.44  ? 71   ASN A OD1 1 
ATOM   570  N  ND2 . ASN A 1 77  ? -7.892  3.368   -7.227  1.00 41.40  ? 71   ASN A ND2 1 
ATOM   571  N  N   . ALA A 1 78  ? -3.873  5.643   -9.982  1.00 39.01  ? 72   ALA A N   1 
ATOM   572  C  CA  . ALA A 1 78  ? -2.565  5.623   -10.614 1.00 38.80  ? 72   ALA A CA  1 
ATOM   573  C  C   . ALA A 1 78  ? -1.910  7.000   -10.578 1.00 40.66  ? 72   ALA A C   1 
ATOM   574  O  O   . ALA A 1 78  ? -0.702  7.109   -10.372 1.00 41.84  ? 72   ALA A O   1 
ATOM   575  C  CB  . ALA A 1 78  ? -2.698  5.149   -12.034 1.00 40.95  ? 72   ALA A CB  1 
ATOM   576  N  N   . ILE A 1 79  ? -2.706  8.052   -10.769 1.00 41.11  ? 73   ILE A N   1 
ATOM   577  C  CA  . ILE A 1 79  ? -2.182  9.410   -10.749 1.00 44.11  ? 73   ILE A CA  1 
ATOM   578  C  C   . ILE A 1 79  ? -1.715  9.759   -9.342  1.00 43.54  ? 73   ILE A C   1 
ATOM   579  O  O   . ILE A 1 79  ? -0.632  10.325  -9.161  1.00 44.36  ? 73   ILE A O   1 
ATOM   580  C  CB  . ILE A 1 79  ? -3.249  10.437  -11.227 1.00 47.76  ? 73   ILE A CB  1 
ATOM   581  C  CG1 . ILE A 1 79  ? -3.643  10.133  -12.675 1.00 49.37  ? 73   ILE A CG1 1 
ATOM   582  C  CG2 . ILE A 1 79  ? -2.694  11.858  -11.152 1.00 46.82  ? 73   ILE A CG2 1 
ATOM   583  C  CD1 . ILE A 1 79  ? -4.766  11.015  -13.210 1.00 50.23  ? 73   ILE A CD1 1 
ATOM   584  N  N   . GLU A 1 80  ? -2.525  9.415   -8.347  1.00 44.18  ? 74   GLU A N   1 
ATOM   585  C  CA  . GLU A 1 80  ? -2.174  9.663   -6.949  1.00 44.70  ? 74   GLU A CA  1 
ATOM   586  C  C   . GLU A 1 80  ? -0.850  8.959   -6.609  1.00 44.97  ? 74   GLU A C   1 
ATOM   587  O  O   . GLU A 1 80  ? 0.065   9.576   -6.071  1.00 44.01  ? 74   GLU A O   1 
ATOM   588  C  CB  . GLU A 1 80  ? -3.292  9.158   -6.035  1.00 47.78  ? 74   GLU A CB  1 
ATOM   589  C  CG  . GLU A 1 80  ? -3.008  9.296   -4.538  1.00 54.81  ? 74   GLU A CG  1 
ATOM   590  C  CD  . GLU A 1 80  ? -4.143  8.758   -3.655  1.00 57.11  ? 74   GLU A CD  1 
ATOM   591  O  OE1 . GLU A 1 80  ? -5.155  8.268   -4.207  1.00 58.37  ? 74   GLU A OE1 1 
ATOM   592  O  OE2 . GLU A 1 80  ? -4.023  8.829   -2.409  1.00 57.33  ? 74   GLU A OE2 1 
ATOM   593  N  N   . MET A 1 81  ? -0.746  7.671   -6.935  1.00 44.09  ? 75   MET A N   1 
ATOM   594  C  CA  . MET A 1 81  ? 0.475   6.911   -6.666  1.00 43.20  ? 75   MET A CA  1 
ATOM   595  C  C   . MET A 1 81  ? 1.671   7.545   -7.359  1.00 43.65  ? 75   MET A C   1 
ATOM   596  O  O   . MET A 1 81  ? 2.693   7.832   -6.738  1.00 42.67  ? 75   MET A O   1 
ATOM   597  C  CB  . MET A 1 81  ? 0.333   5.458   -7.151  1.00 43.24  ? 75   MET A CB  1 
ATOM   598  C  CG  . MET A 1 81  ? -0.664  4.625   -6.352  1.00 42.51  ? 75   MET A CG  1 
ATOM   599  S  SD  . MET A 1 81  ? -0.409  4.855   -4.576  1.00 43.41  ? 75   MET A SD  1 
ATOM   600  C  CE  . MET A 1 81  ? 1.197   4.081   -4.368  1.00 37.61  ? 75   MET A CE  1 
ATOM   601  N  N   . GLN A 1 82  ? 1.534   7.751   -8.660  1.00 43.19  ? 76   GLN A N   1 
ATOM   602  C  CA  . GLN A 1 82  ? 2.597   8.351   -9.444  1.00 44.53  ? 76   GLN A CA  1 
ATOM   603  C  C   . GLN A 1 82  ? 3.086   9.664   -8.829  1.00 44.95  ? 76   GLN A C   1 
ATOM   604  O  O   . GLN A 1 82  ? 4.291   9.880   -8.701  1.00 44.84  ? 76   GLN A O   1 
ATOM   605  C  CB  . GLN A 1 82  ? 2.103   8.613   -10.862 1.00 44.89  ? 76   GLN A CB  1 
ATOM   606  C  CG  . GLN A 1 82  ? 3.153   9.158   -11.785 1.00 47.96  ? 76   GLN A CG  1 
ATOM   607  C  CD  . GLN A 1 82  ? 2.555   9.876   -12.980 1.00 50.65  ? 76   GLN A CD  1 
ATOM   608  O  OE1 . GLN A 1 82  ? 1.577   9.421   -13.570 1.00 50.88  ? 76   GLN A OE1 1 
ATOM   609  N  NE2 . GLN A 1 82  ? 3.152   11.003  -13.348 1.00 53.47  ? 76   GLN A NE2 1 
ATOM   610  N  N   . MET A 1 83  ? 2.150   10.530  -8.449  1.00 45.19  ? 77   MET A N   1 
ATOM   611  C  CA  . MET A 1 83  ? 2.492   11.827  -7.871  1.00 46.94  ? 77   MET A CA  1 
ATOM   612  C  C   . MET A 1 83  ? 3.225   11.769  -6.553  1.00 46.37  ? 77   MET A C   1 
ATOM   613  O  O   . MET A 1 83  ? 4.175   12.521  -6.345  1.00 48.57  ? 77   MET A O   1 
ATOM   614  C  CB  . MET A 1 83  ? 1.241   12.682  -7.702  1.00 51.93  ? 77   MET A CB  1 
ATOM   615  C  CG  . MET A 1 83  ? 1.040   13.687  -8.815  1.00 59.10  ? 77   MET A CG  1 
ATOM   616  S  SD  . MET A 1 83  ? -0.559  14.499  -8.653  1.00 70.34  ? 77   MET A SD  1 
ATOM   617  C  CE  . MET A 1 83  ? -0.414  15.238  -6.984  1.00 66.73  ? 77   MET A CE  1 
ATOM   618  N  N   . HIS A 1 84  ? 2.794   10.892  -5.654  1.00 44.76  ? 78   HIS A N   1 
ATOM   619  C  CA  . HIS A 1 84  ? 3.462   10.780  -4.371  1.00 42.70  ? 78   HIS A CA  1 
ATOM   620  C  C   . HIS A 1 84  ? 4.838   10.148  -4.511  1.00 41.95  ? 78   HIS A C   1 
ATOM   621  O  O   . HIS A 1 84  ? 5.789   10.539  -3.817  1.00 39.95  ? 78   HIS A O   1 
ATOM   622  C  CB  . HIS A 1 84  ? 2.612   9.978   -3.395  1.00 43.68  ? 78   HIS A CB  1 
ATOM   623  C  CG  . HIS A 1 84  ? 1.397   10.707  -2.920  1.00 44.85  ? 78   HIS A CG  1 
ATOM   624  N  ND1 . HIS A 1 84  ? 0.138   10.471  -3.430  1.00 48.63  ? 78   HIS A ND1 1 
ATOM   625  C  CD2 . HIS A 1 84  ? 1.245   11.660  -1.971  1.00 44.17  ? 78   HIS A CD2 1 
ATOM   626  C  CE1 . HIS A 1 84  ? -0.739  11.242  -2.810  1.00 46.24  ? 78   HIS A CE1 1 
ATOM   627  N  NE2 . HIS A 1 84  ? -0.092  11.972  -1.920  1.00 45.20  ? 78   HIS A NE2 1 
ATOM   628  N  N   . LEU A 1 85  ? 4.953   9.184   -5.417  1.00 41.77  ? 79   LEU A N   1 
ATOM   629  C  CA  . LEU A 1 85  ? 6.230   8.521   -5.627  1.00 44.25  ? 79   LEU A CA  1 
ATOM   630  C  C   . LEU A 1 85  ? 7.243   9.503   -6.193  1.00 46.56  ? 79   LEU A C   1 
ATOM   631  O  O   . LEU A 1 85  ? 8.384   9.544   -5.724  1.00 44.87  ? 79   LEU A O   1 
ATOM   632  C  CB  . LEU A 1 85  ? 6.078   7.307   -6.558  1.00 42.60  ? 79   LEU A CB  1 
ATOM   633  C  CG  . LEU A 1 85  ? 5.361   6.103   -5.937  1.00 40.77  ? 79   LEU A CG  1 
ATOM   634  C  CD1 . LEU A 1 85  ? 5.065   5.087   -7.011  1.00 38.24  ? 79   LEU A CD1 1 
ATOM   635  C  CD2 . LEU A 1 85  ? 6.216   5.495   -4.822  1.00 39.17  ? 79   LEU A CD2 1 
ATOM   636  N  N   . GLU A 1 86  ? 6.826   10.295  -7.185  1.00 49.37  ? 80   GLU A N   1 
ATOM   637  C  CA  . GLU A 1 86  ? 7.722   11.284  -7.791  1.00 53.37  ? 80   GLU A CA  1 
ATOM   638  C  C   . GLU A 1 86  ? 8.149   12.299  -6.737  1.00 53.51  ? 80   GLU A C   1 
ATOM   639  O  O   . GLU A 1 86  ? 9.307   12.728  -6.706  1.00 54.07  ? 80   GLU A O   1 
ATOM   640  C  CB  . GLU A 1 86  ? 7.054   11.995  -8.972  1.00 54.66  ? 80   GLU A CB  1 
ATOM   641  C  CG  . GLU A 1 86  ? 6.895   11.112  -10.189 1.00 60.51  ? 80   GLU A CG  1 
ATOM   642  C  CD  . GLU A 1 86  ? 6.332   11.851  -11.388 1.00 63.96  ? 80   GLU A CD  1 
ATOM   643  O  OE1 . GLU A 1 86  ? 5.316   12.560  -11.217 1.00 65.89  ? 80   GLU A OE1 1 
ATOM   644  O  OE2 . GLU A 1 86  ? 6.896   11.713  -12.500 1.00 64.60  ? 80   GLU A OE2 1 
ATOM   645  N  N   . SER A 1 87  ? 7.219   12.673  -5.863  1.00 52.95  ? 81   SER A N   1 
ATOM   646  C  CA  . SER A 1 87  ? 7.549   13.606  -4.795  1.00 52.33  ? 81   SER A CA  1 
ATOM   647  C  C   . SER A 1 87  ? 8.612   12.974  -3.902  1.00 53.16  ? 81   SER A C   1 
ATOM   648  O  O   . SER A 1 87  ? 9.630   13.596  -3.609  1.00 54.97  ? 81   SER A O   1 
ATOM   649  C  CB  . SER A 1 87  ? 6.314   13.933  -3.964  1.00 52.88  ? 81   SER A CB  1 
ATOM   650  O  OG  . SER A 1 87  ? 6.672   14.682  -2.813  1.00 53.91  ? 81   SER A OG  1 
ATOM   651  N  N   . LEU A 1 88  ? 8.381   11.737  -3.466  1.00 52.10  ? 82   LEU A N   1 
ATOM   652  C  CA  . LEU A 1 88  ? 9.356   11.053  -2.613  1.00 51.74  ? 82   LEU A CA  1 
ATOM   653  C  C   . LEU A 1 88  ? 10.673  10.874  -3.354  1.00 52.88  ? 82   LEU A C   1 
ATOM   654  O  O   . LEU A 1 88  ? 11.743  10.865  -2.746  1.00 50.57  ? 82   LEU A O   1 
ATOM   655  C  CB  . LEU A 1 88  ? 8.853   9.673   -2.196  1.00 48.64  ? 82   LEU A CB  1 
ATOM   656  C  CG  . LEU A 1 88  ? 9.873   8.863   -1.393  1.00 47.01  ? 82   LEU A CG  1 
ATOM   657  C  CD1 . LEU A 1 88  ? 9.739   9.200   0.069   1.00 44.10  ? 82   LEU A CD1 1 
ATOM   658  C  CD2 . LEU A 1 88  ? 9.649   7.381   -1.607  1.00 48.00  ? 82   LEU A CD2 1 
ATOM   659  N  N   . ALA A 1 89  ? 10.576  10.719  -4.672  1.00 55.74  ? 83   ALA A N   1 
ATOM   660  C  CA  . ALA A 1 89  ? 11.741  10.520  -5.519  1.00 58.18  ? 83   ALA A CA  1 
ATOM   661  C  C   . ALA A 1 89  ? 12.685  11.731  -5.515  1.00 60.43  ? 83   ALA A C   1 
ATOM   662  O  O   . ALA A 1 89  ? 13.872  11.597  -5.812  1.00 60.60  ? 83   ALA A O   1 
ATOM   663  C  CB  . ALA A 1 89  ? 11.293  10.199  -6.939  1.00 55.91  ? 83   ALA A CB  1 
ATOM   664  N  N   . LYS A 1 90  ? 12.167  12.907  -5.174  1.00 61.68  ? 84   LYS A N   1 
ATOM   665  C  CA  . LYS A 1 90  ? 13.002  14.104  -5.129  1.00 63.23  ? 84   LYS A CA  1 
ATOM   666  C  C   . LYS A 1 90  ? 13.714  14.253  -3.787  1.00 64.10  ? 84   LYS A C   1 
ATOM   667  O  O   . LYS A 1 90  ? 14.110  15.360  -3.424  1.00 66.78  ? 84   LYS A O   1 
ATOM   668  C  CB  . LYS A 1 90  ? 12.166  15.361  -5.378  1.00 63.23  ? 84   LYS A CB  1 
ATOM   669  C  CG  . LYS A 1 90  ? 11.396  15.343  -6.678  1.00 66.98  ? 84   LYS A CG  1 
ATOM   670  C  CD  . LYS A 1 90  ? 10.644  16.648  -6.912  1.00 69.29  ? 84   LYS A CD  1 
ATOM   671  C  CE  . LYS A 1 90  ? 9.576   16.464  -7.989  1.00 72.11  ? 84   LYS A CE  1 
ATOM   672  N  NZ  . LYS A 1 90  ? 10.099  15.729  -9.189  1.00 73.11  ? 84   LYS A NZ  1 
ATOM   673  N  N   . THR A 1 91  ? 13.887  13.162  -3.043  1.00 62.33  ? 85   THR A N   1 
ATOM   674  C  CA  . THR A 1 91  ? 14.551  13.274  -1.750  1.00 61.49  ? 85   THR A CA  1 
ATOM   675  C  C   . THR A 1 91  ? 15.637  12.235  -1.517  1.00 61.37  ? 85   THR A C   1 
ATOM   676  O  O   . THR A 1 91  ? 15.845  11.343  -2.328  1.00 61.63  ? 85   THR A O   1 
ATOM   677  C  CB  . THR A 1 91  ? 13.531  13.199  -0.583  1.00 62.16  ? 85   THR A CB  1 
ATOM   678  O  OG1 . THR A 1 91  ? 13.100  11.846  -0.389  1.00 62.49  ? 85   THR A OG1 1 
ATOM   679  C  CG2 . THR A 1 91  ? 12.319  14.055  -0.891  1.00 61.18  ? 85   THR A CG2 1 
ATOM   680  N  N   . GLN A 1 92  ? 16.333  12.370  -0.397  1.00 62.32  ? 86   GLN A N   1 
ATOM   681  C  CA  . GLN A 1 92  ? 17.408  11.454  -0.025  1.00 63.29  ? 86   GLN A CA  1 
ATOM   682  C  C   . GLN A 1 92  ? 16.884  10.034  0.184   1.00 63.14  ? 86   GLN A C   1 
ATOM   683  O  O   . GLN A 1 92  ? 17.668  9.078   0.271   1.00 63.43  ? 86   GLN A O   1 
ATOM   684  C  CB  . GLN A 1 92  ? 18.058  11.927  1.273   1.00 64.46  ? 86   GLN A CB  1 
ATOM   685  C  CG  . GLN A 1 92  ? 17.040  12.066  2.399   1.00 68.03  ? 86   GLN A CG  1 
ATOM   686  C  CD  . GLN A 1 92  ? 17.664  12.351  3.747   1.00 69.00  ? 86   GLN A CD  1 
ATOM   687  O  OE1 . GLN A 1 92  ? 18.517  11.599  4.225   1.00 70.11  ? 86   GLN A OE1 1 
ATOM   688  N  NE2 . GLN A 1 92  ? 17.231  13.436  4.377   1.00 69.22  ? 86   GLN A NE2 1 
ATOM   689  N  N   . TYR A 1 93  ? 15.562  9.900   0.281   1.00 61.07  ? 87   TYR A N   1 
ATOM   690  C  CA  . TYR A 1 93  ? 14.940  8.596   0.498   1.00 59.51  ? 87   TYR A CA  1 
ATOM   691  C  C   . TYR A 1 93  ? 14.708  7.847   -0.812  1.00 58.37  ? 87   TYR A C   1 
ATOM   692  O  O   . TYR A 1 93  ? 14.690  6.613   -0.833  1.00 56.50  ? 87   TYR A O   1 
ATOM   693  C  CB  . TYR A 1 93  ? 13.615  8.770   1.245   1.00 59.15  ? 87   TYR A CB  1 
ATOM   694  C  CG  . TYR A 1 93  ? 13.756  9.489   2.565   1.00 57.78  ? 87   TYR A CG  1 
ATOM   695  C  CD1 . TYR A 1 93  ? 14.730  9.108   3.488   1.00 57.95  ? 87   TYR A CD1 1 
ATOM   696  C  CD2 . TYR A 1 93  ? 12.927  10.562  2.886   1.00 57.82  ? 87   TYR A CD2 1 
ATOM   697  C  CE1 . TYR A 1 93  ? 14.877  9.781   4.702   1.00 58.27  ? 87   TYR A CE1 1 
ATOM   698  C  CE2 . TYR A 1 93  ? 13.067  11.246  4.098   1.00 57.83  ? 87   TYR A CE2 1 
ATOM   699  C  CZ  . TYR A 1 93  ? 14.042  10.849  5.001   1.00 58.64  ? 87   TYR A CZ  1 
ATOM   700  O  OH  . TYR A 1 93  ? 14.170  11.507  6.209   1.00 59.53  ? 87   TYR A OH  1 
ATOM   701  N  N   . GLY A 1 94  ? 14.554  8.602   -1.896  1.00 56.64  ? 88   GLY A N   1 
ATOM   702  C  CA  . GLY A 1 94  ? 14.317  8.015   -3.203  1.00 57.97  ? 88   GLY A CA  1 
ATOM   703  C  C   . GLY A 1 94  ? 15.390  7.102   -3.783  1.00 59.31  ? 88   GLY A C   1 
ATOM   704  O  O   . GLY A 1 94  ? 15.126  6.340   -4.719  1.00 59.99  ? 88   GLY A O   1 
ATOM   705  N  N   . VAL A 1 95  ? 16.604  7.159   -3.252  1.00 59.05  ? 89   VAL A N   1 
ATOM   706  C  CA  . VAL A 1 95  ? 17.659  6.303   -3.785  1.00 57.40  ? 89   VAL A CA  1 
ATOM   707  C  C   . VAL A 1 95  ? 17.711  4.984   -3.027  1.00 56.20  ? 89   VAL A C   1 
ATOM   708  O  O   . VAL A 1 95  ? 18.472  4.091   -3.399  1.00 56.63  ? 89   VAL A O   1 
ATOM   709  C  CB  . VAL A 1 95  ? 19.057  6.996   -3.730  1.00 57.59  ? 89   VAL A CB  1 
ATOM   710  C  CG1 . VAL A 1 95  ? 18.962  8.388   -4.324  1.00 55.27  ? 89   VAL A CG1 1 
ATOM   711  C  CG2 . VAL A 1 95  ? 19.577  7.050   -2.298  1.00 57.70  ? 89   VAL A CG2 1 
ATOM   712  N  N   . GLU A 1 96  ? 16.914  4.870   -1.962  1.00 53.81  ? 90   GLU A N   1 
ATOM   713  C  CA  . GLU A 1 96  ? 16.858  3.631   -1.182  1.00 52.03  ? 90   GLU A CA  1 
ATOM   714  C  C   . GLU A 1 96  ? 16.176  2.605   -2.070  1.00 50.19  ? 90   GLU A C   1 
ATOM   715  O  O   . GLU A 1 96  ? 15.557  2.951   -3.071  1.00 50.73  ? 90   GLU A O   1 
ATOM   716  C  CB  . GLU A 1 96  ? 16.011  3.783   0.083   1.00 53.95  ? 90   GLU A CB  1 
ATOM   717  C  CG  . GLU A 1 96  ? 16.471  4.809   1.108   1.00 54.85  ? 90   GLU A CG  1 
ATOM   718  C  CD  . GLU A 1 96  ? 15.539  4.847   2.320   1.00 56.69  ? 90   GLU A CD  1 
ATOM   719  O  OE1 . GLU A 1 96  ? 14.431  4.269   2.234   1.00 56.07  ? 90   GLU A OE1 1 
ATOM   720  O  OE2 . GLU A 1 96  ? 15.900  5.459   3.351   1.00 56.65  ? 90   GLU A OE2 1 
ATOM   721  N  N   . PRO A 1 97  ? 16.280  1.322   -1.722  1.00 49.39  ? 91   PRO A N   1 
ATOM   722  C  CA  . PRO A 1 97  ? 15.612  0.349   -2.585  1.00 48.54  ? 91   PRO A CA  1 
ATOM   723  C  C   . PRO A 1 97  ? 14.090  0.366   -2.339  1.00 47.85  ? 91   PRO A C   1 
ATOM   724  O  O   . PRO A 1 97  ? 13.636  0.387   -1.189  1.00 47.31  ? 91   PRO A O   1 
ATOM   725  C  CB  . PRO A 1 97  ? 16.280  -0.968  -2.183  1.00 47.81  ? 91   PRO A CB  1 
ATOM   726  C  CG  . PRO A 1 97  ? 16.561  -0.762  -0.736  1.00 46.63  ? 91   PRO A CG  1 
ATOM   727  C  CD  . PRO A 1 97  ? 17.072  0.651   -0.674  1.00 47.45  ? 91   PRO A CD  1 
ATOM   728  N  N   . TRP A 1 98  ? 13.317  0.381   -3.423  1.00 46.33  ? 92   TRP A N   1 
ATOM   729  C  CA  . TRP A 1 98  ? 11.857  0.387   -3.346  1.00 44.19  ? 92   TRP A CA  1 
ATOM   730  C  C   . TRP A 1 98  ? 11.305  -0.728  -4.228  1.00 43.82  ? 92   TRP A C   1 
ATOM   731  O  O   . TRP A 1 98  ? 11.495  -0.737  -5.449  1.00 43.05  ? 92   TRP A O   1 
ATOM   732  C  CB  . TRP A 1 98  ? 11.283  1.748   -3.790  1.00 43.54  ? 92   TRP A CB  1 
ATOM   733  C  CG  . TRP A 1 98  ? 11.526  2.855   -2.800  1.00 45.18  ? 92   TRP A CG  1 
ATOM   734  C  CD1 . TRP A 1 98  ? 12.592  3.707   -2.765  1.00 47.47  ? 92   TRP A CD1 1 
ATOM   735  C  CD2 . TRP A 1 98  ? 10.734  3.162   -1.645  1.00 46.44  ? 92   TRP A CD2 1 
ATOM   736  N  NE1 . TRP A 1 98  ? 12.519  4.523   -1.659  1.00 46.54  ? 92   TRP A NE1 1 
ATOM   737  C  CE2 . TRP A 1 98  ? 11.389  4.208   -0.953  1.00 47.40  ? 92   TRP A CE2 1 
ATOM   738  C  CE3 . TRP A 1 98  ? 9.536   2.652   -1.123  1.00 47.43  ? 92   TRP A CE3 1 
ATOM   739  C  CZ2 . TRP A 1 98  ? 10.886  4.754   0.238   1.00 48.32  ? 92   TRP A CZ2 1 
ATOM   740  C  CZ3 . TRP A 1 98  ? 9.036   3.195   0.062   1.00 48.14  ? 92   TRP A CZ3 1 
ATOM   741  C  CH2 . TRP A 1 98  ? 9.713   4.237   0.728   1.00 48.17  ? 92   TRP A CH2 1 
ATOM   742  N  N   . THR A 1 99  ? 10.615  -1.671  -3.601  1.00 43.82  ? 93   THR A N   1 
ATOM   743  C  CA  . THR A 1 99  ? 10.052  -2.808  -4.321  1.00 42.97  ? 93   THR A CA  1 
ATOM   744  C  C   . THR A 1 99  ? 8.675   -2.490  -4.893  1.00 43.32  ? 93   THR A C   1 
ATOM   745  O  O   . THR A 1 99  ? 8.046   -1.508  -4.505  1.00 42.04  ? 93   THR A O   1 
ATOM   746  C  CB  . THR A 1 99  ? 9.884   -4.005  -3.401  1.00 42.15  ? 93   THR A CB  1 
ATOM   747  O  OG1 . THR A 1 99  ? 8.861   -3.710  -2.450  1.00 41.54  ? 93   THR A OG1 1 
ATOM   748  C  CG2 . THR A 1 99  ? 11.169  -4.305  -2.675  1.00 37.95  ? 93   THR A CG2 1 
ATOM   749  N  N   . LEU A 1 100 ? 8.219   -3.331  -5.815  1.00 43.10  ? 94   LEU A N   1 
ATOM   750  C  CA  . LEU A 1 100 ? 6.911   -3.158  -6.429  1.00 45.24  ? 94   LEU A CA  1 
ATOM   751  C  C   . LEU A 1 100 ? 5.814   -3.162  -5.361  1.00 44.37  ? 94   LEU A C   1 
ATOM   752  O  O   . LEU A 1 100 ? 4.826   -2.442  -5.452  1.00 43.81  ? 94   LEU A O   1 
ATOM   753  C  CB  . LEU A 1 100 ? 6.651   -4.276  -7.433  1.00 43.33  ? 94   LEU A CB  1 
ATOM   754  C  CG  . LEU A 1 100 ? 5.306   -4.162  -8.143  1.00 45.54  ? 94   LEU A CG  1 
ATOM   755  C  CD1 . LEU A 1 100 ? 5.526   -4.262  -9.638  1.00 45.97  ? 94   LEU A CD1 1 
ATOM   756  C  CD2 . LEU A 1 100 ? 4.353   -5.251  -7.646  1.00 45.79  ? 94   LEU A CD2 1 
ATOM   757  N  N   . GLN A 1 101 ? 6.018   -3.970  -4.335  1.00 45.25  ? 95   GLN A N   1 
ATOM   758  C  CA  . GLN A 1 101 ? 5.064   -4.088  -3.255  1.00 46.12  ? 95   GLN A CA  1 
ATOM   759  C  C   . GLN A 1 101 ? 5.082   -2.843  -2.378  1.00 45.47  ? 95   GLN A C   1 
ATOM   760  O  O   . GLN A 1 101 ? 4.019   -2.355  -1.979  1.00 44.43  ? 95   GLN A O   1 
ATOM   761  C  CB  . GLN A 1 101 ? 5.388   -5.344  -2.442  1.00 50.29  ? 95   GLN A CB  1 
ATOM   762  C  CG  . GLN A 1 101 ? 4.521   -5.563  -1.223  1.00 60.32  ? 95   GLN A CG  1 
ATOM   763  C  CD  . GLN A 1 101 ? 4.709   -6.954  -0.615  1.00 67.02  ? 95   GLN A CD  1 
ATOM   764  O  OE1 . GLN A 1 101 ? 4.320   -7.200  0.538   1.00 67.88  ? 95   GLN A OE1 1 
ATOM   765  N  NE2 . GLN A 1 101 ? 5.295   -7.875  -1.394  1.00 66.89  ? 95   GLN A NE2 1 
ATOM   766  N  N   . ASP A 1 102 ? 6.282   -2.334  -2.082  1.00 44.70  ? 96   ASP A N   1 
ATOM   767  C  CA  . ASP A 1 102 ? 6.441   -1.132  -1.256  1.00 43.36  ? 96   ASP A CA  1 
ATOM   768  C  C   . ASP A 1 102 ? 5.756   0.083   -1.883  1.00 42.48  ? 96   ASP A C   1 
ATOM   769  O  O   . ASP A 1 102 ? 5.360   1.003   -1.177  1.00 43.70  ? 96   ASP A O   1 
ATOM   770  C  CB  . ASP A 1 102 ? 7.927   -0.779  -1.035  1.00 46.83  ? 96   ASP A CB  1 
ATOM   771  C  CG  . ASP A 1 102 ? 8.676   -1.804  -0.164  1.00 49.47  ? 96   ASP A CG  1 
ATOM   772  O  OD1 . ASP A 1 102 ? 8.065   -2.363  0.770   1.00 49.50  ? 96   ASP A OD1 1 
ATOM   773  O  OD2 . ASP A 1 102 ? 9.888   -2.027  -0.403  1.00 48.90  ? 96   ASP A OD2 1 
ATOM   774  N  N   . THR A 1 103 ? 5.602   0.077   -3.203  1.00 40.08  ? 97   THR A N   1 
ATOM   775  C  CA  . THR A 1 103 ? 4.985   1.197   -3.904  1.00 40.07  ? 97   THR A CA  1 
ATOM   776  C  C   . THR A 1 103 ? 3.615   0.896   -4.543  1.00 40.49  ? 97   THR A C   1 
ATOM   777  O  O   . THR A 1 103 ? 3.223   1.535   -5.520  1.00 39.28  ? 97   THR A O   1 
ATOM   778  C  CB  . THR A 1 103 ? 5.913   1.696   -5.000  1.00 39.03  ? 97   THR A CB  1 
ATOM   779  O  OG1 . THR A 1 103 ? 6.008   0.692   -6.015  1.00 39.16  ? 97   THR A OG1 1 
ATOM   780  C  CG2 . THR A 1 103 ? 7.309   1.970   -4.428  1.00 37.84  ? 97   THR A CG2 1 
ATOM   781  N  N   . SER A 1 104 ? 2.892   -0.073  -3.987  1.00 39.92  ? 98   SER A N   1 
ATOM   782  C  CA  . SER A 1 104 ? 1.576   -0.454  -4.491  1.00 38.44  ? 98   SER A CA  1 
ATOM   783  C  C   . SER A 1 104 ? 0.495   0.386   -3.826  1.00 37.68  ? 98   SER A C   1 
ATOM   784  O  O   . SER A 1 104 ? 0.716   0.975   -2.777  1.00 36.93  ? 98   SER A O   1 
ATOM   785  C  CB  . SER A 1 104 ? 1.307   -1.934  -4.192  1.00 38.48  ? 98   SER A CB  1 
ATOM   786  O  OG  . SER A 1 104 ? 1.183   -2.163  -2.795  1.00 34.69  ? 98   SER A OG  1 
ATOM   787  N  N   . TYR A 1 105 ? -0.675  0.443   -4.447  1.00 40.44  ? 99   TYR A N   1 
ATOM   788  C  CA  . TYR A 1 105 ? -1.799  1.179   -3.882  1.00 39.54  ? 99   TYR A CA  1 
ATOM   789  C  C   . TYR A 1 105 ? -2.270  0.355   -2.671  1.00 41.44  ? 99   TYR A C   1 
ATOM   790  O  O   . TYR A 1 105 ? -2.714  0.893   -1.650  1.00 41.54  ? 99   TYR A O   1 
ATOM   791  C  CB  . TYR A 1 105 ? -2.911  1.290   -4.916  1.00 39.27  ? 99   TYR A CB  1 
ATOM   792  C  CG  . TYR A 1 105 ? -4.087  2.147   -4.489  1.00 42.71  ? 99   TYR A CG  1 
ATOM   793  C  CD1 . TYR A 1 105 ? -3.956  3.518   -4.338  1.00 41.99  ? 99   TYR A CD1 1 
ATOM   794  C  CD2 . TYR A 1 105 ? -5.333  1.576   -4.225  1.00 45.65  ? 99   TYR A CD2 1 
ATOM   795  C  CE1 . TYR A 1 105 ? -5.020  4.299   -3.933  1.00 45.00  ? 99   TYR A CE1 1 
ATOM   796  C  CE2 . TYR A 1 105 ? -6.413  2.353   -3.821  1.00 45.37  ? 99   TYR A CE2 1 
ATOM   797  C  CZ  . TYR A 1 105 ? -6.248  3.713   -3.676  1.00 46.49  ? 99   TYR A CZ  1 
ATOM   798  O  OH  . TYR A 1 105 ? -7.308  4.497   -3.268  1.00 47.41  ? 99   TYR A OH  1 
ATOM   799  N  N   . GLU A 1 106 ? -2.145  -0.960  -2.789  1.00 41.90  ? 100  GLU A N   1 
ATOM   800  C  CA  . GLU A 1 106 ? -2.533  -1.871  -1.725  1.00 44.36  ? 100  GLU A CA  1 
ATOM   801  C  C   . GLU A 1 106 ? -1.829  -1.506  -0.428  1.00 44.71  ? 100  GLU A C   1 
ATOM   802  O  O   . GLU A 1 106 ? -2.460  -1.422  0.623   1.00 45.59  ? 100  GLU A O   1 
ATOM   803  C  CB  . GLU A 1 106 ? -2.168  -3.306  -2.103  1.00 47.02  ? 100  GLU A CB  1 
ATOM   804  C  CG  . GLU A 1 106 ? -2.521  -4.345  -1.051  1.00 51.12  ? 100  GLU A CG  1 
ATOM   805  C  CD  . GLU A 1 106 ? -4.028  -4.556  -0.923  1.00 55.55  ? 100  GLU A CD  1 
ATOM   806  O  OE1 . GLU A 1 106 ? -4.796  -3.911  -1.681  1.00 54.97  ? 100  GLU A OE1 1 
ATOM   807  O  OE2 . GLU A 1 106 ? -4.436  -5.372  -0.065  1.00 56.22  ? 100  GLU A OE2 1 
ATOM   808  N  N   . MET A 1 107 ? -0.516  -1.300  -0.506  1.00 44.14  ? 101  MET A N   1 
ATOM   809  C  CA  . MET A 1 107 ? 0.269   -0.950  0.665   1.00 43.69  ? 101  MET A CA  1 
ATOM   810  C  C   . MET A 1 107 ? -0.010  0.467   1.133   1.00 43.18  ? 101  MET A C   1 
ATOM   811  O  O   . MET A 1 107 ? 0.030   0.753   2.326   1.00 41.23  ? 101  MET A O   1 
ATOM   812  C  CB  . MET A 1 107 ? 1.761   -1.092  0.375   1.00 48.61  ? 101  MET A CB  1 
ATOM   813  C  CG  . MET A 1 107 ? 2.587   -1.331  1.630   1.00 54.37  ? 101  MET A CG  1 
ATOM   814  S  SD  . MET A 1 107 ? 2.585   -3.090  2.086   1.00 61.66  ? 101  MET A SD  1 
ATOM   815  C  CE  . MET A 1 107 ? 0.841   -3.460  2.386   1.00 56.70  ? 101  MET A CE  1 
ATOM   816  N  N   . TRP A 1 108 ? -0.289  1.347   0.178   1.00 43.63  ? 102  TRP A N   1 
ATOM   817  C  CA  . TRP A 1 108 ? -0.583  2.747   0.454   1.00 42.58  ? 102  TRP A CA  1 
ATOM   818  C  C   . TRP A 1 108 ? -1.767  2.833   1.410   1.00 43.14  ? 102  TRP A C   1 
ATOM   819  O  O   . TRP A 1 108 ? -1.756  3.618   2.355   1.00 43.65  ? 102  TRP A O   1 
ATOM   820  C  CB  . TRP A 1 108 ? -0.898  3.462   -0.864  1.00 42.17  ? 102  TRP A CB  1 
ATOM   821  C  CG  . TRP A 1 108 ? -1.166  4.957   -0.772  1.00 42.63  ? 102  TRP A CG  1 
ATOM   822  C  CD1 . TRP A 1 108 ? -2.330  5.592   -1.087  1.00 43.56  ? 102  TRP A CD1 1 
ATOM   823  C  CD2 . TRP A 1 108 ? -0.225  5.995   -0.442  1.00 40.90  ? 102  TRP A CD2 1 
ATOM   824  N  NE1 . TRP A 1 108 ? -2.175  6.951   -0.986  1.00 43.74  ? 102  TRP A NE1 1 
ATOM   825  C  CE2 . TRP A 1 108 ? -0.892  7.225   -0.592  1.00 41.83  ? 102  TRP A CE2 1 
ATOM   826  C  CE3 . TRP A 1 108 ? 1.117   5.998   -0.041  1.00 38.99  ? 102  TRP A CE3 1 
ATOM   827  C  CZ2 . TRP A 1 108 ? -0.265  8.459   -0.356  1.00 42.87  ? 102  TRP A CZ2 1 
ATOM   828  C  CZ3 . TRP A 1 108 ? 1.744   7.221   0.193   1.00 42.94  ? 102  TRP A CZ3 1 
ATOM   829  C  CH2 . TRP A 1 108 ? 1.051   8.435   0.036   1.00 42.58  ? 102  TRP A CH2 1 
ATOM   830  N  N   . LEU A 1 109 ? -2.784  2.013   1.169   1.00 44.05  ? 103  LEU A N   1 
ATOM   831  C  CA  . LEU A 1 109 ? -3.964  2.013   2.019   1.00 45.79  ? 103  LEU A CA  1 
ATOM   832  C  C   . LEU A 1 109 ? -3.840  1.173   3.292   1.00 47.07  ? 103  LEU A C   1 
ATOM   833  O  O   . LEU A 1 109 ? -4.728  1.195   4.125   1.00 48.59  ? 103  LEU A O   1 
ATOM   834  C  CB  . LEU A 1 109 ? -5.193  1.587   1.217   1.00 45.83  ? 103  LEU A CB  1 
ATOM   835  C  CG  . LEU A 1 109 ? -5.651  2.593   0.146   1.00 48.82  ? 103  LEU A CG  1 
ATOM   836  C  CD1 . LEU A 1 109 ? -6.958  2.117   -0.451  1.00 49.19  ? 103  LEU A CD1 1 
ATOM   837  C  CD2 . LEU A 1 109 ? -5.838  3.983   0.748   1.00 47.96  ? 103  LEU A CD2 1 
ATOM   838  N  N   . THR A 1 110 ? -2.746  0.433   3.447   1.00 49.46  ? 104  THR A N   1 
ATOM   839  C  CA  . THR A 1 110 ? -2.531  -0.357  4.665   1.00 50.94  ? 104  THR A CA  1 
ATOM   840  C  C   . THR A 1 110 ? -2.025  0.597   5.755   1.00 53.22  ? 104  THR A C   1 
ATOM   841  O  O   . THR A 1 110 ? -1.230  1.493   5.475   1.00 54.52  ? 104  THR A O   1 
ATOM   842  C  CB  . THR A 1 110 ? -1.477  -1.451  4.438   1.00 49.72  ? 104  THR A CB  1 
ATOM   843  O  OG1 . THR A 1 110 ? -1.929  -2.340  3.407   1.00 50.21  ? 104  THR A OG1 1 
ATOM   844  C  CG2 . THR A 1 110 ? -1.245  -2.240  5.709   1.00 47.94  ? 104  THR A CG2 1 
ATOM   845  N  N   . PRO A 1 111 ? -2.483  0.423   7.011   1.00 54.47  ? 105  PRO A N   1 
ATOM   846  C  CA  . PRO A 1 111 ? -2.070  1.282   8.136   1.00 54.64  ? 105  PRO A CA  1 
ATOM   847  C  C   . PRO A 1 111 ? -0.566  1.276   8.403   1.00 54.27  ? 105  PRO A C   1 
ATOM   848  O  O   . PRO A 1 111 ? 0.054   0.219   8.426   1.00 55.74  ? 105  PRO A O   1 
ATOM   849  C  CB  . PRO A 1 111 ? -2.851  0.705   9.318   1.00 55.40  ? 105  PRO A CB  1 
ATOM   850  C  CG  . PRO A 1 111 ? -4.072  0.108   8.667   1.00 55.11  ? 105  PRO A CG  1 
ATOM   851  C  CD  . PRO A 1 111 ? -3.474  -0.571  7.458   1.00 55.14  ? 105  PRO A CD  1 
ATOM   852  N  N   . PRO A 1 112 ? 0.045   2.459   8.593   1.00 54.03  ? 106  PRO A N   1 
ATOM   853  C  CA  . PRO A 1 112 ? -0.565  3.796   8.570   1.00 53.94  ? 106  PRO A CA  1 
ATOM   854  C  C   . PRO A 1 112 ? -0.872  4.265   7.144   1.00 54.07  ? 106  PRO A C   1 
ATOM   855  O  O   . PRO A 1 112 ? 0.022   4.409   6.306   1.00 53.98  ? 106  PRO A O   1 
ATOM   856  C  CB  . PRO A 1 112 ? 0.484   4.667   9.261   1.00 53.79  ? 106  PRO A CB  1 
ATOM   857  C  CG  . PRO A 1 112 ? 1.765   4.007   8.887   1.00 54.36  ? 106  PRO A CG  1 
ATOM   858  C  CD  . PRO A 1 112 ? 1.442   2.536   9.054   1.00 54.30  ? 106  PRO A CD  1 
ATOM   859  N  N   . LYS A 1 113 ? -2.154  4.493   6.902   1.00 53.64  ? 107  LYS A N   1 
ATOM   860  C  CA  . LYS A 1 113 ? -2.694  4.928   5.623   1.00 54.47  ? 107  LYS A CA  1 
ATOM   861  C  C   . LYS A 1 113 ? -2.079  6.210   5.029   1.00 52.65  ? 107  LYS A C   1 
ATOM   862  O  O   . LYS A 1 113 ? -1.836  7.192   5.726   1.00 50.49  ? 107  LYS A O   1 
ATOM   863  C  CB  . LYS A 1 113 ? -4.209  5.059   5.799   1.00 57.02  ? 107  LYS A CB  1 
ATOM   864  C  CG  . LYS A 1 113 ? -4.970  5.720   4.684   1.00 63.58  ? 107  LYS A CG  1 
ATOM   865  C  CD  . LYS A 1 113 ? -6.483  5.592   4.934   1.00 67.35  ? 107  LYS A CD  1 
ATOM   866  C  CE  . LYS A 1 113 ? -6.895  6.212   6.273   1.00 68.03  ? 107  LYS A CE  1 
ATOM   867  N  NZ  . LYS A 1 113 ? -6.621  7.678   6.304   1.00 70.74  ? 107  LYS A NZ  1 
ATOM   868  N  N   . ARG A 1 114 ? -1.831  6.168   3.724   1.00 53.18  ? 108  ARG A N   1 
ATOM   869  C  CA  . ARG A 1 114 ? -1.247  7.274   2.965   1.00 53.97  ? 108  ARG A CA  1 
ATOM   870  C  C   . ARG A 1 114 ? 0.105   7.727   3.475   1.00 53.33  ? 108  ARG A C   1 
ATOM   871  O  O   . ARG A 1 114 ? 0.383   8.919   3.626   1.00 52.90  ? 108  ARG A O   1 
ATOM   872  C  CB  . ARG A 1 114 ? -2.221  8.451   2.883   1.00 55.08  ? 108  ARG A CB  1 
ATOM   873  C  CG  . ARG A 1 114 ? -3.508  8.063   2.182   1.00 57.25  ? 108  ARG A CG  1 
ATOM   874  C  CD  . ARG A 1 114 ? -4.160  9.212   1.451   1.00 60.16  ? 108  ARG A CD  1 
ATOM   875  N  NE  . ARG A 1 114 ? -5.312  8.740   0.688   1.00 62.06  ? 108  ARG A NE  1 
ATOM   876  C  CZ  . ARG A 1 114 ? -6.416  8.237   1.237   1.00 64.56  ? 108  ARG A CZ  1 
ATOM   877  N  NH1 . ARG A 1 114 ? -6.521  8.154   2.562   1.00 64.42  ? 108  ARG A NH1 1 
ATOM   878  N  NH2 . ARG A 1 114 ? -7.400  7.786   0.461   1.00 61.51  ? 108  ARG A NH2 1 
ATOM   879  N  N   . CYS A 1 115 ? 0.943   6.730   3.724   1.00 52.60  ? 109  CYS A N   1 
ATOM   880  C  CA  . CYS A 1 115 ? 2.312   6.890   4.183   1.00 51.82  ? 109  CYS A CA  1 
ATOM   881  C  C   . CYS A 1 115 ? 3.024   5.738   3.491   1.00 49.83  ? 109  CYS A C   1 
ATOM   882  O  O   . CYS A 1 115 ? 2.403   4.720   3.203   1.00 50.18  ? 109  CYS A O   1 
ATOM   883  C  CB  . CYS A 1 115 ? 2.427   6.655   5.690   1.00 53.37  ? 109  CYS A CB  1 
ATOM   884  S  SG  . CYS A 1 115 ? 1.609   7.835   6.760   1.00 64.63  ? 109  CYS A SG  1 
ATOM   885  N  N   . PHE A 1 116 ? 4.305   5.880   3.199   1.00 46.07  ? 110  PHE A N   1 
ATOM   886  C  CA  . PHE A 1 116 ? 5.007   4.762   2.615   1.00 43.02  ? 110  PHE A CA  1 
ATOM   887  C  C   . PHE A 1 116 ? 5.623   4.051   3.811   1.00 43.34  ? 110  PHE A C   1 
ATOM   888  O  O   . PHE A 1 116 ? 5.857   4.678   4.841   1.00 43.66  ? 110  PHE A O   1 
ATOM   889  C  CB  . PHE A 1 116 ? 6.082   5.237   1.634   1.00 41.42  ? 110  PHE A CB  1 
ATOM   890  C  CG  . PHE A 1 116 ? 5.527   5.743   0.328   1.00 41.58  ? 110  PHE A CG  1 
ATOM   891  C  CD1 . PHE A 1 116 ? 4.772   4.897   -0.499  1.00 38.01  ? 110  PHE A CD1 1 
ATOM   892  C  CD2 . PHE A 1 116 ? 5.708   7.073   -0.055  1.00 40.61  ? 110  PHE A CD2 1 
ATOM   893  C  CE1 . PHE A 1 116 ? 4.197   5.368   -1.677  1.00 38.52  ? 110  PHE A CE1 1 
ATOM   894  C  CE2 . PHE A 1 116 ? 5.139   7.562   -1.241  1.00 42.24  ? 110  PHE A CE2 1 
ATOM   895  C  CZ  . PHE A 1 116 ? 4.378   6.707   -2.055  1.00 40.39  ? 110  PHE A CZ  1 
ATOM   896  N  N   . LYS A 1 117 ? 5.845   2.744   3.703   1.00 42.89  ? 111  LYS A N   1 
ATOM   897  C  CA  . LYS A 1 117 ? 6.462   1.994   4.795   1.00 42.13  ? 111  LYS A CA  1 
ATOM   898  C  C   . LYS A 1 117 ? 7.263   0.808   4.294   1.00 43.63  ? 111  LYS A C   1 
ATOM   899  O  O   . LYS A 1 117 ? 6.978   0.267   3.228   1.00 43.60  ? 111  LYS A O   1 
ATOM   900  C  CB  . LYS A 1 117 ? 5.420   1.520   5.815   1.00 40.75  ? 111  LYS A CB  1 
ATOM   901  C  CG  . LYS A 1 117 ? 4.138   0.916   5.255   1.00 39.02  ? 111  LYS A CG  1 
ATOM   902  C  CD  . LYS A 1 117 ? 3.196   2.008   4.779   1.00 37.28  ? 111  LYS A CD  1 
ATOM   903  C  CE  . LYS A 1 117 ? 1.748   1.573   4.883   1.00 35.70  ? 111  LYS A CE  1 
ATOM   904  N  NZ  . LYS A 1 117 ? 0.828   2.653   4.440   1.00 34.18  ? 111  LYS A NZ  1 
ATOM   905  N  N   . LYS A 1 118 ? 8.279   0.423   5.061   1.00 45.15  ? 112  LYS A N   1 
ATOM   906  C  CA  . LYS A 1 118 ? 9.136   -0.702  4.699   1.00 47.88  ? 112  LYS A CA  1 
ATOM   907  C  C   . LYS A 1 118 ? 9.560   -1.509  5.912   1.00 49.54  ? 112  LYS A C   1 
ATOM   908  O  O   . LYS A 1 118 ? 9.424   -1.057  7.047   1.00 51.22  ? 112  LYS A O   1 
ATOM   909  C  CB  . LYS A 1 118 ? 10.383  -0.211  3.960   1.00 47.97  ? 112  LYS A CB  1 
ATOM   910  C  CG  . LYS A 1 118 ? 10.107  0.318   2.572   1.00 49.23  ? 112  LYS A CG  1 
ATOM   911  C  CD  . LYS A 1 118 ? 11.387  0.468   1.761   1.00 52.32  ? 112  LYS A CD  1 
ATOM   912  C  CE  . LYS A 1 118 ? 12.281  1.588   2.274   1.00 53.88  ? 112  LYS A CE  1 
ATOM   913  N  NZ  . LYS A 1 118 ? 13.542  1.677   1.481   1.00 53.52  ? 112  LYS A NZ  1 
ATOM   914  N  N   . GLN A 1 119 ? 10.090  -2.702  5.659   1.00 52.07  ? 113  GLN A N   1 
ATOM   915  C  CA  . GLN A 1 119 ? 10.549  -3.610  6.708   1.00 52.75  ? 113  GLN A CA  1 
ATOM   916  C  C   . GLN A 1 119 ? 9.477   -3.884  7.735   1.00 51.29  ? 113  GLN A C   1 
ATOM   917  O  O   . GLN A 1 119 ? 9.544   -3.401  8.862   1.00 50.91  ? 113  GLN A O   1 
ATOM   918  C  CB  . GLN A 1 119 ? 11.791  -3.061  7.415   1.00 57.06  ? 113  GLN A CB  1 
ATOM   919  C  CG  . GLN A 1 119 ? 13.117  -3.512  6.806   1.00 64.43  ? 113  GLN A CG  1 
ATOM   920  C  CD  . GLN A 1 119 ? 13.736  -2.475  5.880   1.00 69.88  ? 113  GLN A CD  1 
ATOM   921  O  OE1 . GLN A 1 119 ? 13.182  -2.149  4.822   1.00 71.85  ? 113  GLN A OE1 1 
ATOM   922  N  NE2 . GLN A 1 119 ? 14.899  -1.946  6.277   1.00 72.13  ? 113  GLN A NE2 1 
ATOM   923  N  N   . GLY A 1 120 ? 8.484   -4.667  7.346   1.00 51.62  ? 114  GLY A N   1 
ATOM   924  C  CA  . GLY A 1 120 ? 7.412   -4.986  8.269   1.00 52.96  ? 114  GLY A CA  1 
ATOM   925  C  C   . GLY A 1 120 ? 7.772   -6.175  9.136   1.00 52.54  ? 114  GLY A C   1 
ATOM   926  O  O   . GLY A 1 120 ? 8.526   -7.042  8.710   1.00 54.11  ? 114  GLY A O   1 
ATOM   927  N  N   . ASN A 1 121 ? 7.262   -6.193  10.365  1.00 51.78  ? 115  ASN A N   1 
ATOM   928  C  CA  . ASN A 1 121 ? 7.495   -7.292  11.288  1.00 50.15  ? 115  ASN A CA  1 
ATOM   929  C  C   . ASN A 1 121 ? 6.175   -7.666  11.922  1.00 50.24  ? 115  ASN A C   1 
ATOM   930  O  O   . ASN A 1 121 ? 5.258   -6.843  11.999  1.00 47.56  ? 115  ASN A O   1 
ATOM   931  C  CB  . ASN A 1 121 ? 8.506   -6.919  12.361  1.00 50.63  ? 115  ASN A CB  1 
ATOM   932  C  CG  . ASN A 1 121 ? 9.930   -6.996  11.854  1.00 53.02  ? 115  ASN A CG  1 
ATOM   933  O  OD1 . ASN A 1 121 ? 10.536  -5.983  11.492  1.00 53.68  ? 115  ASN A OD1 1 
ATOM   934  N  ND2 . ASN A 1 121 ? 10.468  -8.212  11.804  1.00 53.75  ? 115  ASN A ND2 1 
ATOM   935  N  N   . THR A 1 122 ? 6.086   -8.915  12.369  1.00 50.40  ? 116  THR A N   1 
ATOM   936  C  CA  . THR A 1 122 ? 4.870   -9.448  12.955  1.00 50.85  ? 116  THR A CA  1 
ATOM   937  C  C   . THR A 1 122 ? 4.702   -9.188  14.438  1.00 53.22  ? 116  THR A C   1 
ATOM   938  O  O   . THR A 1 122 ? 5.657   -9.256  15.209  1.00 54.86  ? 116  THR A O   1 
ATOM   939  C  CB  . THR A 1 122 ? 4.782   -10.967 12.720  1.00 50.83  ? 116  THR A CB  1 
ATOM   940  O  OG1 . THR A 1 122 ? 4.950   -11.238 11.323  1.00 50.32  ? 116  THR A OG1 1 
ATOM   941  C  CG2 . THR A 1 122 ? 3.425   -11.509 13.177  1.00 49.73  ? 116  THR A CG2 1 
ATOM   942  N  N   . VAL A 1 123 ? 3.467   -8.891  14.824  1.00 54.85  ? 117  VAL A N   1 
ATOM   943  C  CA  . VAL A 1 123 ? 3.110   -8.645  16.214  1.00 56.07  ? 117  VAL A CA  1 
ATOM   944  C  C   . VAL A 1 123 ? 1.875   -9.492  16.525  1.00 57.41  ? 117  VAL A C   1 
ATOM   945  O  O   . VAL A 1 123 ? 0.858   -9.393  15.843  1.00 57.43  ? 117  VAL A O   1 
ATOM   946  C  CB  . VAL A 1 123 ? 2.766   -7.162  16.449  1.00 52.90  ? 117  VAL A CB  1 
ATOM   947  C  CG1 . VAL A 1 123 ? 2.167   -6.982  17.822  1.00 53.76  ? 117  VAL A CG1 1 
ATOM   948  C  CG2 . VAL A 1 123 ? 4.002   -6.327  16.312  1.00 52.67  ? 117  VAL A CG2 1 
ATOM   949  N  N   . GLU A 1 124 ? 1.965   -10.333 17.547  1.00 59.78  ? 118  GLU A N   1 
ATOM   950  C  CA  . GLU A 1 124 ? 0.831   -11.167 17.910  1.00 62.65  ? 118  GLU A CA  1 
ATOM   951  C  C   . GLU A 1 124 ? 0.171   -10.695 19.188  1.00 62.33  ? 118  GLU A C   1 
ATOM   952  O  O   . GLU A 1 124 ? 0.840   -10.318 20.144  1.00 62.33  ? 118  GLU A O   1 
ATOM   953  C  CB  . GLU A 1 124 ? 1.251   -12.636 18.056  1.00 65.91  ? 118  GLU A CB  1 
ATOM   954  C  CG  . GLU A 1 124 ? 1.399   -13.361 16.727  1.00 73.63  ? 118  GLU A CG  1 
ATOM   955  C  CD  . GLU A 1 124 ? 1.636   -14.854 16.884  1.00 79.32  ? 118  GLU A CD  1 
ATOM   956  O  OE1 . GLU A 1 124 ? 0.909   -15.498 17.676  1.00 82.43  ? 118  GLU A OE1 1 
ATOM   957  O  OE2 . GLU A 1 124 ? 2.541   -15.390 16.204  1.00 81.38  ? 118  GLU A OE2 1 
ATOM   958  N  N   . VAL A 1 125 ? -1.154  -10.715 19.180  1.00 62.88  ? 119  VAL A N   1 
ATOM   959  C  CA  . VAL A 1 125 ? -1.951  -10.318 20.323  1.00 63.83  ? 119  VAL A CA  1 
ATOM   960  C  C   . VAL A 1 125 ? -2.931  -11.444 20.637  1.00 66.72  ? 119  VAL A C   1 
ATOM   961  O  O   . VAL A 1 125 ? -3.775  -11.785 19.815  1.00 67.51  ? 119  VAL A O   1 
ATOM   962  C  CB  . VAL A 1 125 ? -2.750  -9.044  20.025  1.00 62.72  ? 119  VAL A CB  1 
ATOM   963  C  CG1 . VAL A 1 125 ? -3.518  -8.620  21.261  1.00 60.84  ? 119  VAL A CG1 1 
ATOM   964  C  CG2 . VAL A 1 125 ? -1.813  -7.938  19.554  1.00 62.88  ? 119  VAL A CG2 1 
ATOM   965  N  N   . LYS A 1 126 ? -2.800  -12.029 21.821  1.00 69.73  ? 120  LYS A N   1 
ATOM   966  C  CA  . LYS A 1 126 ? -3.678  -13.106 22.257  1.00 72.66  ? 120  LYS A CA  1 
ATOM   967  C  C   . LYS A 1 126 ? -4.712  -12.476 23.182  1.00 74.29  ? 120  LYS A C   1 
ATOM   968  O  O   . LYS A 1 126 ? -4.353  -11.916 24.215  1.00 74.68  ? 120  LYS A O   1 
ATOM   969  C  CB  . LYS A 1 126 ? -2.871  -14.160 23.017  1.00 73.62  ? 120  LYS A CB  1 
ATOM   970  C  CG  . LYS A 1 126 ? -3.690  -15.338 23.519  1.00 77.12  ? 120  LYS A CG  1 
ATOM   971  C  CD  . LYS A 1 126 ? -2.859  -16.265 24.399  1.00 79.65  ? 120  LYS A CD  1 
ATOM   972  C  CE  . LYS A 1 126 ? -2.426  -15.565 25.687  1.00 81.66  ? 120  LYS A CE  1 
ATOM   973  N  NZ  . LYS A 1 126 ? -1.567  -16.429 26.546  1.00 83.10  ? 120  LYS A NZ  1 
ATOM   974  N  N   . PHE A 1 127 ? -5.991  -12.556 22.820  1.00 76.36  ? 121  PHE A N   1 
ATOM   975  C  CA  . PHE A 1 127 ? -7.039  -11.961 23.649  1.00 78.67  ? 121  PHE A CA  1 
ATOM   976  C  C   . PHE A 1 127 ? -7.624  -12.906 24.693  1.00 81.98  ? 121  PHE A C   1 
ATOM   977  O  O   . PHE A 1 127 ? -7.980  -14.046 24.389  1.00 83.24  ? 121  PHE A O   1 
ATOM   978  C  CB  . PHE A 1 127 ? -8.170  -11.416 22.777  1.00 75.05  ? 121  PHE A CB  1 
ATOM   979  C  CG  . PHE A 1 127 ? -7.718  -10.425 21.745  1.00 73.33  ? 121  PHE A CG  1 
ATOM   980  C  CD1 . PHE A 1 127 ? -7.243  -10.855 20.509  1.00 72.07  ? 121  PHE A CD1 1 
ATOM   981  C  CD2 . PHE A 1 127 ? -7.759  -9.059  22.011  1.00 71.67  ? 121  PHE A CD2 1 
ATOM   982  C  CE1 . PHE A 1 127 ? -6.818  -9.938  19.554  1.00 71.73  ? 121  PHE A CE1 1 
ATOM   983  C  CE2 . PHE A 1 127 ? -7.336  -8.133  21.063  1.00 70.58  ? 121  PHE A CE2 1 
ATOM   984  C  CZ  . PHE A 1 127 ? -6.865  -8.572  19.832  1.00 70.74  ? 121  PHE A CZ  1 
ATOM   985  N  N   . ASP A 1 128 ? -7.717  -12.408 25.926  1.00 85.57  ? 122  ASP A N   1 
ATOM   986  C  CA  . ASP A 1 128 ? -8.261  -13.151 27.063  1.00 88.93  ? 122  ASP A CA  1 
ATOM   987  C  C   . ASP A 1 128 ? -7.297  -14.195 27.612  1.00 90.88  ? 122  ASP A C   1 
ATOM   988  O  O   . ASP A 1 128 ? -7.311  -14.496 28.809  1.00 90.96  ? 122  ASP A O   1 
ATOM   989  C  CB  . ASP A 1 128 ? -9.578  -13.833 26.683  1.00 89.53  ? 122  ASP A CB  1 
ATOM   990  C  CG  . ASP A 1 128 ? -10.581 -12.869 26.085  1.00 90.82  ? 122  ASP A CG  1 
ATOM   991  O  OD1 . ASP A 1 128 ? -10.843 -11.817 26.709  1.00 91.06  ? 122  ASP A OD1 1 
ATOM   992  O  OD2 . ASP A 1 128 ? -11.107 -13.168 24.990  1.00 91.52  ? 122  ASP A OD2 1 
ATOM   993  N  N   . GLY A 1 129 ? -6.458  -14.740 26.739  1.00 92.57  ? 123  GLY A N   1 
ATOM   994  C  CA  . GLY A 1 129 ? -5.511  -15.758 27.158  1.00 95.40  ? 123  GLY A CA  1 
ATOM   995  C  C   . GLY A 1 129 ? -5.932  -17.099 26.593  1.00 96.96  ? 123  GLY A C   1 
ATOM   996  O  O   . GLY A 1 129 ? -5.742  -18.144 27.215  1.00 97.37  ? 123  GLY A O   1 
ATOM   997  N  N   . CYS A 1 130 ? -6.509  -17.050 25.396  1.00 98.11  ? 124  CYS A N   1 
ATOM   998  C  CA  . CYS A 1 130 ? -6.991  -18.234 24.704  1.00 98.92  ? 124  CYS A CA  1 
ATOM   999  C  C   . CYS A 1 130 ? -6.205  -18.410 23.407  1.00 99.64  ? 124  CYS A C   1 
ATOM   1000 O  O   . CYS A 1 130 ? -6.334  -17.611 22.479  1.00 99.61  ? 124  CYS A O   1 
ATOM   1001 C  CB  . CYS A 1 130 ? -8.479  -18.066 24.400  1.00 99.77  ? 124  CYS A CB  1 
ATOM   1002 S  SG  . CYS A 1 130 ? -9.415  -17.318 25.776  1.00 100.00 ? 124  CYS A SG  1 
ATOM   1003 N  N   . GLU A 1 131 ? -5.387  -19.459 23.358  1.00 99.96  ? 125  GLU A N   1 
ATOM   1004 C  CA  . GLU A 1 131 ? -4.555  -19.763 22.196  1.00 99.59  ? 125  GLU A CA  1 
ATOM   1005 C  C   . GLU A 1 131 ? -5.255  -19.600 20.847  1.00 99.44  ? 125  GLU A C   1 
ATOM   1006 O  O   . GLU A 1 131 ? -4.605  -19.313 19.843  1.00 100.00 ? 125  GLU A O   1 
ATOM   1007 C  CB  . GLU A 1 131 ? -4.006  -21.189 22.311  1.00 99.78  ? 125  GLU A CB  1 
ATOM   1008 C  CG  . GLU A 1 131 ? -3.099  -21.410 23.519  1.00 100.00 ? 125  GLU A CG  1 
ATOM   1009 C  CD  . GLU A 1 131 ? -1.824  -20.586 23.450  1.00 100.00 ? 125  GLU A CD  1 
ATOM   1010 O  OE1 . GLU A 1 131 ? -1.001  -20.835 22.540  1.00 100.00 ? 125  GLU A OE1 1 
ATOM   1011 O  OE2 . GLU A 1 131 ? -1.646  -19.686 24.302  1.00 100.00 ? 125  GLU A OE2 1 
ATOM   1012 N  N   . ASP A 1 132 ? -6.572  -19.779 20.821  1.00 98.83  ? 126  ASP A N   1 
ATOM   1013 C  CA  . ASP A 1 132 ? -7.327  -19.652 19.576  1.00 97.95  ? 126  ASP A CA  1 
ATOM   1014 C  C   . ASP A 1 132 ? -7.771  -18.219 19.296  1.00 96.51  ? 126  ASP A C   1 
ATOM   1015 O  O   . ASP A 1 132 ? -8.443  -17.955 18.296  1.00 97.24  ? 126  ASP A O   1 
ATOM   1016 C  CB  . ASP A 1 132 ? -8.553  -20.574 19.600  1.00 99.27  ? 126  ASP A CB  1 
ATOM   1017 C  CG  . ASP A 1 132 ? -9.456  -20.326 20.801  1.00 100.00 ? 126  ASP A CG  1 
ATOM   1018 O  OD1 . ASP A 1 132 ? -9.911  -19.174 20.988  1.00 100.00 ? 126  ASP A OD1 1 
ATOM   1019 O  OD2 . ASP A 1 132 ? -9.715  -21.291 21.556  1.00 100.00 ? 126  ASP A OD2 1 
ATOM   1020 N  N   . ASN A 1 133 ? -7.392  -17.300 20.181  1.00 94.16  ? 127  ASN A N   1 
ATOM   1021 C  CA  . ASN A 1 133 ? -7.743  -15.885 20.046  1.00 91.24  ? 127  ASN A CA  1 
ATOM   1022 C  C   . ASN A 1 133 ? -6.494  -15.053 19.748  1.00 88.63  ? 127  ASN A C   1 
ATOM   1023 O  O   . ASN A 1 133 ? -6.188  -14.103 20.471  1.00 88.19  ? 127  ASN A O   1 
ATOM   1024 C  CB  . ASN A 1 133 ? -8.378  -15.376 21.345  1.00 92.01  ? 127  ASN A CB  1 
ATOM   1025 C  CG  . ASN A 1 133 ? -9.810  -14.923 21.159  1.00 92.46  ? 127  ASN A CG  1 
ATOM   1026 O  OD1 . ASN A 1 133 ? -10.152 -14.285 20.160  1.00 92.06  ? 127  ASN A OD1 1 
ATOM   1027 N  ND2 . ASN A 1 133 ? -10.656 -15.234 22.135  1.00 93.74  ? 127  ASN A ND2 1 
ATOM   1028 N  N   . VAL A 1 134 ? -5.782  -15.406 18.682  1.00 84.94  ? 128  VAL A N   1 
ATOM   1029 C  CA  . VAL A 1 134 ? -4.560  -14.700 18.327  1.00 81.89  ? 128  VAL A CA  1 
ATOM   1030 C  C   . VAL A 1 134 ? -4.609  -13.958 17.001  1.00 79.92  ? 128  VAL A C   1 
ATOM   1031 O  O   . VAL A 1 134 ? -4.753  -14.567 15.943  1.00 79.72  ? 128  VAL A O   1 
ATOM   1032 C  CB  . VAL A 1 134 ? -3.362  -15.666 18.269  1.00 82.00  ? 128  VAL A CB  1 
ATOM   1033 C  CG1 . VAL A 1 134 ? -2.088  -14.885 18.005  1.00 82.66  ? 128  VAL A CG1 1 
ATOM   1034 C  CG2 . VAL A 1 134 ? -3.252  -16.442 19.566  1.00 82.09  ? 128  VAL A CG2 1 
ATOM   1035 N  N   . MET A 1 135 ? -4.479  -12.637 17.064  1.00 77.50  ? 129  MET A N   1 
ATOM   1036 C  CA  . MET A 1 135 ? -4.469  -11.820 15.858  1.00 74.93  ? 129  MET A CA  1 
ATOM   1037 C  C   . MET A 1 135 ? -3.034  -11.418 15.535  1.00 71.96  ? 129  MET A C   1 
ATOM   1038 O  O   . MET A 1 135 ? -2.191  -11.321 16.423  1.00 70.87  ? 129  MET A O   1 
ATOM   1039 C  CB  . MET A 1 135 ? -5.322  -10.566 16.043  1.00 76.87  ? 129  MET A CB  1 
ATOM   1040 C  CG  . MET A 1 135 ? -6.783  -10.753 15.683  1.00 80.80  ? 129  MET A CG  1 
ATOM   1041 S  SD  . MET A 1 135 ? -7.012  -11.179 13.941  1.00 85.62  ? 129  MET A SD  1 
ATOM   1042 C  CE  . MET A 1 135 ? -7.362  -12.965 14.079  1.00 83.56  ? 129  MET A CE  1 
ATOM   1043 N  N   . GLU A 1 136 ? -2.767  -11.192 14.255  1.00 68.89  ? 130  GLU A N   1 
ATOM   1044 C  CA  . GLU A 1 136 ? -1.445  -10.797 13.800  1.00 65.77  ? 130  GLU A CA  1 
ATOM   1045 C  C   . GLU A 1 136 ? -1.490  -9.398  13.205  1.00 62.27  ? 130  GLU A C   1 
ATOM   1046 O  O   . GLU A 1 136 ? -2.411  -9.063  12.469  1.00 61.29  ? 130  GLU A O   1 
ATOM   1047 C  CB  . GLU A 1 136 ? -0.943  -11.771 12.741  1.00 68.45  ? 130  GLU A CB  1 
ATOM   1048 C  CG  . GLU A 1 136 ? 0.153   -12.702 13.209  1.00 73.95  ? 130  GLU A CG  1 
ATOM   1049 C  CD  . GLU A 1 136 ? 0.591   -13.654 12.113  1.00 77.97  ? 130  GLU A CD  1 
ATOM   1050 O  OE1 . GLU A 1 136 ? 0.878   -13.169 10.994  1.00 79.20  ? 130  GLU A OE1 1 
ATOM   1051 O  OE2 . GLU A 1 136 ? 0.650   -14.881 12.368  1.00 79.46  ? 130  GLU A OE2 1 
ATOM   1052 N  N   . TYR A 1 137 ? -0.491  -8.587  13.529  1.00 58.26  ? 131  TYR A N   1 
ATOM   1053 C  CA  . TYR A 1 137 ? -0.413  -7.234  13.014  1.00 54.31  ? 131  TYR A CA  1 
ATOM   1054 C  C   . TYR A 1 137 ? 0.986   -6.956  12.505  1.00 52.98  ? 131  TYR A C   1 
ATOM   1055 O  O   . TYR A 1 137 ? 1.914   -7.739  12.725  1.00 53.61  ? 131  TYR A O   1 
ATOM   1056 C  CB  . TYR A 1 137 ? -0.777  -6.211  14.095  1.00 54.20  ? 131  TYR A CB  1 
ATOM   1057 C  CG  . TYR A 1 137 ? -2.137  -6.442  14.696  1.00 54.55  ? 131  TYR A CG  1 
ATOM   1058 C  CD1 . TYR A 1 137 ? -3.279  -5.888  14.119  1.00 55.32  ? 131  TYR A CD1 1 
ATOM   1059 C  CD2 . TYR A 1 137 ? -2.293  -7.273  15.800  1.00 56.13  ? 131  TYR A CD2 1 
ATOM   1060 C  CE1 . TYR A 1 137 ? -4.549  -6.159  14.626  1.00 55.91  ? 131  TYR A CE1 1 
ATOM   1061 C  CE2 . TYR A 1 137 ? -3.552  -7.553  16.317  1.00 57.56  ? 131  TYR A CE2 1 
ATOM   1062 C  CZ  . TYR A 1 137 ? -4.677  -6.993  15.724  1.00 58.06  ? 131  TYR A CZ  1 
ATOM   1063 O  OH  . TYR A 1 137 ? -5.922  -7.269  16.243  1.00 60.70  ? 131  TYR A OH  1 
ATOM   1064 N  N   . VAL A 1 138 ? 1.133   -5.837  11.812  1.00 49.22  ? 132  VAL A N   1 
ATOM   1065 C  CA  . VAL A 1 138 ? 2.418   -5.460  11.282  1.00 46.40  ? 132  VAL A CA  1 
ATOM   1066 C  C   . VAL A 1 138 ? 2.920   -4.160  11.910  1.00 46.74  ? 132  VAL A C   1 
ATOM   1067 O  O   . VAL A 1 138 ? 2.156   -3.229  12.167  1.00 46.48  ? 132  VAL A O   1 
ATOM   1068 C  CB  . VAL A 1 138 ? 2.344   -5.287  9.760   1.00 46.04  ? 132  VAL A CB  1 
ATOM   1069 C  CG1 . VAL A 1 138 ? 3.687   -4.860  9.223   1.00 43.11  ? 132  VAL A CG1 1 
ATOM   1070 C  CG2 . VAL A 1 138 ? 1.899   -6.587  9.115   1.00 45.40  ? 132  VAL A CG2 1 
ATOM   1071 N  N   . VAL A 1 139 ? 4.215   -4.120  12.184  1.00 46.15  ? 133  VAL A N   1 
ATOM   1072 C  CA  . VAL A 1 139 ? 4.836   -2.932  12.735  1.00 44.26  ? 133  VAL A CA  1 
ATOM   1073 C  C   . VAL A 1 139 ? 5.928   -2.642  11.738  1.00 44.15  ? 133  VAL A C   1 
ATOM   1074 O  O   . VAL A 1 139 ? 6.729   -3.520  11.420  1.00 44.25  ? 133  VAL A O   1 
ATOM   1075 C  CB  . VAL A 1 139 ? 5.429   -3.169  14.169  1.00 44.41  ? 133  VAL A CB  1 
ATOM   1076 C  CG1 . VAL A 1 139 ? 6.316   -4.402  14.194  1.00 43.68  ? 133  VAL A CG1 1 
ATOM   1077 C  CG2 . VAL A 1 139 ? 6.213   -1.941  14.613  1.00 42.31  ? 133  VAL A CG2 1 
ATOM   1078 N  N   . TRP A 1 140 ? 5.949   -1.415  11.231  1.00 44.89  ? 134  TRP A N   1 
ATOM   1079 C  CA  . TRP A 1 140 ? 6.929   -1.027  10.233  1.00 45.49  ? 134  TRP A CA  1 
ATOM   1080 C  C   . TRP A 1 140 ? 8.149   -0.348  10.810  1.00 47.89  ? 134  TRP A C   1 
ATOM   1081 O  O   . TRP A 1 140 ? 8.034   0.620   11.553  1.00 50.04  ? 134  TRP A O   1 
ATOM   1082 C  CB  . TRP A 1 140 ? 6.282   -0.102  9.197   1.00 43.37  ? 134  TRP A CB  1 
ATOM   1083 C  CG  . TRP A 1 140 ? 5.025   -0.655  8.616   1.00 40.73  ? 134  TRP A CG  1 
ATOM   1084 C  CD1 . TRP A 1 140 ? 3.753   -0.432  9.050   1.00 38.70  ? 134  TRP A CD1 1 
ATOM   1085 C  CD2 . TRP A 1 140 ? 4.922   -1.571  7.519   1.00 39.92  ? 134  TRP A CD2 1 
ATOM   1086 N  NE1 . TRP A 1 140 ? 2.858   -1.155  8.295   1.00 38.65  ? 134  TRP A NE1 1 
ATOM   1087 C  CE2 . TRP A 1 140 ? 3.547   -1.863  7.347   1.00 39.43  ? 134  TRP A CE2 1 
ATOM   1088 C  CE3 . TRP A 1 140 ? 5.857   -2.177  6.667   1.00 40.68  ? 134  TRP A CE3 1 
ATOM   1089 C  CZ2 . TRP A 1 140 ? 3.079   -2.736  6.357   1.00 40.24  ? 134  TRP A CZ2 1 
ATOM   1090 C  CZ3 . TRP A 1 140 ? 5.391   -3.054  5.671   1.00 42.10  ? 134  TRP A CZ3 1 
ATOM   1091 C  CH2 . TRP A 1 140 ? 4.010   -3.322  5.530   1.00 42.20  ? 134  TRP A CH2 1 
ATOM   1092 N  N   . THR A 1 141 ? 9.324   -0.841  10.439  1.00 49.02  ? 135  THR A N   1 
ATOM   1093 C  CA  . THR A 1 141 ? 10.566  -0.263  10.919  1.00 51.28  ? 135  THR A CA  1 
ATOM   1094 C  C   . THR A 1 141 ? 10.784  1.128   10.317  1.00 51.92  ? 135  THR A C   1 
ATOM   1095 O  O   . THR A 1 141 ? 11.320  2.023   10.973  1.00 53.39  ? 135  THR A O   1 
ATOM   1096 C  CB  . THR A 1 141 ? 11.763  -1.168  10.566  1.00 51.92  ? 135  THR A CB  1 
ATOM   1097 O  OG1 . THR A 1 141 ? 11.553  -2.469  11.119  1.00 52.06  ? 135  THR A OG1 1 
ATOM   1098 C  CG2 . THR A 1 141 ? 13.054  -0.604  11.147  1.00 54.98  ? 135  THR A CG2 1 
ATOM   1099 N  N   . HIS A 1 142 ? 10.366  1.313   9.073   1.00 52.23  ? 136  HIS A N   1 
ATOM   1100 C  CA  . HIS A 1 142 ? 10.529  2.607   8.422   1.00 52.92  ? 136  HIS A CA  1 
ATOM   1101 C  C   . HIS A 1 142 ? 9.203   3.143   7.863   1.00 52.26  ? 136  HIS A C   1 
ATOM   1102 O  O   . HIS A 1 142 ? 8.538   2.487   7.058   1.00 51.58  ? 136  HIS A O   1 
ATOM   1103 C  CB  . HIS A 1 142 ? 11.549  2.514   7.281   1.00 55.93  ? 136  HIS A CB  1 
ATOM   1104 C  CG  . HIS A 1 142 ? 12.860  1.911   7.679   1.00 59.86  ? 136  HIS A CG  1 
ATOM   1105 N  ND1 . HIS A 1 142 ? 13.619  2.397   8.724   1.00 63.20  ? 136  HIS A ND1 1 
ATOM   1106 C  CD2 . HIS A 1 142 ? 13.546  0.859   7.174   1.00 60.29  ? 136  HIS A CD2 1 
ATOM   1107 C  CE1 . HIS A 1 142 ? 14.713  1.667   8.846   1.00 62.95  ? 136  HIS A CE1 1 
ATOM   1108 N  NE2 . HIS A 1 142 ? 14.692  0.726   7.918   1.00 63.44  ? 136  HIS A NE2 1 
ATOM   1109 N  N   . ILE A 1 143 ? 8.819   4.333   8.305   1.00 49.48  ? 137  ILE A N   1 
ATOM   1110 C  CA  . ILE A 1 143 ? 7.604   4.954   7.817   1.00 48.04  ? 137  ILE A CA  1 
ATOM   1111 C  C   . ILE A 1 143 ? 7.975   6.320   7.263   1.00 47.74  ? 137  ILE A C   1 
ATOM   1112 O  O   . ILE A 1 143 ? 8.734   7.070   7.875   1.00 46.64  ? 137  ILE A O   1 
ATOM   1113 C  CB  . ILE A 1 143 ? 6.548   5.103   8.932   1.00 47.01  ? 137  ILE A CB  1 
ATOM   1114 C  CG1 . ILE A 1 143 ? 5.999   3.727   9.301   1.00 46.32  ? 137  ILE A CG1 1 
ATOM   1115 C  CG2 . ILE A 1 143 ? 5.408   6.011   8.462   1.00 47.01  ? 137  ILE A CG2 1 
ATOM   1116 C  CD1 . ILE A 1 143 ? 4.990   3.730   10.423  1.00 46.27  ? 137  ILE A CD1 1 
ATOM   1117 N  N   . TYR A 1 144 ? 7.453   6.634   6.086   1.00 47.95  ? 138  TYR A N   1 
ATOM   1118 C  CA  . TYR A 1 144 ? 7.734   7.913   5.452   1.00 46.94  ? 138  TYR A CA  1 
ATOM   1119 C  C   . TYR A 1 144 ? 6.469   8.769   5.451   1.00 48.07  ? 138  TYR A C   1 
ATOM   1120 O  O   . TYR A 1 144 ? 5.515   8.486   4.728   1.00 46.64  ? 138  TYR A O   1 
ATOM   1121 C  CB  . TYR A 1 144 ? 8.255   7.665   4.035   1.00 45.62  ? 138  TYR A CB  1 
ATOM   1122 C  CG  . TYR A 1 144 ? 9.442   6.716   4.008   1.00 45.28  ? 138  TYR A CG  1 
ATOM   1123 C  CD1 . TYR A 1 144 ? 9.268   5.351   4.259   1.00 47.21  ? 138  TYR A CD1 1 
ATOM   1124 C  CD2 . TYR A 1 144 ? 10.741  7.183   3.787   1.00 44.33  ? 138  TYR A CD2 1 
ATOM   1125 C  CE1 . TYR A 1 144 ? 10.350  4.475   4.296   1.00 45.78  ? 138  TYR A CE1 1 
ATOM   1126 C  CE2 . TYR A 1 144 ? 11.841  6.312   3.821   1.00 44.23  ? 138  TYR A CE2 1 
ATOM   1127 C  CZ  . TYR A 1 144 ? 11.631  4.959   4.077   1.00 47.42  ? 138  TYR A CZ  1 
ATOM   1128 O  OH  . TYR A 1 144 ? 12.687  4.078   4.127   1.00 48.18  ? 138  TYR A OH  1 
ATOM   1129 N  N   . LEU A 1 145 ? 6.466   9.800   6.294   1.00 50.97  ? 139  LEU A N   1 
ATOM   1130 C  CA  . LEU A 1 145 ? 5.331   10.716  6.428   1.00 55.04  ? 139  LEU A CA  1 
ATOM   1131 C  C   . LEU A 1 145 ? 5.498   11.905  5.489   1.00 57.08  ? 139  LEU A C   1 
ATOM   1132 O  O   . LEU A 1 145 ? 6.590   12.446  5.345   1.00 57.41  ? 139  LEU A O   1 
ATOM   1133 C  CB  . LEU A 1 145 ? 5.228   11.209  7.876   1.00 55.01  ? 139  LEU A CB  1 
ATOM   1134 C  CG  . LEU A 1 145 ? 5.195   10.104  8.945   1.00 58.02  ? 139  LEU A CG  1 
ATOM   1135 C  CD1 . LEU A 1 145 ? 5.447   10.702  10.324  1.00 58.20  ? 139  LEU A CD1 1 
ATOM   1136 C  CD2 . LEU A 1 145 ? 3.867   9.366   8.901   1.00 56.81  ? 139  LEU A CD2 1 
ATOM   1137 N  N   . GLN A 1 146 ? 4.413   12.315  4.850   1.00 61.71  ? 140  GLN A N   1 
ATOM   1138 C  CA  . GLN A 1 146 ? 4.479   13.425  3.917   1.00 67.43  ? 140  GLN A CA  1 
ATOM   1139 C  C   . GLN A 1 146 ? 4.236   14.763  4.586   1.00 69.97  ? 140  GLN A C   1 
ATOM   1140 O  O   . GLN A 1 146 ? 3.483   14.850  5.551   1.00 70.03  ? 140  GLN A O   1 
ATOM   1141 C  CB  . GLN A 1 146 ? 3.462   13.237  2.800   1.00 69.73  ? 140  GLN A CB  1 
ATOM   1142 C  CG  . GLN A 1 146 ? 3.793   14.037  1.558   1.00 74.18  ? 140  GLN A CG  1 
ATOM   1143 C  CD  . GLN A 1 146 ? 2.768   13.845  0.468   1.00 77.40  ? 140  GLN A CD  1 
ATOM   1144 O  OE1 . GLN A 1 146 ? 2.959   14.283  -0.671  1.00 78.76  ? 140  GLN A OE1 1 
ATOM   1145 N  NE2 . GLN A 1 146 ? 1.661   13.190  0.813   1.00 78.22  ? 140  GLN A NE2 1 
ATOM   1146 N  N   . ASP A 1 147 ? 4.883   15.800  4.056   1.00 73.51  ? 141  ASP A N   1 
ATOM   1147 C  CA  . ASP A 1 147 ? 4.755   17.162  4.573   1.00 76.95  ? 141  ASP A CA  1 
ATOM   1148 C  C   . ASP A 1 147 ? 4.789   18.135  3.396   1.00 77.35  ? 141  ASP A C   1 
ATOM   1149 O  O   . ASP A 1 147 ? 5.864   18.555  2.962   1.00 77.66  ? 141  ASP A O   1 
ATOM   1150 C  CB  . ASP A 1 147 ? 5.902   17.479  5.534   1.00 78.86  ? 141  ASP A CB  1 
ATOM   1151 C  CG  . ASP A 1 147 ? 5.666   18.759  6.312   1.00 81.42  ? 141  ASP A CG  1 
ATOM   1152 O  OD1 . ASP A 1 147 ? 4.730   18.778  7.140   1.00 83.47  ? 141  ASP A OD1 1 
ATOM   1153 O  OD2 . ASP A 1 147 ? 6.403   19.744  6.091   1.00 82.66  ? 141  ASP A OD2 1 
ATOM   1154 N  N   . ASN A 1 148 ? 3.611   18.495  2.893   1.00 77.91  ? 142  ASN A N   1 
ATOM   1155 C  CA  . ASN A 1 148 ? 3.494   19.389  1.739   1.00 79.92  ? 142  ASN A CA  1 
ATOM   1156 C  C   . ASN A 1 148 ? 4.139   18.691  0.538   1.00 80.31  ? 142  ASN A C   1 
ATOM   1157 O  O   . ASN A 1 148 ? 3.449   18.050  -0.263  1.00 80.88  ? 142  ASN A O   1 
ATOM   1158 C  CB  . ASN A 1 148 ? 4.185   20.740  2.002   1.00 80.98  ? 142  ASN A CB  1 
ATOM   1159 C  CG  . ASN A 1 148 ? 3.442   21.595  3.023   1.00 83.26  ? 142  ASN A CG  1 
ATOM   1160 O  OD1 . ASN A 1 148 ? 2.243   21.858  2.880   1.00 82.93  ? 142  ASN A OD1 1 
ATOM   1161 N  ND2 . ASN A 1 148 ? 4.155   22.039  4.058   1.00 82.28  ? 142  ASN A ND2 1 
ATOM   1162 N  N   . ASP A 1 149 ? 5.458   18.811  0.420   1.00 79.26  ? 143  ASP A N   1 
ATOM   1163 C  CA  . ASP A 1 149 ? 6.176   18.169  -0.669  1.00 78.11  ? 143  ASP A CA  1 
ATOM   1164 C  C   . ASP A 1 149 ? 7.486   17.599  -0.145  1.00 76.75  ? 143  ASP A C   1 
ATOM   1165 O  O   . ASP A 1 149 ? 8.335   17.145  -0.917  1.00 76.83  ? 143  ASP A O   1 
ATOM   1166 C  CB  . ASP A 1 149 ? 6.453   19.160  -1.804  1.00 80.49  ? 143  ASP A CB  1 
ATOM   1167 C  CG  . ASP A 1 149 ? 6.427   18.490  -3.173  1.00 82.35  ? 143  ASP A CG  1 
ATOM   1168 O  OD1 . ASP A 1 149 ? 5.330   18.070  -3.600  1.00 82.43  ? 143  ASP A OD1 1 
ATOM   1169 O  OD2 . ASP A 1 149 ? 7.496   18.372  -3.815  1.00 82.95  ? 143  ASP A OD2 1 
ATOM   1170 N  N   . SER A 1 150 ? 7.651   17.638  1.175   1.00 73.86  ? 144  SER A N   1 
ATOM   1171 C  CA  . SER A 1 150 ? 8.846   17.089  1.801   1.00 70.58  ? 144  SER A CA  1 
ATOM   1172 C  C   . SER A 1 150 ? 8.447   15.817  2.553   1.00 68.22  ? 144  SER A C   1 
ATOM   1173 O  O   . SER A 1 150 ? 7.268   15.600  2.854   1.00 66.15  ? 144  SER A O   1 
ATOM   1174 C  CB  . SER A 1 150 ? 9.483   18.102  2.763   1.00 71.71  ? 144  SER A CB  1 
ATOM   1175 O  OG  . SER A 1 150 ? 8.613   18.438  3.833   1.00 72.88  ? 144  SER A OG  1 
ATOM   1176 N  N   . TRP A 1 151 ? 9.433   14.983  2.853   1.00 64.76  ? 145  TRP A N   1 
ATOM   1177 C  CA  . TRP A 1 151 ? 9.182   13.730  3.537   1.00 61.41  ? 145  TRP A CA  1 
ATOM   1178 C  C   . TRP A 1 151 ? 10.004  13.530  4.799   1.00 61.68  ? 145  TRP A C   1 
ATOM   1179 O  O   . TRP A 1 151 ? 11.161  13.948  4.880   1.00 61.72  ? 145  TRP A O   1 
ATOM   1180 C  CB  . TRP A 1 151 ? 9.431   12.575  2.574   1.00 58.79  ? 145  TRP A CB  1 
ATOM   1181 C  CG  . TRP A 1 151 ? 8.448   12.544  1.471   1.00 54.44  ? 145  TRP A CG  1 
ATOM   1182 C  CD1 . TRP A 1 151 ? 8.420   13.349  0.374   1.00 54.81  ? 145  TRP A CD1 1 
ATOM   1183 C  CD2 . TRP A 1 151 ? 7.295   11.705  1.386   1.00 53.23  ? 145  TRP A CD2 1 
ATOM   1184 N  NE1 . TRP A 1 151 ? 7.318   13.065  -0.395  1.00 53.29  ? 145  TRP A NE1 1 
ATOM   1185 C  CE2 . TRP A 1 151 ? 6.608   12.058  0.204   1.00 52.51  ? 145  TRP A CE2 1 
ATOM   1186 C  CE3 . TRP A 1 151 ? 6.772   10.685  2.198   1.00 52.29  ? 145  TRP A CE3 1 
ATOM   1187 C  CZ2 . TRP A 1 151 ? 5.422   11.432  -0.192  1.00 52.61  ? 145  TRP A CZ2 1 
ATOM   1188 C  CZ3 . TRP A 1 151 ? 5.591   10.063  1.808   1.00 52.59  ? 145  TRP A CZ3 1 
ATOM   1189 C  CH2 . TRP A 1 151 ? 4.929   10.440  0.620   1.00 53.74  ? 145  TRP A CH2 1 
ATOM   1190 N  N   . VAL A 1 152 ? 9.396   12.875  5.783   1.00 60.79  ? 146  VAL A N   1 
ATOM   1191 C  CA  . VAL A 1 152 ? 10.057  12.607  7.055   1.00 60.43  ? 146  VAL A CA  1 
ATOM   1192 C  C   . VAL A 1 152 ? 10.097  11.102  7.331   1.00 59.37  ? 146  VAL A C   1 
ATOM   1193 O  O   . VAL A 1 152 ? 9.084   10.409  7.196   1.00 59.61  ? 146  VAL A O   1 
ATOM   1194 C  CB  . VAL A 1 152 ? 9.315   13.308  8.214   1.00 60.70  ? 146  VAL A CB  1 
ATOM   1195 C  CG1 . VAL A 1 152 ? 9.990   12.999  9.526   1.00 62.20  ? 146  VAL A CG1 1 
ATOM   1196 C  CG2 . VAL A 1 152 ? 9.281   14.800  7.981   1.00 61.05  ? 146  VAL A CG2 1 
ATOM   1197 N  N   . LYS A 1 153 ? 11.266  10.601  7.716   1.00 57.11  ? 147  LYS A N   1 
ATOM   1198 C  CA  . LYS A 1 153 ? 11.417  9.181   8.012   1.00 55.76  ? 147  LYS A CA  1 
ATOM   1199 C  C   . LYS A 1 153 ? 11.327  8.938   9.525   1.00 54.78  ? 147  LYS A C   1 
ATOM   1200 O  O   . LYS A 1 153 ? 12.076  9.524   10.301  1.00 56.50  ? 147  LYS A O   1 
ATOM   1201 C  CB  . LYS A 1 153 ? 12.752  8.686   7.462   1.00 54.89  ? 147  LYS A CB  1 
ATOM   1202 C  CG  . LYS A 1 153 ? 12.968  7.188   7.566   1.00 56.62  ? 147  LYS A CG  1 
ATOM   1203 C  CD  . LYS A 1 153 ? 14.224  6.800   6.803   1.00 57.55  ? 147  LYS A CD  1 
ATOM   1204 C  CE  . LYS A 1 153 ? 14.509  5.313   6.869   1.00 57.93  ? 147  LYS A CE  1 
ATOM   1205 N  NZ  . LYS A 1 153 ? 15.631  4.974   5.942   1.00 58.82  ? 147  LYS A NZ  1 
ATOM   1206 N  N   . VAL A 1 154 ? 10.405  8.076   9.935   1.00 52.90  ? 148  VAL A N   1 
ATOM   1207 C  CA  . VAL A 1 154 ? 10.201  7.778   11.347  1.00 50.48  ? 148  VAL A CA  1 
ATOM   1208 C  C   . VAL A 1 154 ? 10.240  6.276   11.631  1.00 50.12  ? 148  VAL A C   1 
ATOM   1209 O  O   . VAL A 1 154 ? 10.354  5.477   10.711  1.00 50.27  ? 148  VAL A O   1 
ATOM   1210 C  CB  . VAL A 1 154 ? 8.853   8.369   11.831  1.00 49.91  ? 148  VAL A CB  1 
ATOM   1211 C  CG1 . VAL A 1 154 ? 8.842   9.876   11.602  1.00 49.67  ? 148  VAL A CG1 1 
ATOM   1212 C  CG2 . VAL A 1 154 ? 7.692   7.730   11.088  1.00 48.08  ? 148  VAL A CG2 1 
ATOM   1213 N  N   . THR A 1 155 ? 10.160  5.898   12.906  1.00 50.80  ? 149  THR A N   1 
ATOM   1214 C  CA  . THR A 1 155 ? 10.185  4.484   13.301  1.00 51.06  ? 149  THR A CA  1 
ATOM   1215 C  C   . THR A 1 155 ? 8.945   4.129   14.112  1.00 50.37  ? 149  THR A C   1 
ATOM   1216 O  O   . THR A 1 155 ? 8.228   5.014   14.576  1.00 51.10  ? 149  THR A O   1 
ATOM   1217 C  CB  . THR A 1 155 ? 11.396  4.151   14.200  1.00 52.13  ? 149  THR A CB  1 
ATOM   1218 O  OG1 . THR A 1 155 ? 12.559  4.843   13.734  1.00 56.59  ? 149  THR A OG1 1 
ATOM   1219 C  CG2 . THR A 1 155 ? 11.669  2.657   14.173  1.00 53.19  ? 149  THR A CG2 1 
ATOM   1220 N  N   . SER A 1 156 ? 8.712   2.832   14.306  1.00 48.90  ? 150  SER A N   1 
ATOM   1221 C  CA  . SER A 1 156 ? 7.570   2.360   15.083  1.00 47.06  ? 150  SER A CA  1 
ATOM   1222 C  C   . SER A 1 156 ? 8.001   1.703   16.397  1.00 47.30  ? 150  SER A C   1 
ATOM   1223 O  O   . SER A 1 156 ? 9.164   1.366   16.595  1.00 43.86  ? 150  SER A O   1 
ATOM   1224 C  CB  . SER A 1 156 ? 6.753   1.345   14.279  1.00 45.46  ? 150  SER A CB  1 
ATOM   1225 O  OG  . SER A 1 156 ? 6.248   1.913   13.091  1.00 44.95  ? 150  SER A OG  1 
ATOM   1226 N  N   . SER A 1 157 ? 7.031   1.527   17.287  1.00 49.06  ? 151  SER A N   1 
ATOM   1227 C  CA  . SER A 1 157 ? 7.245   0.888   18.579  1.00 50.45  ? 151  SER A CA  1 
ATOM   1228 C  C   . SER A 1 157 ? 5.959   0.177   18.936  1.00 49.15  ? 151  SER A C   1 
ATOM   1229 O  O   . SER A 1 157 ? 4.960   0.301   18.236  1.00 48.90  ? 151  SER A O   1 
ATOM   1230 C  CB  . SER A 1 157 ? 7.563   1.918   19.663  1.00 52.13  ? 151  SER A CB  1 
ATOM   1231 O  OG  . SER A 1 157 ? 8.770   2.598   19.376  1.00 57.37  ? 151  SER A OG  1 
ATOM   1232 N  N   . VAL A 1 158 ? 5.986   -0.561  20.033  1.00 48.39  ? 152  VAL A N   1 
ATOM   1233 C  CA  . VAL A 1 158 ? 4.813   -1.287  20.474  1.00 48.19  ? 152  VAL A CA  1 
ATOM   1234 C  C   . VAL A 1 158 ? 4.711   -1.203  21.988  1.00 49.00  ? 152  VAL A C   1 
ATOM   1235 O  O   . VAL A 1 158 ? 5.725   -1.258  22.677  1.00 50.00  ? 152  VAL A O   1 
ATOM   1236 C  CB  . VAL A 1 158 ? 4.913   -2.782  20.075  1.00 48.53  ? 152  VAL A CB  1 
ATOM   1237 C  CG1 . VAL A 1 158 ? 3.670   -3.528  20.538  1.00 48.19  ? 152  VAL A CG1 1 
ATOM   1238 C  CG2 . VAL A 1 158 ? 5.097   -2.921  18.570  1.00 47.42  ? 152  VAL A CG2 1 
ATOM   1239 N  N   . ASP A 1 159 ? 3.497   -1.040  22.503  1.00 49.23  ? 153  ASP A N   1 
ATOM   1240 C  CA  . ASP A 1 159 ? 3.275   -1.026  23.950  1.00 50.88  ? 153  ASP A CA  1 
ATOM   1241 C  C   . ASP A 1 159 ? 1.963   -1.736  24.239  1.00 51.28  ? 153  ASP A C   1 
ATOM   1242 O  O   . ASP A 1 159 ? 1.369   -2.332  23.342  1.00 52.36  ? 153  ASP A O   1 
ATOM   1243 C  CB  . ASP A 1 159 ? 3.291   0.399   24.547  1.00 50.56  ? 153  ASP A CB  1 
ATOM   1244 C  CG  . ASP A 1 159 ? 2.215   1.314   23.978  1.00 52.45  ? 153  ASP A CG  1 
ATOM   1245 O  OD1 . ASP A 1 159 ? 1.077   0.849   23.719  1.00 51.21  ? 153  ASP A OD1 1 
ATOM   1246 O  OD2 . ASP A 1 159 ? 2.515   2.521   23.818  1.00 50.12  ? 153  ASP A OD2 1 
ATOM   1247 N  N   . ALA A 1 160 ? 1.517   -1.699  25.484  1.00 53.32  ? 154  ALA A N   1 
ATOM   1248 C  CA  . ALA A 1 160 ? 0.275   -2.379  25.861  1.00 55.98  ? 154  ALA A CA  1 
ATOM   1249 C  C   . ALA A 1 160 ? -0.954  -1.810  25.151  1.00 57.87  ? 154  ALA A C   1 
ATOM   1250 O  O   . ALA A 1 160 ? -1.968  -2.497  25.002  1.00 58.12  ? 154  ALA A O   1 
ATOM   1251 C  CB  . ALA A 1 160 ? 0.078   -2.295  27.373  1.00 54.36  ? 154  ALA A CB  1 
ATOM   1252 N  N   . LYS A 1 161 ? -0.854  -0.557  24.716  1.00 58.25  ? 155  LYS A N   1 
ATOM   1253 C  CA  . LYS A 1 161 ? -1.956  0.110   24.039  1.00 57.97  ? 155  LYS A CA  1 
ATOM   1254 C  C   . LYS A 1 161 ? -2.037  -0.123  22.529  1.00 56.33  ? 155  LYS A C   1 
ATOM   1255 O  O   . LYS A 1 161 ? -3.133  -0.093  21.966  1.00 58.22  ? 155  LYS A O   1 
ATOM   1256 C  CB  . LYS A 1 161 ? -1.907  1.616   24.340  1.00 60.96  ? 155  LYS A CB  1 
ATOM   1257 C  CG  . LYS A 1 161 ? -2.381  1.984   25.747  1.00 64.52  ? 155  LYS A CG  1 
ATOM   1258 C  CD  . LYS A 1 161 ? -1.490  3.046   26.402  1.00 69.19  ? 155  LYS A CD  1 
ATOM   1259 C  CE  . LYS A 1 161 ? -1.444  4.349   25.599  1.00 71.19  ? 155  LYS A CE  1 
ATOM   1260 N  NZ  . LYS A 1 161 ? -0.570  5.389   26.231  1.00 71.09  ? 155  LYS A NZ  1 
ATOM   1261 N  N   . GLY A 1 162 ? -0.906  -0.346  21.864  1.00 52.96  ? 156  GLY A N   1 
ATOM   1262 C  CA  . GLY A 1 162 ? -0.962  -0.573  20.429  1.00 50.20  ? 156  GLY A CA  1 
ATOM   1263 C  C   . GLY A 1 162 ? 0.354   -0.417  19.692  1.00 50.10  ? 156  GLY A C   1 
ATOM   1264 O  O   . GLY A 1 162 ? 1.427   -0.473  20.288  1.00 50.53  ? 156  GLY A O   1 
ATOM   1265 N  N   . ILE A 1 163 ? 0.269   -0.239  18.379  1.00 48.42  ? 157  ILE A N   1 
ATOM   1266 C  CA  . ILE A 1 163 ? 1.451   -0.065  17.547  1.00 46.55  ? 157  ILE A CA  1 
ATOM   1267 C  C   . ILE A 1 163 ? 1.434   1.389   17.120  1.00 46.48  ? 157  ILE A C   1 
ATOM   1268 O  O   . ILE A 1 163 ? 0.381   1.924   16.792  1.00 47.13  ? 157  ILE A O   1 
ATOM   1269 C  CB  . ILE A 1 163 ? 1.408   -0.986  16.305  1.00 45.12  ? 157  ILE A CB  1 
ATOM   1270 C  CG1 . ILE A 1 163 ? 1.240   -2.439  16.754  1.00 44.23  ? 157  ILE A CG1 1 
ATOM   1271 C  CG2 . ILE A 1 163 ? 2.690   -0.833  15.485  1.00 42.30  ? 157  ILE A CG2 1 
ATOM   1272 C  CD1 . ILE A 1 163 ? 1.257   -3.450  15.621  1.00 45.63  ? 157  ILE A CD1 1 
ATOM   1273 N  N   . TYR A 1 164 ? 2.594   2.032   17.126  1.00 46.19  ? 158  TYR A N   1 
ATOM   1274 C  CA  . TYR A 1 164 ? 2.649   3.437   16.776  1.00 45.40  ? 158  TYR A CA  1 
ATOM   1275 C  C   . TYR A 1 164 ? 3.973   3.872   16.202  1.00 45.26  ? 158  TYR A C   1 
ATOM   1276 O  O   . TYR A 1 164 ? 4.949   3.132   16.219  1.00 45.68  ? 158  TYR A O   1 
ATOM   1277 C  CB  . TYR A 1 164 ? 2.365   4.270   18.020  1.00 46.03  ? 158  TYR A CB  1 
ATOM   1278 C  CG  . TYR A 1 164 ? 3.409   4.123   19.116  1.00 46.42  ? 158  TYR A CG  1 
ATOM   1279 C  CD1 . TYR A 1 164 ? 4.567   4.891   19.108  1.00 48.62  ? 158  TYR A CD1 1 
ATOM   1280 C  CD2 . TYR A 1 164 ? 3.235   3.211   20.159  1.00 47.28  ? 158  TYR A CD2 1 
ATOM   1281 C  CE1 . TYR A 1 164 ? 5.528   4.759   20.107  1.00 48.55  ? 158  TYR A CE1 1 
ATOM   1282 C  CE2 . TYR A 1 164 ? 4.187   3.075   21.164  1.00 47.77  ? 158  TYR A CE2 1 
ATOM   1283 C  CZ  . TYR A 1 164 ? 5.334   3.852   21.129  1.00 49.30  ? 158  TYR A CZ  1 
ATOM   1284 O  OH  . TYR A 1 164 ? 6.293   3.724   22.110  1.00 51.70  ? 158  TYR A OH  1 
ATOM   1285 N  N   . TYR A 1 165 ? 3.996   5.085   15.671  1.00 45.63  ? 159  TYR A N   1 
ATOM   1286 C  CA  . TYR A 1 165 ? 5.229   5.637   15.158  1.00 47.54  ? 159  TYR A CA  1 
ATOM   1287 C  C   . TYR A 1 165 ? 5.419   6.958   15.897  1.00 49.07  ? 159  TYR A C   1 
ATOM   1288 O  O   . TYR A 1 165 ? 4.450   7.557   16.373  1.00 47.86  ? 159  TYR A O   1 
ATOM   1289 C  CB  . TYR A 1 165 ? 5.177   5.815   13.633  1.00 47.14  ? 159  TYR A CB  1 
ATOM   1290 C  CG  . TYR A 1 165 ? 4.161   6.790   13.104  1.00 48.20  ? 159  TYR A CG  1 
ATOM   1291 C  CD1 . TYR A 1 165 ? 4.382   8.164   13.171  1.00 47.84  ? 159  TYR A CD1 1 
ATOM   1292 C  CD2 . TYR A 1 165 ? 2.985   6.338   12.510  1.00 49.14  ? 159  TYR A CD2 1 
ATOM   1293 C  CE1 . TYR A 1 165 ? 3.458   9.067   12.660  1.00 48.77  ? 159  TYR A CE1 1 
ATOM   1294 C  CE2 . TYR A 1 165 ? 2.049   7.228   12.000  1.00 51.04  ? 159  TYR A CE2 1 
ATOM   1295 C  CZ  . TYR A 1 165 ? 2.292   8.592   12.081  1.00 51.46  ? 159  TYR A CZ  1 
ATOM   1296 O  OH  . TYR A 1 165 ? 1.352   9.482   11.607  1.00 53.06  ? 159  TYR A OH  1 
ATOM   1297 N  N   . THR A 1 166 ? 6.667   7.392   16.019  1.00 50.33  ? 160  THR A N   1 
ATOM   1298 C  CA  . THR A 1 166 ? 6.975   8.618   16.728  1.00 51.83  ? 160  THR A CA  1 
ATOM   1299 C  C   . THR A 1 166 ? 7.515   9.733   15.854  1.00 53.60  ? 160  THR A C   1 
ATOM   1300 O  O   . THR A 1 166 ? 8.503   9.565   15.144  1.00 53.61  ? 160  THR A O   1 
ATOM   1301 C  CB  . THR A 1 166 ? 8.002   8.350   17.834  1.00 52.41  ? 160  THR A CB  1 
ATOM   1302 O  OG1 . THR A 1 166 ? 7.472   7.387   18.751  1.00 52.58  ? 160  THR A OG1 1 
ATOM   1303 C  CG2 . THR A 1 166 ? 8.338   9.633   18.577  1.00 51.84  ? 160  THR A CG2 1 
ATOM   1304 N  N   . CYS A 1 167 ? 6.854   10.879  15.908  1.00 56.16  ? 161  CYS A N   1 
ATOM   1305 C  CA  . CYS A 1 167 ? 7.298   12.043  15.160  1.00 58.93  ? 161  CYS A CA  1 
ATOM   1306 C  C   . CYS A 1 167 ? 7.424   13.138  16.209  1.00 59.75  ? 161  CYS A C   1 
ATOM   1307 O  O   . CYS A 1 167 ? 6.415   13.644  16.713  1.00 58.46  ? 161  CYS A O   1 
ATOM   1308 C  CB  . CYS A 1 167 ? 6.274   12.446  14.102  1.00 60.95  ? 161  CYS A CB  1 
ATOM   1309 S  SG  . CYS A 1 167 ? 6.915   13.713  12.970  1.00 68.82  ? 161  CYS A SG  1 
ATOM   1310 N  N   . GLY A 1 168 ? 8.660   13.484  16.554  1.00 59.63  ? 162  GLY A N   1 
ATOM   1311 C  CA  . GLY A 1 168 ? 8.876   14.491  17.571  1.00 61.13  ? 162  GLY A CA  1 
ATOM   1312 C  C   . GLY A 1 168 ? 8.397   13.960  18.913  1.00 62.43  ? 162  GLY A C   1 
ATOM   1313 O  O   . GLY A 1 168 ? 8.828   12.892  19.352  1.00 62.56  ? 162  GLY A O   1 
ATOM   1314 N  N   . GLN A 1 169 ? 7.491   14.696  19.556  1.00 62.52  ? 163  GLN A N   1 
ATOM   1315 C  CA  . GLN A 1 169 ? 6.951   14.301  20.856  1.00 62.80  ? 163  GLN A CA  1 
ATOM   1316 C  C   . GLN A 1 169 ? 5.610   13.583  20.704  1.00 61.06  ? 163  GLN A C   1 
ATOM   1317 O  O   . GLN A 1 169 ? 5.033   13.117  21.690  1.00 60.42  ? 163  GLN A O   1 
ATOM   1318 C  CB  . GLN A 1 169 ? 6.755   15.540  21.734  1.00 66.01  ? 163  GLN A CB  1 
ATOM   1319 C  CG  . GLN A 1 169 ? 7.989   16.418  21.886  1.00 70.64  ? 163  GLN A CG  1 
ATOM   1320 C  CD  . GLN A 1 169 ? 9.121   15.713  22.610  1.00 73.36  ? 163  GLN A CD  1 
ATOM   1321 O  OE1 . GLN A 1 169 ? 8.982   15.319  23.770  1.00 75.74  ? 163  GLN A OE1 1 
ATOM   1322 N  NE2 . GLN A 1 169 ? 10.249  15.548  21.925  1.00 74.17  ? 163  GLN A NE2 1 
ATOM   1323 N  N   . PHE A 1 170 ? 5.127   13.497  19.467  1.00 58.92  ? 164  PHE A N   1 
ATOM   1324 C  CA  . PHE A 1 170 ? 3.843   12.867  19.159  1.00 56.70  ? 164  PHE A CA  1 
ATOM   1325 C  C   . PHE A 1 170 ? 3.915   11.366  18.875  1.00 55.29  ? 164  PHE A C   1 
ATOM   1326 O  O   . PHE A 1 170 ? 4.769   10.900  18.131  1.00 56.20  ? 164  PHE A O   1 
ATOM   1327 C  CB  . PHE A 1 170 ? 3.212   13.536  17.934  1.00 56.93  ? 164  PHE A CB  1 
ATOM   1328 C  CG  . PHE A 1 170 ? 2.956   15.009  18.092  1.00 58.50  ? 164  PHE A CG  1 
ATOM   1329 C  CD1 . PHE A 1 170 ? 1.769   15.469  18.656  1.00 59.16  ? 164  PHE A CD1 1 
ATOM   1330 C  CD2 . PHE A 1 170 ? 3.886   15.944  17.630  1.00 58.71  ? 164  PHE A CD2 1 
ATOM   1331 C  CE1 . PHE A 1 170 ? 1.506   16.839  18.751  1.00 60.06  ? 164  PHE A CE1 1 
ATOM   1332 C  CE2 . PHE A 1 170 ? 3.635   17.317  17.721  1.00 58.08  ? 164  PHE A CE2 1 
ATOM   1333 C  CZ  . PHE A 1 170 ? 2.446   17.764  18.279  1.00 59.30  ? 164  PHE A CZ  1 
ATOM   1334 N  N   . LYS A 1 171 ? 3.008   10.613  19.476  1.00 54.38  ? 165  LYS A N   1 
ATOM   1335 C  CA  . LYS A 1 171 ? 2.924   9.182   19.240  1.00 54.00  ? 165  LYS A CA  1 
ATOM   1336 C  C   . LYS A 1 171 ? 1.600   8.975   18.512  1.00 53.97  ? 165  LYS A C   1 
ATOM   1337 O  O   . LYS A 1 171 ? 0.545   9.343   19.022  1.00 54.75  ? 165  LYS A O   1 
ATOM   1338 C  CB  . LYS A 1 171 ? 2.885   8.395   20.547  1.00 54.25  ? 165  LYS A CB  1 
ATOM   1339 C  CG  . LYS A 1 171 ? 4.199   8.224   21.261  1.00 56.43  ? 165  LYS A CG  1 
ATOM   1340 C  CD  . LYS A 1 171 ? 3.993   7.294   22.448  1.00 59.06  ? 165  LYS A CD  1 
ATOM   1341 C  CE  . LYS A 1 171 ? 5.194   7.280   23.370  1.00 61.63  ? 165  LYS A CE  1 
ATOM   1342 N  NZ  . LYS A 1 171 ? 4.843   6.709   24.699  1.00 62.48  ? 165  LYS A NZ  1 
ATOM   1343 N  N   . THR A 1 172 ? 1.652   8.398   17.319  1.00 52.57  ? 166  THR A N   1 
ATOM   1344 C  CA  . THR A 1 172 ? 0.444   8.155   16.554  1.00 51.08  ? 166  THR A CA  1 
ATOM   1345 C  C   . THR A 1 172 ? 0.263   6.659   16.403  1.00 49.47  ? 166  THR A C   1 
ATOM   1346 O  O   . THR A 1 172 ? 1.134   5.987   15.869  1.00 50.52  ? 166  THR A O   1 
ATOM   1347 C  CB  . THR A 1 172 ? 0.532   8.799   15.148  1.00 52.50  ? 166  THR A CB  1 
ATOM   1348 O  OG1 . THR A 1 172 ? 0.674   10.221  15.273  1.00 52.15  ? 166  THR A OG1 1 
ATOM   1349 C  CG2 . THR A 1 172 ? -0.727  8.494   14.351  1.00 51.81  ? 166  THR A CG2 1 
ATOM   1350 N  N   . TYR A 1 173 ? -0.867  6.143   16.872  1.00 48.82  ? 167  TYR A N   1 
ATOM   1351 C  CA  . TYR A 1 173 ? -1.153  4.712   16.796  1.00 47.87  ? 167  TYR A CA  1 
ATOM   1352 C  C   . TYR A 1 173 ? -1.873  4.331   15.517  1.00 49.42  ? 167  TYR A C   1 
ATOM   1353 O  O   . TYR A 1 173 ? -2.887  4.945   15.175  1.00 51.95  ? 167  TYR A O   1 
ATOM   1354 C  CB  . TYR A 1 173 ? -2.019  4.274   17.981  1.00 46.49  ? 167  TYR A CB  1 
ATOM   1355 C  CG  . TYR A 1 173 ? -1.317  4.338   19.313  1.00 46.39  ? 167  TYR A CG  1 
ATOM   1356 C  CD1 . TYR A 1 173 ? -0.992  5.567   19.893  1.00 45.57  ? 167  TYR A CD1 1 
ATOM   1357 C  CD2 . TYR A 1 173 ? -0.908  3.167   19.961  1.00 44.98  ? 167  TYR A CD2 1 
ATOM   1358 C  CE1 . TYR A 1 173 ? -0.266  5.632   21.079  1.00 46.37  ? 167  TYR A CE1 1 
ATOM   1359 C  CE2 . TYR A 1 173 ? -0.184  3.218   21.145  1.00 46.24  ? 167  TYR A CE2 1 
ATOM   1360 C  CZ  . TYR A 1 173 ? 0.135   4.455   21.696  1.00 47.92  ? 167  TYR A CZ  1 
ATOM   1361 O  OH  . TYR A 1 173 ? 0.874   4.512   22.851  1.00 51.22  ? 167  TYR A OH  1 
ATOM   1362 N  N   . TYR A 1 174 ? -1.359  3.330   14.803  1.00 47.74  ? 168  TYR A N   1 
ATOM   1363 C  CA  . TYR A 1 174 ? -2.031  2.890   13.592  1.00 47.09  ? 168  TYR A CA  1 
ATOM   1364 C  C   . TYR A 1 174 ? -2.681  1.537   13.806  1.00 47.58  ? 168  TYR A C   1 
ATOM   1365 O  O   . TYR A 1 174 ? -3.179  0.911   12.878  1.00 48.35  ? 168  TYR A O   1 
ATOM   1366 C  CB  . TYR A 1 174 ? -1.094  2.899   12.375  1.00 47.58  ? 168  TYR A CB  1 
ATOM   1367 C  CG  . TYR A 1 174 ? 0.248   2.217   12.528  1.00 48.75  ? 168  TYR A CG  1 
ATOM   1368 C  CD1 . TYR A 1 174 ? 0.415   0.867   12.206  1.00 47.70  ? 168  TYR A CD1 1 
ATOM   1369 C  CD2 . TYR A 1 174 ? 1.369   2.946   12.920  1.00 46.41  ? 168  TYR A CD2 1 
ATOM   1370 C  CE1 . TYR A 1 174 ? 1.669   0.269   12.262  1.00 46.73  ? 168  TYR A CE1 1 
ATOM   1371 C  CE2 . TYR A 1 174 ? 2.621   2.358   12.981  1.00 46.12  ? 168  TYR A CE2 1 
ATOM   1372 C  CZ  . TYR A 1 174 ? 2.764   1.025   12.650  1.00 45.76  ? 168  TYR A CZ  1 
ATOM   1373 O  OH  . TYR A 1 174 ? 4.008   0.462   12.716  1.00 46.59  ? 168  TYR A OH  1 
ATOM   1374 N  N   . VAL A 1 175 ? -2.664  1.096   15.057  1.00 48.74  ? 169  VAL A N   1 
ATOM   1375 C  CA  . VAL A 1 175 ? -3.322  -0.136  15.478  1.00 49.76  ? 169  VAL A CA  1 
ATOM   1376 C  C   . VAL A 1 175 ? -3.630  0.086   16.950  1.00 52.88  ? 169  VAL A C   1 
ATOM   1377 O  O   . VAL A 1 175 ? -2.740  0.327   17.758  1.00 54.46  ? 169  VAL A O   1 
ATOM   1378 C  CB  . VAL A 1 175 ? -2.461  -1.403  15.329  1.00 49.34  ? 169  VAL A CB  1 
ATOM   1379 C  CG1 . VAL A 1 175 ? -3.269  -2.617  15.824  1.00 45.46  ? 169  VAL A CG1 1 
ATOM   1380 C  CG2 . VAL A 1 175 ? -2.061  -1.613  13.876  1.00 45.54  ? 169  VAL A CG2 1 
ATOM   1381 N  N   . ASN A 1 176 ? -4.912  0.034   17.272  1.00 55.97  ? 170  ASN A N   1 
ATOM   1382 C  CA  . ASN A 1 176 ? -5.408  0.261   18.615  1.00 58.22  ? 170  ASN A CA  1 
ATOM   1383 C  C   . ASN A 1 176 ? -5.799  -1.085  19.202  1.00 59.84  ? 170  ASN A C   1 
ATOM   1384 O  O   . ASN A 1 176 ? -6.747  -1.712  18.737  1.00 59.95  ? 170  ASN A O   1 
ATOM   1385 C  CB  . ASN A 1 176 ? -6.632  1.180   18.527  1.00 58.71  ? 170  ASN A CB  1 
ATOM   1386 C  CG  . ASN A 1 176 ? -7.223  1.509   19.879  1.00 59.06  ? 170  ASN A CG  1 
ATOM   1387 O  OD1 . ASN A 1 176 ? -7.418  0.630   20.720  1.00 58.50  ? 170  ASN A OD1 1 
ATOM   1388 N  ND2 . ASN A 1 176 ? -7.528  2.785   20.089  1.00 58.92  ? 170  ASN A ND2 1 
ATOM   1389 N  N   . PHE A 1 177 ? -5.074  -1.526  20.226  1.00 61.96  ? 171  PHE A N   1 
ATOM   1390 C  CA  . PHE A 1 177 ? -5.359  -2.811  20.848  1.00 64.39  ? 171  PHE A CA  1 
ATOM   1391 C  C   . PHE A 1 177 ? -6.699  -2.883  21.580  1.00 67.04  ? 171  PHE A C   1 
ATOM   1392 O  O   . PHE A 1 177 ? -7.270  -3.964  21.709  1.00 67.27  ? 171  PHE A O   1 
ATOM   1393 C  CB  . PHE A 1 177 ? -4.218  -3.204  21.793  1.00 61.91  ? 171  PHE A CB  1 
ATOM   1394 C  CG  . PHE A 1 177 ? -2.946  -3.597  21.080  1.00 61.34  ? 171  PHE A CG  1 
ATOM   1395 C  CD1 . PHE A 1 177 ? -2.960  -3.922  19.723  1.00 59.50  ? 171  PHE A CD1 1 
ATOM   1396 C  CD2 . PHE A 1 177 ? -1.731  -3.617  21.759  1.00 58.01  ? 171  PHE A CD2 1 
ATOM   1397 C  CE1 . PHE A 1 177 ? -1.780  -4.251  19.058  1.00 58.45  ? 171  PHE A CE1 1 
ATOM   1398 C  CE2 . PHE A 1 177 ? -0.551  -3.944  21.102  1.00 56.73  ? 171  PHE A CE2 1 
ATOM   1399 C  CZ  . PHE A 1 177 ? -0.575  -4.260  19.749  1.00 57.54  ? 171  PHE A CZ  1 
ATOM   1400 N  N   . ASN A 1 178 ? -7.212  -1.747  22.046  1.00 70.25  ? 172  ASN A N   1 
ATOM   1401 C  CA  . ASN A 1 178 ? -8.492  -1.753  22.752  1.00 73.86  ? 172  ASN A CA  1 
ATOM   1402 C  C   . ASN A 1 178 ? -9.660  -1.957  21.777  1.00 75.88  ? 172  ASN A C   1 
ATOM   1403 O  O   . ASN A 1 178 ? -10.611 -2.687  22.074  1.00 75.89  ? 172  ASN A O   1 
ATOM   1404 C  CB  . ASN A 1 178 ? -8.681  -0.453  23.535  1.00 75.79  ? 172  ASN A CB  1 
ATOM   1405 C  CG  . ASN A 1 178 ? -9.753  -0.574  24.605  1.00 77.85  ? 172  ASN A CG  1 
ATOM   1406 O  OD1 . ASN A 1 178 ? -10.899 -0.914  24.313  1.00 79.74  ? 172  ASN A OD1 1 
ATOM   1407 N  ND2 . ASN A 1 178 ? -9.382  -0.299  25.854  1.00 77.69  ? 172  ASN A ND2 1 
ATOM   1408 N  N   . LYS A 1 179 ? -9.590  -1.307  20.619  1.00 77.71  ? 173  LYS A N   1 
ATOM   1409 C  CA  . LYS A 1 179 ? -10.630 -1.461  19.610  1.00 80.11  ? 173  LYS A CA  1 
ATOM   1410 C  C   . LYS A 1 179 ? -10.644 -2.920  19.168  1.00 81.71  ? 173  LYS A C   1 
ATOM   1411 O  O   . LYS A 1 179 ? -11.707 -3.538  19.056  1.00 82.36  ? 173  LYS A O   1 
ATOM   1412 C  CB  . LYS A 1 179 ? -10.354 -0.574  18.392  1.00 81.01  ? 173  LYS A CB  1 
ATOM   1413 C  CG  . LYS A 1 179 ? -10.689 0.894   18.584  1.00 83.33  ? 173  LYS A CG  1 
ATOM   1414 C  CD  . LYS A 1 179 ? -10.690 1.636   17.249  1.00 84.45  ? 173  LYS A CD  1 
ATOM   1415 C  CE  . LYS A 1 179 ? -11.095 3.103   17.416  1.00 85.56  ? 173  LYS A CE  1 
ATOM   1416 N  NZ  . LYS A 1 179 ? -11.203 3.827   16.110  1.00 84.95  ? 173  LYS A NZ  1 
ATOM   1417 N  N   . GLU A 1 180 ? -9.453  -3.464  18.922  1.00 82.39  ? 174  GLU A N   1 
ATOM   1418 C  CA  . GLU A 1 180 ? -9.312  -4.849  18.493  1.00 83.48  ? 174  GLU A CA  1 
ATOM   1419 C  C   . GLU A 1 180 ? -9.982  -5.798  19.480  1.00 84.43  ? 174  GLU A C   1 
ATOM   1420 O  O   . GLU A 1 180 ? -10.587 -6.791  19.085  1.00 83.84  ? 174  GLU A O   1 
ATOM   1421 C  CB  . GLU A 1 180 ? -7.831  -5.211  18.351  1.00 83.03  ? 174  GLU A CB  1 
ATOM   1422 C  CG  . GLU A 1 180 ? -7.078  -4.383  17.316  1.00 82.56  ? 174  GLU A CG  1 
ATOM   1423 C  CD  . GLU A 1 180 ? -7.661  -4.502  15.914  1.00 83.17  ? 174  GLU A CD  1 
ATOM   1424 O  OE1 . GLU A 1 180 ? -7.695  -5.628  15.371  1.00 82.18  ? 174  GLU A OE1 1 
ATOM   1425 O  OE2 . GLU A 1 180 ? -8.086  -3.468  15.353  1.00 82.59  ? 174  GLU A OE2 1 
ATOM   1426 N  N   . ALA A 1 181 ? -9.872  -5.480  20.766  1.00 86.13  ? 175  ALA A N   1 
ATOM   1427 C  CA  . ALA A 1 181 ? -10.470 -6.301  21.814  1.00 88.07  ? 175  ALA A CA  1 
ATOM   1428 C  C   . ALA A 1 181 ? -11.982 -6.399  21.620  1.00 89.81  ? 175  ALA A C   1 
ATOM   1429 O  O   . ALA A 1 181 ? -12.554 -7.490  21.600  1.00 89.51  ? 175  ALA A O   1 
ATOM   1430 C  CB  . ALA A 1 181 ? -10.152 -5.705  23.182  1.00 86.79  ? 175  ALA A CB  1 
ATOM   1431 N  N   . GLN A 1 182 ? -12.620 -5.245  21.472  1.00 92.12  ? 176  GLN A N   1 
ATOM   1432 C  CA  . GLN A 1 182 ? -14.061 -5.175  21.282  1.00 94.06  ? 176  GLN A CA  1 
ATOM   1433 C  C   . GLN A 1 182 ? -14.522 -5.925  20.034  1.00 94.97  ? 176  GLN A C   1 
ATOM   1434 O  O   . GLN A 1 182 ? -15.721 -6.018  19.771  1.00 95.33  ? 176  GLN A O   1 
ATOM   1435 C  CB  . GLN A 1 182 ? -14.491 -3.714  21.179  1.00 95.25  ? 176  GLN A CB  1 
ATOM   1436 C  CG  . GLN A 1 182 ? -14.139 -2.881  22.397  1.00 97.02  ? 176  GLN A CG  1 
ATOM   1437 C  CD  . GLN A 1 182 ? -14.430 -1.405  22.194  1.00 98.12  ? 176  GLN A CD  1 
ATOM   1438 O  OE1 . GLN A 1 182 ? -14.348 -0.610  23.131  1.00 98.52  ? 176  GLN A OE1 1 
ATOM   1439 N  NE2 . GLN A 1 182 ? -14.764 -1.031  20.961  1.00 98.63  ? 176  GLN A NE2 1 
ATOM   1440 N  N   . LYS A 1 183 ? -13.573 -6.458  19.270  1.00 95.68  ? 177  LYS A N   1 
ATOM   1441 C  CA  . LYS A 1 183 ? -13.907 -7.182  18.048  1.00 96.52  ? 177  LYS A CA  1 
ATOM   1442 C  C   . LYS A 1 183 ? -13.587 -8.674  18.079  1.00 97.23  ? 177  LYS A C   1 
ATOM   1443 O  O   . LYS A 1 183 ? -14.272 -9.469  17.436  1.00 98.09  ? 177  LYS A O   1 
ATOM   1444 C  CB  . LYS A 1 183 ? -13.202 -6.536  16.848  1.00 96.69  ? 177  LYS A CB  1 
ATOM   1445 C  CG  . LYS A 1 183 ? -13.824 -5.218  16.401  1.00 97.91  ? 177  LYS A CG  1 
ATOM   1446 C  CD  . LYS A 1 183 ? -13.013 -4.527  15.305  1.00 98.42  ? 177  LYS A CD  1 
ATOM   1447 C  CE  . LYS A 1 183 ? -11.705 -3.950  15.843  1.00 98.84  ? 177  LYS A CE  1 
ATOM   1448 N  NZ  . LYS A 1 183 ? -10.982 -3.125  14.830  1.00 98.12  ? 177  LYS A NZ  1 
ATOM   1449 N  N   . TYR A 1 184 ? -12.560 -9.060  18.829  1.00 97.54  ? 178  TYR A N   1 
ATOM   1450 C  CA  . TYR A 1 184 ? -12.166 -10.465 18.890  1.00 97.52  ? 178  TYR A CA  1 
ATOM   1451 C  C   . TYR A 1 184 ? -12.038 -10.983 20.312  1.00 97.43  ? 178  TYR A C   1 
ATOM   1452 O  O   . TYR A 1 184 ? -11.703 -12.149 20.531  1.00 97.19  ? 178  TYR A O   1 
ATOM   1453 C  CB  . TYR A 1 184 ? -10.837 -10.654 18.160  1.00 97.75  ? 178  TYR A CB  1 
ATOM   1454 C  CG  . TYR A 1 184 ? -10.815 -10.012 16.793  1.00 98.88  ? 178  TYR A CG  1 
ATOM   1455 C  CD1 . TYR A 1 184 ? -11.688 -10.434 15.789  1.00 98.85  ? 178  TYR A CD1 1 
ATOM   1456 C  CD2 . TYR A 1 184 ? -9.933  -8.971  16.507  1.00 99.01  ? 178  TYR A CD2 1 
ATOM   1457 C  CE1 . TYR A 1 184 ? -11.684 -9.835  14.533  1.00 99.18  ? 178  TYR A CE1 1 
ATOM   1458 C  CE2 . TYR A 1 184 ? -9.920  -8.365  15.252  1.00 99.94  ? 178  TYR A CE2 1 
ATOM   1459 C  CZ  . TYR A 1 184 ? -10.798 -8.802  14.270  1.00 99.98  ? 178  TYR A CZ  1 
ATOM   1460 O  OH  . TYR A 1 184 ? -10.790 -8.208  13.029  1.00 100.00 ? 178  TYR A OH  1 
ATOM   1461 N  N   . GLY A 1 185 ? -12.304 -10.114 21.279  1.00 97.05  ? 179  GLY A N   1 
ATOM   1462 C  CA  . GLY A 1 185 ? -12.202 -10.516 22.667  1.00 96.50  ? 179  GLY A CA  1 
ATOM   1463 C  C   . GLY A 1 185 ? -13.474 -10.251 23.441  1.00 96.24  ? 179  GLY A C   1 
ATOM   1464 O  O   . GLY A 1 185 ? -14.435 -9.694  22.905  1.00 95.70  ? 179  GLY A O   1 
ATOM   1465 N  N   . SER A 1 186 ? -13.473 -10.656 24.707  1.00 95.94  ? 180  SER A N   1 
ATOM   1466 C  CA  . SER A 1 186 ? -14.620 -10.472 25.589  1.00 95.74  ? 180  SER A CA  1 
ATOM   1467 C  C   . SER A 1 186 ? -14.196 -9.714  26.845  1.00 95.49  ? 180  SER A C   1 
ATOM   1468 O  O   . SER A 1 186 ? -15.003 -9.026  27.477  1.00 95.28  ? 180  SER A O   1 
ATOM   1469 C  CB  . SER A 1 186 ? -15.216 -11.834 25.967  1.00 95.83  ? 180  SER A CB  1 
ATOM   1470 O  OG  . SER A 1 186 ? -14.228 -12.708 26.485  1.00 95.16  ? 180  SER A OG  1 
ATOM   1471 N  N   . THR A 1 187 ? -12.920 -9.847  27.196  1.00 94.91  ? 181  THR A N   1 
ATOM   1472 C  CA  . THR A 1 187 ? -12.364 -9.178  28.364  1.00 93.72  ? 181  THR A CA  1 
ATOM   1473 C  C   . THR A 1 187 ? -11.445 -8.067  27.877  1.00 92.88  ? 181  THR A C   1 
ATOM   1474 O  O   . THR A 1 187 ? -11.190 -7.940  26.679  1.00 92.19  ? 181  THR A O   1 
ATOM   1475 C  CB  . THR A 1 187 ? -11.537 -10.155 29.230  1.00 94.02  ? 181  THR A CB  1 
ATOM   1476 O  OG1 . THR A 1 187 ? -12.274 -11.370 29.417  1.00 93.88  ? 181  THR A OG1 1 
ATOM   1477 C  CG2 . THR A 1 187 ? -11.244 -9.545  30.597  1.00 94.11  ? 181  THR A CG2 1 
ATOM   1478 N  N   . ASN A 1 188 ? -10.961 -7.253  28.807  1.00 92.49  ? 182  ASN A N   1 
ATOM   1479 C  CA  . ASN A 1 188 ? -10.053 -6.169  28.465  1.00 91.33  ? 182  ASN A CA  1 
ATOM   1480 C  C   . ASN A 1 188 ? -8.652  -6.531  28.929  1.00 88.95  ? 182  ASN A C   1 
ATOM   1481 O  O   . ASN A 1 188 ? -7.906  -5.694  29.446  1.00 88.66  ? 182  ASN A O   1 
ATOM   1482 C  CB  . ASN A 1 188 ? -10.523 -4.857  29.095  1.00 92.99  ? 182  ASN A CB  1 
ATOM   1483 C  CG  . ASN A 1 188 ? -11.615 -4.185  28.277  1.00 94.66  ? 182  ASN A CG  1 
ATOM   1484 O  OD1 . ASN A 1 188 ? -12.222 -3.207  28.714  1.00 96.47  ? 182  ASN A OD1 1 
ATOM   1485 N  ND2 . ASN A 1 188 ? -11.863 -4.707  27.076  1.00 93.59  ? 182  ASN A ND2 1 
ATOM   1486 N  N   . HIS A 1 189 ? -8.320  -7.806  28.734  1.00 85.81  ? 183  HIS A N   1 
ATOM   1487 C  CA  . HIS A 1 189 ? -7.021  -8.354  29.093  1.00 82.49  ? 183  HIS A CA  1 
ATOM   1488 C  C   . HIS A 1 189 ? -6.430  -9.012  27.846  1.00 80.19  ? 183  HIS A C   1 
ATOM   1489 O  O   . HIS A 1 189 ? -7.089  -9.831  27.200  1.00 78.84  ? 183  HIS A O   1 
ATOM   1490 C  CB  . HIS A 1 189 ? -7.171  -9.409  30.194  1.00 83.08  ? 183  HIS A CB  1 
ATOM   1491 C  CG  . HIS A 1 189 ? -7.823  -8.902  31.444  0.50 84.42  ? 183  HIS A CG  1 
ATOM   1492 N  ND1 . HIS A 1 189 ? -8.074  -9.714  32.530  0.50 84.67  ? 183  HIS A ND1 1 
ATOM   1493 C  CD2 . HIS A 1 189 ? -8.291  -7.676  31.778  0.50 84.83  ? 183  HIS A CD2 1 
ATOM   1494 C  CE1 . HIS A 1 189 ? -8.669  -9.010  33.478  0.50 85.13  ? 183  HIS A CE1 1 
ATOM   1495 N  NE2 . HIS A 1 189 ? -8.813  -7.770  33.045  0.50 85.37  ? 183  HIS A NE2 1 
ATOM   1496 N  N   . TRP A 1 190 ? -5.199  -8.642  27.497  1.00 76.67  ? 184  TRP A N   1 
ATOM   1497 C  CA  . TRP A 1 190 ? -4.538  -9.225  26.332  1.00 72.71  ? 184  TRP A CA  1 
ATOM   1498 C  C   . TRP A 1 190 ? -3.016  -9.271  26.492  1.00 70.00  ? 184  TRP A C   1 
ATOM   1499 O  O   . TRP A 1 190 ? -2.442  -8.577  27.330  1.00 69.41  ? 184  TRP A O   1 
ATOM   1500 C  CB  . TRP A 1 190 ? -4.934  -8.470  25.049  1.00 71.93  ? 184  TRP A CB  1 
ATOM   1501 C  CG  . TRP A 1 190 ? -4.506  -7.033  24.985  1.00 71.91  ? 184  TRP A CG  1 
ATOM   1502 C  CD1 . TRP A 1 190 ? -3.246  -6.560  24.754  1.00 72.41  ? 184  TRP A CD1 1 
ATOM   1503 C  CD2 . TRP A 1 190 ? -5.340  -5.881  25.159  1.00 72.60  ? 184  TRP A CD2 1 
ATOM   1504 N  NE1 . TRP A 1 190 ? -3.242  -5.186  24.771  1.00 72.27  ? 184  TRP A NE1 1 
ATOM   1505 C  CE2 . TRP A 1 190 ? -4.513  -4.741  25.020  1.00 71.78  ? 184  TRP A CE2 1 
ATOM   1506 C  CE3 . TRP A 1 190 ? -6.706  -5.698  25.421  1.00 72.92  ? 184  TRP A CE3 1 
ATOM   1507 C  CZ2 . TRP A 1 190 ? -5.007  -3.437  25.132  1.00 71.85  ? 184  TRP A CZ2 1 
ATOM   1508 C  CZ3 . TRP A 1 190 ? -7.199  -4.398  25.532  1.00 72.60  ? 184  TRP A CZ3 1 
ATOM   1509 C  CH2 . TRP A 1 190 ? -6.347  -3.285  25.389  1.00 72.54  ? 184  TRP A CH2 1 
ATOM   1510 N  N   . GLU A 1 191 ? -2.374  -10.112 25.692  1.00 66.84  ? 185  GLU A N   1 
ATOM   1511 C  CA  . GLU A 1 191 ? -0.929  -10.265 25.740  1.00 64.30  ? 185  GLU A CA  1 
ATOM   1512 C  C   . GLU A 1 191 ? -0.366  -9.933  24.356  1.00 61.18  ? 185  GLU A C   1 
ATOM   1513 O  O   . GLU A 1 191 ? -0.902  -10.371 23.338  1.00 59.96  ? 185  GLU A O   1 
ATOM   1514 C  CB  . GLU A 1 191 ? -0.582  -11.704 26.146  1.00 66.80  ? 185  GLU A CB  1 
ATOM   1515 C  CG  . GLU A 1 191 ? 0.897   -11.963 26.416  1.00 71.23  ? 185  GLU A CG  1 
ATOM   1516 C  CD  . GLU A 1 191 ? 1.166   -13.369 26.957  1.00 73.50  ? 185  GLU A CD  1 
ATOM   1517 O  OE1 . GLU A 1 191 ? 0.702   -13.682 28.074  1.00 75.90  ? 185  GLU A OE1 1 
ATOM   1518 O  OE2 . GLU A 1 191 ? 1.844   -14.162 26.268  1.00 75.21  ? 185  GLU A OE2 1 
ATOM   1519 N  N   . VAL A 1 192 ? 0.711   -9.154  24.331  1.00 56.92  ? 186  VAL A N   1 
ATOM   1520 C  CA  . VAL A 1 192 ? 1.345   -8.740  23.082  1.00 53.72  ? 186  VAL A CA  1 
ATOM   1521 C  C   . VAL A 1 192 ? 2.723   -9.368  22.895  1.00 52.99  ? 186  VAL A C   1 
ATOM   1522 O  O   . VAL A 1 192 ? 3.536   -9.358  23.808  1.00 52.00  ? 186  VAL A O   1 
ATOM   1523 C  CB  . VAL A 1 192 ? 1.512   -7.215  23.044  1.00 51.96  ? 186  VAL A CB  1 
ATOM   1524 C  CG1 . VAL A 1 192 ? 2.022   -6.788  21.703  1.00 53.39  ? 186  VAL A CG1 1 
ATOM   1525 C  CG2 . VAL A 1 192 ? 0.197   -6.548  23.342  1.00 52.28  ? 186  VAL A CG2 1 
ATOM   1526 N  N   . CYS A 1 193 ? 2.985   -9.905  21.704  1.00 53.34  ? 187  CYS A N   1 
ATOM   1527 C  CA  . CYS A 1 193 ? 4.274   -10.527 21.412  1.00 53.60  ? 187  CYS A CA  1 
ATOM   1528 C  C   . CYS A 1 193 ? 4.874   -10.107 20.082  1.00 51.98  ? 187  CYS A C   1 
ATOM   1529 O  O   . CYS A 1 193 ? 4.294   -10.345 19.025  1.00 52.69  ? 187  CYS A O   1 
ATOM   1530 C  CB  . CYS A 1 193 ? 4.163   -12.055 21.394  1.00 56.02  ? 187  CYS A CB  1 
ATOM   1531 S  SG  . CYS A 1 193 ? 3.798   -12.840 22.965  1.00 71.66  ? 187  CYS A SG  1 
ATOM   1532 N  N   . TYR A 1 194 ? 6.052   -9.501  20.144  1.00 51.10  ? 188  TYR A N   1 
ATOM   1533 C  CA  . TYR A 1 194 ? 6.789   -9.085  18.963  1.00 49.69  ? 188  TYR A CA  1 
ATOM   1534 C  C   . TYR A 1 194 ? 8.249   -9.238  19.370  1.00 50.58  ? 188  TYR A C   1 
ATOM   1535 O  O   . TYR A 1 194 ? 8.644   -8.801  20.457  1.00 50.97  ? 188  TYR A O   1 
ATOM   1536 C  CB  . TYR A 1 194 ? 6.452   -7.637  18.599  1.00 50.36  ? 188  TYR A CB  1 
ATOM   1537 C  CG  . TYR A 1 194 ? 6.914   -6.624  19.607  1.00 52.60  ? 188  TYR A CG  1 
ATOM   1538 C  CD1 . TYR A 1 194 ? 6.135   -6.319  20.720  1.00 54.24  ? 188  TYR A CD1 1 
ATOM   1539 C  CD2 . TYR A 1 194 ? 8.151   -5.992  19.469  1.00 53.91  ? 188  TYR A CD2 1 
ATOM   1540 C  CE1 . TYR A 1 194 ? 6.577   -5.409  21.682  1.00 57.53  ? 188  TYR A CE1 1 
ATOM   1541 C  CE2 . TYR A 1 194 ? 8.604   -5.082  20.418  1.00 56.56  ? 188  TYR A CE2 1 
ATOM   1542 C  CZ  . TYR A 1 194 ? 7.815   -4.796  21.527  1.00 58.67  ? 188  TYR A CZ  1 
ATOM   1543 O  OH  . TYR A 1 194 ? 8.272   -3.915  22.484  1.00 59.84  ? 188  TYR A OH  1 
ATOM   1544 N  N   . GLY A 1 195 ? 9.047   -9.873  18.517  1.00 50.01  ? 189  GLY A N   1 
ATOM   1545 C  CA  . GLY A 1 195 ? 10.442  -10.091 18.857  1.00 49.96  ? 189  GLY A CA  1 
ATOM   1546 C  C   . GLY A 1 195 ? 10.478  -11.112 19.978  1.00 51.80  ? 189  GLY A C   1 
ATOM   1547 O  O   . GLY A 1 195 ? 9.784   -12.136 19.913  1.00 49.71  ? 189  GLY A O   1 
ATOM   1548 N  N   . SER A 1 196 ? 11.278  -10.850 21.008  1.00 52.77  ? 190  SER A N   1 
ATOM   1549 C  CA  . SER A 1 196 ? 11.360  -11.761 22.153  1.00 53.97  ? 190  SER A CA  1 
ATOM   1550 C  C   . SER A 1 196 ? 10.726  -11.038 23.324  1.00 53.54  ? 190  SER A C   1 
ATOM   1551 O  O   . SER A 1 196 ? 10.914  -11.402 24.484  1.00 53.16  ? 190  SER A O   1 
ATOM   1552 C  CB  . SER A 1 196 ? 12.820  -12.087 22.492  1.00 54.72  ? 190  SER A CB  1 
ATOM   1553 O  OG  . SER A 1 196 ? 13.374  -13.010 21.576  1.00 55.89  ? 190  SER A OG  1 
ATOM   1554 N  N   . THR A 1 197 ? 9.970   -10.002 22.997  1.00 53.67  ? 191  THR A N   1 
ATOM   1555 C  CA  . THR A 1 197 ? 9.322   -9.175  23.994  1.00 53.10  ? 191  THR A CA  1 
ATOM   1556 C  C   . THR A 1 197 ? 7.847   -9.478  24.189  1.00 53.94  ? 191  THR A C   1 
ATOM   1557 O  O   . THR A 1 197 ? 7.129   -9.775  23.239  1.00 54.98  ? 191  THR A O   1 
ATOM   1558 C  CB  . THR A 1 197 ? 9.493   -7.706  23.614  1.00 52.98  ? 191  THR A CB  1 
ATOM   1559 O  OG1 . THR A 1 197 ? 10.888  -7.384  23.662  1.00 51.54  ? 191  THR A OG1 1 
ATOM   1560 C  CG2 . THR A 1 197 ? 8.703   -6.794  24.552  1.00 52.64  ? 191  THR A CG2 1 
ATOM   1561 N  N   . VAL A 1 198 ? 7.405   -9.399  25.437  1.00 54.96  ? 192  VAL A N   1 
ATOM   1562 C  CA  . VAL A 1 198 ? 6.011   -9.640  25.772  1.00 55.30  ? 192  VAL A CA  1 
ATOM   1563 C  C   . VAL A 1 198 ? 5.526   -8.562  26.732  1.00 56.38  ? 192  VAL A C   1 
ATOM   1564 O  O   . VAL A 1 198 ? 6.245   -8.163  27.645  1.00 57.84  ? 192  VAL A O   1 
ATOM   1565 C  CB  . VAL A 1 198 ? 5.823   -11.030 26.439  1.00 56.54  ? 192  VAL A CB  1 
ATOM   1566 C  CG1 . VAL A 1 198 ? 4.384   -11.192 26.922  1.00 56.63  ? 192  VAL A CG1 1 
ATOM   1567 C  CG2 . VAL A 1 198 ? 6.165   -12.140 25.443  1.00 53.54  ? 192  VAL A CG2 1 
ATOM   1568 N  N   . ILE A 1 199 ? 4.316   -8.070  26.508  1.00 57.21  ? 193  ILE A N   1 
ATOM   1569 C  CA  . ILE A 1 199 ? 3.736   -7.066  27.386  1.00 58.40  ? 193  ILE A CA  1 
ATOM   1570 C  C   . ILE A 1 199 ? 2.241   -7.307  27.496  1.00 60.22  ? 193  ILE A C   1 
ATOM   1571 O  O   . ILE A 1 199 ? 1.570   -7.554  26.496  1.00 60.72  ? 193  ILE A O   1 
ATOM   1572 C  CB  . ILE A 1 199 ? 4.005   -5.615  26.888  1.00 58.65  ? 193  ILE A CB  1 
ATOM   1573 C  CG1 . ILE A 1 199 ? 3.258   -4.616  27.781  1.00 58.96  ? 193  ILE A CG1 1 
ATOM   1574 C  CG2 . ILE A 1 199 ? 3.563   -5.447  25.446  1.00 58.08  ? 193  ILE A CG2 1 
ATOM   1575 C  CD1 . ILE A 1 199 ? 3.860   -3.218  27.793  1.00 59.21  ? 193  ILE A CD1 1 
ATOM   1576 N  N   . CYS A 1 200 ? 1.722   -7.250  28.718  1.00 63.44  ? 194  CYS A N   1 
ATOM   1577 C  CA  . CYS A 1 200 ? 0.301   -7.469  28.949  1.00 65.26  ? 194  CYS A CA  1 
ATOM   1578 C  C   . CYS A 1 200 ? -0.472  -6.189  29.250  1.00 66.72  ? 194  CYS A C   1 
ATOM   1579 O  O   . CYS A 1 200 ? 0.060   -5.239  29.834  1.00 66.31  ? 194  CYS A O   1 
ATOM   1580 C  CB  . CYS A 1 200 ? 0.109   -8.463  30.092  1.00 65.22  ? 194  CYS A CB  1 
ATOM   1581 S  SG  . CYS A 1 200 ? 0.720   -10.124 29.724  1.00 72.33  ? 194  CYS A SG  1 
ATOM   1582 N  N   . SER A 1 201 ? -1.731  -6.167  28.831  1.00 68.93  ? 195  SER A N   1 
ATOM   1583 C  CA  . SER A 1 201 ? -2.592  -5.020  29.076  1.00 71.14  ? 195  SER A CA  1 
ATOM   1584 C  C   . SER A 1 201 ? -2.802  -4.968  30.581  1.00 73.13  ? 195  SER A C   1 
ATOM   1585 O  O   . SER A 1 201 ? -2.812  -6.003  31.247  1.00 73.24  ? 195  SER A O   1 
ATOM   1586 C  CB  . SER A 1 201 ? -3.942  -5.210  28.387  1.00 70.55  ? 195  SER A CB  1 
ATOM   1587 O  OG  . SER A 1 201 ? -4.619  -6.342  28.916  1.00 68.89  ? 195  SER A OG  1 
ATOM   1588 N  N   . PRO A 1 202 ? -2.951  -3.764  31.144  1.00 75.50  ? 196  PRO A N   1 
ATOM   1589 C  CA  . PRO A 1 202 ? -3.159  -3.728  32.594  1.00 76.66  ? 196  PRO A CA  1 
ATOM   1590 C  C   . PRO A 1 202 ? -4.614  -4.054  32.929  1.00 77.65  ? 196  PRO A C   1 
ATOM   1591 O  O   . PRO A 1 202 ? -5.204  -3.319  33.748  1.00 79.76  ? 196  PRO A O   1 
ATOM   1592 C  CB  . PRO A 1 202 ? -2.774  -2.296  32.959  1.00 76.23  ? 196  PRO A CB  1 
ATOM   1593 C  CG  . PRO A 1 202 ? -3.203  -1.523  31.742  1.00 76.66  ? 196  PRO A CG  1 
ATOM   1594 C  CD  . PRO A 1 202 ? -2.738  -2.410  30.598  1.00 75.77  ? 196  PRO A CD  1 
HETATM 1595 C  C1  . 434 B 2 .   ? -1.989  -5.325  -8.439  1.00 38.59  ? 1111 434 A C1  1 
HETATM 1596 C  C2  . 434 B 2 .   ? -2.009  -6.853  -8.468  1.00 37.81  ? 1111 434 A C2  1 
HETATM 1597 O  O4  . 434 B 2 .   ? -0.738  -4.753  -8.753  1.00 41.53  ? 1111 434 A O4  1 
HETATM 1598 C  C5  . 434 B 2 .   ? -0.739  -3.397  -8.363  1.00 39.80  ? 1111 434 A C5  1 
HETATM 1599 C  C6  . 434 B 2 .   ? -1.979  -3.152  -7.490  1.00 40.67  ? 1111 434 A C6  1 
HETATM 1600 C  C8  . 434 B 2 .   ? -2.475  -4.568  -7.211  1.00 41.55  ? 1111 434 A C8  1 
HETATM 1601 C  C10 . 434 B 2 .   ? 0.593   -3.144  -7.700  1.00 36.63  ? 1111 434 A C10 1 
HETATM 1602 C  C11 . 434 B 2 .   ? 1.340   -2.166  -8.494  1.00 39.81  ? 1111 434 A C11 1 
HETATM 1603 O  O12 . 434 B 2 .   ? 0.975   -3.667  -6.680  1.00 33.63  ? 1111 434 A O12 1 
HETATM 1604 C  C13 . 434 B 2 .   ? -0.697  -2.516  -9.576  1.00 38.80  ? 1111 434 A C13 1 
HETATM 1605 O  O14 . 434 B 2 .   ? -1.570  -2.410  -10.406 1.00 37.57  ? 1111 434 A O14 1 
HETATM 1606 C  C15 . 434 B 2 .   ? 2.618   -1.632  -8.259  1.00 40.60  ? 1111 434 A C15 1 
HETATM 1607 C  C17 . 434 B 2 .   ? 3.110   -0.697  -9.197  1.00 43.37  ? 1111 434 A C17 1 
HETATM 1608 C  C19 . 434 B 2 .   ? 2.341   -0.326  -10.316 1.00 40.79  ? 1111 434 A C19 1 
HETATM 1609 C  C21 . 434 B 2 .   ? 1.055   -0.881  -10.527 1.00 38.34  ? 1111 434 A C21 1 
HETATM 1610 C  C23 . 434 B 2 .   ? 0.584   -1.798  -9.596  1.00 38.49  ? 1111 434 A C23 1 
HETATM 1611 C  C24 . 434 B 2 .   ? -1.742  -2.275  -6.257  1.00 43.09  ? 1111 434 A C24 1 
HETATM 1612 O  O25 . 434 B 2 .   ? -2.290  -2.377  -5.170  1.00 44.47  ? 1111 434 A O25 1 
HETATM 1613 O  O26 . 434 B 2 .   ? -0.874  -1.390  -6.462  1.00 42.62  ? 1111 434 A O26 1 
HETATM 1614 C  C28 . 434 B 2 .   ? -2.298  -5.318  -5.896  1.00 46.19  ? 1111 434 A C28 1 
HETATM 1615 O  O29 . 434 B 2 .   ? -3.173  -5.806  -5.220  1.00 49.37  ? 1111 434 A O29 1 
HETATM 1616 N  N30 . 434 B 2 .   ? -0.939  -5.348  -5.597  1.00 52.66  ? 1111 434 A N30 1 
HETATM 1617 C  C31 . 434 B 2 .   ? -0.472  -5.895  -4.362  1.00 60.41  ? 1111 434 A C31 1 
HETATM 1618 C  C33 . 434 B 2 .   ? 0.742   -5.465  -3.818  1.00 62.34  ? 1111 434 A C33 1 
HETATM 1619 C  C35 . 434 B 2 .   ? 1.215   -5.987  -2.621  1.00 66.66  ? 1111 434 A C35 1 
HETATM 1620 C  C37 . 434 B 2 .   ? 0.487   -6.962  -1.924  1.00 72.77  ? 1111 434 A C37 1 
HETATM 1621 C  C38 . 434 B 2 .   ? 1.019   -7.500  -0.667  1.00 78.95  ? 1111 434 A C38 1 
HETATM 1622 C  C39 . 434 B 2 .   ? -0.739  -7.396  -2.469  1.00 68.25  ? 1111 434 A C39 1 
HETATM 1623 C  C41 . 434 B 2 .   ? -1.210  -6.870  -3.668  1.00 64.96  ? 1111 434 A C41 1 
HETATM 1624 N  N43 . 434 B 2 .   ? 0.823   -6.856  0.532   1.00 83.35  ? 1111 434 A N43 1 
HETATM 1625 N  N44 . 434 B 2 .   ? 1.415   -7.569  1.487   1.00 86.96  ? 1111 434 A N44 1 
HETATM 1626 S  S46 . 434 B 2 .   ? 2.182   -8.951  1.024   1.00 90.47  ? 1111 434 A S46 1 
HETATM 1627 C  C47 . 434 B 2 .   ? 1.748   -8.671  -0.578  1.00 83.43  ? 1111 434 A C47 1 
HETATM 1628 C  C49 . 434 B 2 .   ? -1.056  -7.576  -9.212  1.00 35.42  ? 1111 434 A C49 1 
HETATM 1629 C  C51 . 434 B 2 .   ? -1.070  -8.980  -9.245  1.00 33.97  ? 1111 434 A C51 1 
HETATM 1630 C  C53 . 434 B 2 .   ? -2.066  -9.699  -8.513  1.00 34.15  ? 1111 434 A C53 1 
HETATM 1631 C  C55 . 434 B 2 .   ? -3.017  -8.978  -7.771  1.00 32.78  ? 1111 434 A C55 1 
HETATM 1632 C  C57 . 434 B 2 .   ? -2.993  -7.579  -7.746  1.00 35.52  ? 1111 434 A C57 1 
HETATM 1633 C  C3  . 434 B 2 .   ? 4.502   -0.077  -8.996  1.00 42.97  ? 1111 434 A C3  1 
HETATM 1634 CL CL1 . 434 B 2 .   ? 0.115   -9.780  -10.171 1.00 18.83  ? 1111 434 A CL1 1 
HETATM 1635 CL CL2 . 434 B 2 .   ? -2.127  -11.415 -8.514  1.00 21.16  ? 1111 434 A CL2 1 
HETATM 1636 C  C1  . 434 C 2 .   ? -6.373  -4.455  -8.867  1.00 59.65  ? 1112 434 A C1  1 
HETATM 1637 C  C2  . 434 C 2 .   ? -5.966  -2.992  -9.014  1.00 58.26  ? 1112 434 A C2  1 
HETATM 1638 O  O4  . 434 C 2 .   ? -5.387  -5.461  -9.129  1.00 62.09  ? 1112 434 A O4  1 
HETATM 1639 C  C5  . 434 C 2 .   ? -5.935  -6.447  -9.993  1.00 62.69  ? 1112 434 A C5  1 
HETATM 1640 C  C6  . 434 C 2 .   ? -7.322  -6.046  -10.385 1.00 63.28  ? 1112 434 A C6  1 
HETATM 1641 C  C8  . 434 C 2 .   ? -7.694  -4.909  -9.494  1.00 61.08  ? 1112 434 A C8  1 
HETATM 1642 C  C10 . 434 C 2 .   ? -5.002  -6.647  -11.183 1.00 62.42  ? 1112 434 A C10 1 
HETATM 1643 C  C11 . 434 C 2 .   ? -4.666  -8.074  -11.259 1.00 61.62  ? 1112 434 A C11 1 
HETATM 1644 O  O12 . 434 C 2 .   ? -4.616  -5.771  -11.951 1.00 61.36  ? 1112 434 A O12 1 
HETATM 1645 C  C13 . 434 C 2 .   ? -6.063  -7.816  -9.400  1.00 61.52  ? 1112 434 A C13 1 
HETATM 1646 O  O14 . 434 C 2 .   ? -6.714  -8.113  -8.418  1.00 60.91  ? 1112 434 A O14 1 
HETATM 1647 C  C15 . 434 C 2 .   ? -3.864  -8.735  -12.190 1.00 61.06  ? 1112 434 A C15 1 
HETATM 1648 C  C17 . 434 C 2 .   ? -3.711  -10.125 -12.034 1.00 60.93  ? 1112 434 A C17 1 
HETATM 1649 C  C19 . 434 C 2 .   ? -4.340  -10.802 -10.979 1.00 62.35  ? 1112 434 A C19 1 
HETATM 1650 C  C21 . 434 C 2 .   ? -5.141  -10.120 -10.049 1.00 61.47  ? 1112 434 A C21 1 
HETATM 1651 C  C23 . 434 C 2 .   ? -5.287  -8.752  -10.217 1.00 61.70  ? 1112 434 A C23 1 
HETATM 1652 C  C24 . 434 C 2 .   ? -7.546  -5.853  -11.856 1.00 66.32  ? 1112 434 A C24 1 
HETATM 1653 O  O25 . 434 C 2 .   ? -7.211  -4.887  -12.521 1.00 70.39  ? 1112 434 A O25 1 
HETATM 1654 O  O26 . 434 C 2 .   ? -8.139  -6.842  -12.358 1.00 66.76  ? 1112 434 A O26 1 
HETATM 1655 C  C28 . 434 C 2 .   ? -8.667  -3.830  -9.907  1.00 60.32  ? 1112 434 A C28 1 
HETATM 1656 O  O29 . 434 C 2 .   ? -8.813  -3.363  -11.020 1.00 60.38  ? 1112 434 A O29 1 
HETATM 1657 N  N30 . 434 C 2 .   ? -9.389  -3.483  -8.785  1.00 60.83  ? 1112 434 A N30 1 
HETATM 1658 C  C31 . 434 C 2 .   ? -10.514 -2.613  -8.882  1.00 63.32  ? 1112 434 A C31 1 
HETATM 1659 C  C33 . 434 C 2 .   ? -10.442 -1.412  -9.594  1.00 63.12  ? 1112 434 A C33 1 
HETATM 1660 C  C35 . 434 C 2 .   ? -11.548 -0.570  -9.669  1.00 67.45  ? 1112 434 A C35 1 
HETATM 1661 C  C37 . 434 C 2 .   ? -12.758 -0.908  -9.032  1.00 72.25  ? 1112 434 A C37 1 
HETATM 1662 C  C38 . 434 C 2 .   ? -13.911 -0.003  -9.107  1.00 77.12  ? 1112 434 A C38 1 
HETATM 1663 C  C39 . 434 C 2 .   ? -12.819 -2.119  -8.326  1.00 69.09  ? 1112 434 A C39 1 
HETATM 1664 C  C41 . 434 C 2 .   ? -11.718 -2.954  -8.254  1.00 65.72  ? 1112 434 A C41 1 
HETATM 1665 N  N43 . 434 C 2 .   ? -15.202 -0.466  -8.959  1.00 80.05  ? 1112 434 A N43 1 
HETATM 1666 N  N44 . 434 C 2 .   ? -16.031 0.575   -9.067  1.00 82.42  ? 1112 434 A N44 1 
HETATM 1667 S  S46 . 434 C 2 .   ? -15.345 2.048   -9.332  1.00 85.11  ? 1112 434 A S46 1 
HETATM 1668 C  C47 . 434 C 2 .   ? -13.810 1.360   -9.319  1.00 79.68  ? 1112 434 A C47 1 
HETATM 1669 C  C49 . 434 C 2 .   ? -6.547  -2.007  -8.209  1.00 56.14  ? 1112 434 A C49 1 
HETATM 1670 C  C51 . 434 C 2 .   ? -6.200  -0.667  -8.347  1.00 57.97  ? 1112 434 A C51 1 
HETATM 1671 C  C53 . 434 C 2 .   ? -5.245  -0.278  -9.313  1.00 57.42  ? 1112 434 A C53 1 
HETATM 1672 C  C55 . 434 C 2 .   ? -4.656  -1.253  -10.118 1.00 55.59  ? 1112 434 A C55 1 
HETATM 1673 C  C57 . 434 C 2 .   ? -5.009  -2.598  -9.976  1.00 57.04  ? 1112 434 A C57 1 
HETATM 1674 C  C3  . 434 C 2 .   ? -2.849  -10.917 -13.027 1.00 58.18  ? 1112 434 A C3  1 
HETATM 1675 CL CL1 . 434 C 2 .   ? -6.964  0.474   -7.328  1.00 61.14  ? 1112 434 A CL1 1 
HETATM 1676 CL CL2 . 434 C 2 .   ? -4.797  1.363   -9.530  1.00 54.82  ? 1112 434 A CL2 1 
HETATM 1677 C  CM  . ALQ D 3 .   ? 1.101   -7.350  -15.481 1.00 61.09  ? 1113 ALQ A CM  1 
HETATM 1678 C  CA  . ALQ D 3 .   ? 0.149   -7.053  -14.323 1.00 63.53  ? 1113 ALQ A CA  1 
HETATM 1679 C  CB  . ALQ D 3 .   ? -0.157  -8.352  -13.587 1.00 62.70  ? 1113 ALQ A CB  1 
HETATM 1680 C  C   . ALQ D 3 .   ? 0.795   -6.004  -13.352 1.00 65.01  ? 1113 ALQ A C   1 
HETATM 1681 O  O   . ALQ D 3 .   ? 1.593   -5.153  -13.852 1.00 63.54  ? 1113 ALQ A O   1 
HETATM 1682 O  OXT . ALQ D 3 .   ? 0.351   -5.968  -12.101 1.00 64.40  ? 1113 ALQ A OXT 1 
HETATM 1683 S  S   . DMS E 4 .   ? 2.110   -10.216 -5.990  1.00 100.00 ? 1114 DMS A S   1 
HETATM 1684 O  O   . DMS E 4 .   ? 3.457   -10.842 -6.331  1.00 99.15  ? 1114 DMS A O   1 
HETATM 1685 C  C1  . DMS E 4 .   ? 1.676   -10.726 -4.343  1.00 99.33  ? 1114 DMS A C1  1 
HETATM 1686 C  C2  . DMS E 4 .   ? 2.268   -8.435  -5.789  1.00 98.71  ? 1114 DMS A C2  1 
HETATM 1687 O  O   . HOH F 5 .   ? 15.141  3.714   -5.711  1.00 45.32  ? 1115 HOH A O   1 
HETATM 1688 O  O   . HOH F 5 .   ? 10.109  -4.965  -6.675  1.00 45.23  ? 1116 HOH A O   1 
HETATM 1689 O  O   . HOH F 5 .   ? 2.761   2.316   -1.145  1.00 46.22  ? 1117 HOH A O   1 
HETATM 1690 O  O   . HOH F 5 .   ? -3.867  4.563   9.519   1.00 53.17  ? 1118 HOH A O   1 
HETATM 1691 O  O   . HOH F 5 .   ? -7.306  -4.010  -16.834 1.00 65.41  ? 1119 HOH A O   1 
HETATM 1692 O  O   . HOH F 5 .   ? -13.845 1.564   -19.459 1.00 50.85  ? 1120 HOH A O   1 
HETATM 1693 O  O   . HOH F 5 .   ? 12.393  -8.186  21.186  1.00 51.97  ? 1121 HOH A O   1 
HETATM 1694 O  O   . HOH F 5 .   ? 8.140   -10.832 11.887  1.00 57.64  ? 1122 HOH A O   1 
HETATM 1695 O  O   . HOH F 5 .   ? 8.474   4.959   17.504  1.00 46.91  ? 1123 HOH A O   1 
HETATM 1696 O  O   . HOH F 5 .   ? -19.990 2.620   -17.996 1.00 56.37  ? 1124 HOH A O   1 
HETATM 1697 O  O   . HOH F 5 .   ? -5.151  -2.897  -4.472  1.00 50.88  ? 1125 HOH A O   1 
HETATM 1698 O  O   . HOH F 5 .   ? -4.406  -3.302  -14.383 1.00 51.03  ? 1126 HOH A O   1 
HETATM 1699 O  O   . HOH F 5 .   ? 8.563   -5.458  -0.113  1.00 58.55  ? 1127 HOH A O   1 
HETATM 1700 O  O   . HOH F 5 .   ? 7.672   -1.590  -11.316 1.00 60.75  ? 1128 HOH A O   1 
HETATM 1701 O  O   . HOH F 5 .   ? -3.078  6.079   12.624  1.00 51.58  ? 1129 HOH A O   1 
HETATM 1702 O  O   . HOH F 5 .   ? 15.054  0.070   3.303   1.00 64.25  ? 1130 HOH A O   1 
HETATM 1703 O  O   . HOH F 5 .   ? 1.933   14.371  -3.471  1.00 47.88  ? 1131 HOH A O   1 
HETATM 1704 O  O   . HOH F 5 .   ? -9.649  -5.830  -6.885  1.00 60.22  ? 1132 HOH A O   1 
HETATM 1705 O  O   . HOH F 5 .   ? 6.966   -6.954  -4.697  1.00 48.48  ? 1133 HOH A O   1 
HETATM 1706 O  O   . HOH F 5 .   ? 4.648   3.775   24.597  1.00 67.69  ? 1134 HOH A O   1 
HETATM 1707 O  O   . HOH F 5 .   ? 5.076   -4.657  -25.783 1.00 72.86  ? 1135 HOH A O   1 
HETATM 1708 O  O   . HOH F 5 .   ? -0.781  -6.788  -17.859 1.00 51.91  ? 1136 HOH A O   1 
HETATM 1709 O  O   . HOH F 5 .   ? 16.129  10.421  7.582   1.00 60.10  ? 1137 HOH A O   1 
HETATM 1710 O  O   . HOH F 5 .   ? -3.526  -7.256  10.359  1.00 62.10  ? 1138 HOH A O   1 
HETATM 1711 O  O   . HOH F 5 .   ? -2.990  -7.597  0.557   1.00 68.68  ? 1139 HOH A O   1 
HETATM 1712 O  O   . HOH F 5 .   ? -5.959  11.227  -8.273  1.00 49.13  ? 1140 HOH A O   1 
HETATM 1713 O  O   . HOH F 5 .   ? 5.888   -2.346  2.122   1.00 48.19  ? 1141 HOH A O   1 
# 
loop_
_pdbx_poly_seq_scheme.asym_id 
_pdbx_poly_seq_scheme.entity_id 
_pdbx_poly_seq_scheme.seq_id 
_pdbx_poly_seq_scheme.mon_id 
_pdbx_poly_seq_scheme.ndb_seq_num 
_pdbx_poly_seq_scheme.pdb_seq_num 
_pdbx_poly_seq_scheme.auth_seq_num 
_pdbx_poly_seq_scheme.pdb_mon_id 
_pdbx_poly_seq_scheme.auth_mon_id 
_pdbx_poly_seq_scheme.pdb_strand_id 
_pdbx_poly_seq_scheme.pdb_ins_code 
_pdbx_poly_seq_scheme.hetero 
A 1 1   GLY 1   -5  ?   ?   ?   A . n 
A 1 2   HIS 2   -4  ?   ?   ?   A . n 
A 1 3   HIS 3   -3  ?   ?   ?   A . n 
A 1 4   HIS 4   -2  ?   ?   ?   A . n 
A 1 5   HIS 5   -1  ?   ?   ?   A . n 
A 1 6   HIS 6   0   ?   ?   ?   A . n 
A 1 7   HIS 7   1   1   HIS HIS A . n 
A 1 8   GLU 8   2   2   GLU GLU A . n 
A 1 9   ALA 9   3   3   ALA ALA A . n 
A 1 10  ILE 10  4   4   ILE ILE A . n 
A 1 11  ALA 11  5   5   ALA ALA A . n 
A 1 12  LYS 12  6   6   LYS LYS A . n 
A 1 13  ARG 13  7   7   ARG ARG A . n 
A 1 14  LEU 14  8   8   LEU LEU A . n 
A 1 15  ASP 15  9   9   ASP ASP A . n 
A 1 16  ALA 16  10  10  ALA ALA A . n 
A 1 17  CYS 17  11  11  CYS CYS A . n 
A 1 18  GLN 18  12  12  GLN GLN A . n 
A 1 19  ASP 19  13  13  ASP ASP A . n 
A 1 20  GLN 20  14  14  GLN GLN A . n 
A 1 21  LEU 21  15  15  LEU LEU A . n 
A 1 22  LEU 22  16  16  LEU LEU A . n 
A 1 23  GLU 23  17  17  GLU GLU A . n 
A 1 24  LEU 24  18  18  LEU LEU A . n 
A 1 25  TYR 25  19  19  TYR TYR A . n 
A 1 26  GLU 26  20  20  GLU GLU A . n 
A 1 27  GLU 27  21  21  GLU GLU A . n 
A 1 28  ASN 28  22  22  ASN ASN A . n 
A 1 29  SER 29  23  23  SER SER A . n 
A 1 30  ILE 30  24  24  ILE ILE A . n 
A 1 31  ASP 31  25  25  ASP ASP A . n 
A 1 32  ILE 32  26  26  ILE ILE A . n 
A 1 33  HIS 33  27  27  HIS HIS A . n 
A 1 34  LYS 34  28  28  LYS LYS A . n 
A 1 35  HIS 35  29  29  HIS HIS A . n 
A 1 36  ILE 36  30  30  ILE ILE A . n 
A 1 37  MET 37  31  31  MET MET A . n 
A 1 38  HIS 38  32  32  HIS HIS A . n 
A 1 39  TRP 39  33  33  TRP TRP A . n 
A 1 40  LYS 40  34  34  LYS LYS A . n 
A 1 41  CYS 41  35  35  CYS CYS A . n 
A 1 42  ILE 42  36  36  ILE ILE A . n 
A 1 43  ARG 43  37  37  ARG ARG A . n 
A 1 44  LEU 44  38  38  LEU LEU A . n 
A 1 45  GLU 45  39  39  GLU GLU A . n 
A 1 46  SER 46  40  40  SER SER A . n 
A 1 47  VAL 47  41  41  VAL VAL A . n 
A 1 48  LEU 48  42  42  LEU LEU A . n 
A 1 49  LEU 49  43  43  LEU LEU A . n 
A 1 50  HIS 50  44  44  HIS HIS A . n 
A 1 51  LYS 51  45  45  LYS LYS A . n 
A 1 52  ALA 52  46  46  ALA ALA A . n 
A 1 53  LYS 53  47  47  LYS LYS A . n 
A 1 54  GLN 54  48  48  GLN GLN A . n 
A 1 55  MET 55  49  49  MET MET A . n 
A 1 56  GLY 56  50  50  GLY GLY A . n 
A 1 57  LEU 57  51  51  LEU LEU A . n 
A 1 58  SER 58  52  52  SER SER A . n 
A 1 59  HIS 59  53  53  HIS HIS A . n 
A 1 60  ILE 60  54  54  ILE ILE A . n 
A 1 61  GLY 61  55  55  GLY GLY A . n 
A 1 62  LEU 62  56  56  LEU LEU A . n 
A 1 63  GLN 63  57  57  GLN GLN A . n 
A 1 64  VAL 64  58  58  VAL VAL A . n 
A 1 65  VAL 65  59  59  VAL VAL A . n 
A 1 66  PRO 66  60  60  PRO PRO A . n 
A 1 67  PRO 67  61  61  PRO PRO A . n 
A 1 68  LEU 68  62  62  LEU LEU A . n 
A 1 69  THR 69  63  63  THR THR A . n 
A 1 70  VAL 70  64  64  VAL VAL A . n 
A 1 71  SER 71  65  65  SER SER A . n 
A 1 72  GLU 72  66  66  GLU GLU A . n 
A 1 73  THR 73  67  67  THR THR A . n 
A 1 74  LYS 74  68  68  LYS LYS A . n 
A 1 75  GLY 75  69  69  GLY GLY A . n 
A 1 76  HIS 76  70  70  HIS HIS A . n 
A 1 77  ASN 77  71  71  ASN ASN A . n 
A 1 78  ALA 78  72  72  ALA ALA A . n 
A 1 79  ILE 79  73  73  ILE ILE A . n 
A 1 80  GLU 80  74  74  GLU GLU A . n 
A 1 81  MET 81  75  75  MET MET A . n 
A 1 82  GLN 82  76  76  GLN GLN A . n 
A 1 83  MET 83  77  77  MET MET A . n 
A 1 84  HIS 84  78  78  HIS HIS A . n 
A 1 85  LEU 85  79  79  LEU LEU A . n 
A 1 86  GLU 86  80  80  GLU GLU A . n 
A 1 87  SER 87  81  81  SER SER A . n 
A 1 88  LEU 88  82  82  LEU LEU A . n 
A 1 89  ALA 89  83  83  ALA ALA A . n 
A 1 90  LYS 90  84  84  LYS LYS A . n 
A 1 91  THR 91  85  85  THR THR A . n 
A 1 92  GLN 92  86  86  GLN GLN A . n 
A 1 93  TYR 93  87  87  TYR TYR A . n 
A 1 94  GLY 94  88  88  GLY GLY A . n 
A 1 95  VAL 95  89  89  VAL VAL A . n 
A 1 96  GLU 96  90  90  GLU GLU A . n 
A 1 97  PRO 97  91  91  PRO PRO A . n 
A 1 98  TRP 98  92  92  TRP TRP A . n 
A 1 99  THR 99  93  93  THR THR A . n 
A 1 100 LEU 100 94  94  LEU LEU A . n 
A 1 101 GLN 101 95  95  GLN GLN A . n 
A 1 102 ASP 102 96  96  ASP ASP A . n 
A 1 103 THR 103 97  97  THR THR A . n 
A 1 104 SER 104 98  98  SER SER A . n 
A 1 105 TYR 105 99  99  TYR TYR A . n 
A 1 106 GLU 106 100 100 GLU GLU A . n 
A 1 107 MET 107 101 101 MET MET A . n 
A 1 108 TRP 108 102 102 TRP TRP A . n 
A 1 109 LEU 109 103 103 LEU LEU A . n 
A 1 110 THR 110 104 104 THR THR A . n 
A 1 111 PRO 111 105 105 PRO PRO A . n 
A 1 112 PRO 112 106 106 PRO PRO A . n 
A 1 113 LYS 113 107 107 LYS LYS A . n 
A 1 114 ARG 114 108 108 ARG ARG A . n 
A 1 115 CYS 115 109 109 CYS CYS A . n 
A 1 116 PHE 116 110 110 PHE PHE A . n 
A 1 117 LYS 117 111 111 LYS LYS A . n 
A 1 118 LYS 118 112 112 LYS LYS A . n 
A 1 119 GLN 119 113 113 GLN GLN A . n 
A 1 120 GLY 120 114 114 GLY GLY A . n 
A 1 121 ASN 121 115 115 ASN ASN A . n 
A 1 122 THR 122 116 116 THR THR A . n 
A 1 123 VAL 123 117 117 VAL VAL A . n 
A 1 124 GLU 124 118 118 GLU GLU A . n 
A 1 125 VAL 125 119 119 VAL VAL A . n 
A 1 126 LYS 126 120 120 LYS LYS A . n 
A 1 127 PHE 127 121 121 PHE PHE A . n 
A 1 128 ASP 128 122 122 ASP ASP A . n 
A 1 129 GLY 129 123 123 GLY GLY A . n 
A 1 130 CYS 130 124 124 CYS CYS A . n 
A 1 131 GLU 131 125 125 GLU GLU A . n 
A 1 132 ASP 132 126 126 ASP ASP A . n 
A 1 133 ASN 133 127 127 ASN ASN A . n 
A 1 134 VAL 134 128 128 VAL VAL A . n 
A 1 135 MET 135 129 129 MET MET A . n 
A 1 136 GLU 136 130 130 GLU GLU A . n 
A 1 137 TYR 137 131 131 TYR TYR A . n 
A 1 138 VAL 138 132 132 VAL VAL A . n 
A 1 139 VAL 139 133 133 VAL VAL A . n 
A 1 140 TRP 140 134 134 TRP TRP A . n 
A 1 141 THR 141 135 135 THR THR A . n 
A 1 142 HIS 142 136 136 HIS HIS A . n 
A 1 143 ILE 143 137 137 ILE ILE A . n 
A 1 144 TYR 144 138 138 TYR TYR A . n 
A 1 145 LEU 145 139 139 LEU LEU A . n 
A 1 146 GLN 146 140 140 GLN GLN A . n 
A 1 147 ASP 147 141 141 ASP ASP A . n 
A 1 148 ASN 148 142 142 ASN ASN A . n 
A 1 149 ASP 149 143 143 ASP ASP A . n 
A 1 150 SER 150 144 144 SER SER A . n 
A 1 151 TRP 151 145 145 TRP TRP A . n 
A 1 152 VAL 152 146 146 VAL VAL A . n 
A 1 153 LYS 153 147 147 LYS LYS A . n 
A 1 154 VAL 154 148 148 VAL VAL A . n 
A 1 155 THR 155 149 149 THR THR A . n 
A 1 156 SER 156 150 150 SER SER A . n 
A 1 157 SER 157 151 151 SER SER A . n 
A 1 158 VAL 158 152 152 VAL VAL A . n 
A 1 159 ASP 159 153 153 ASP ASP A . n 
A 1 160 ALA 160 154 154 ALA ALA A . n 
A 1 161 LYS 161 155 155 LYS LYS A . n 
A 1 162 GLY 162 156 156 GLY GLY A . n 
A 1 163 ILE 163 157 157 ILE ILE A . n 
A 1 164 TYR 164 158 158 TYR TYR A . n 
A 1 165 TYR 165 159 159 TYR TYR A . n 
A 1 166 THR 166 160 160 THR THR A . n 
A 1 167 CYS 167 161 161 CYS CYS A . n 
A 1 168 GLY 168 162 162 GLY GLY A . n 
A 1 169 GLN 169 163 163 GLN GLN A . n 
A 1 170 PHE 170 164 164 PHE PHE A . n 
A 1 171 LYS 171 165 165 LYS LYS A . n 
A 1 172 THR 172 166 166 THR THR A . n 
A 1 173 TYR 173 167 167 TYR TYR A . n 
A 1 174 TYR 174 168 168 TYR TYR A . n 
A 1 175 VAL 175 169 169 VAL VAL A . n 
A 1 176 ASN 176 170 170 ASN ASN A . n 
A 1 177 PHE 177 171 171 PHE PHE A . n 
A 1 178 ASN 178 172 172 ASN ASN A . n 
A 1 179 LYS 179 173 173 LYS LYS A . n 
A 1 180 GLU 180 174 174 GLU GLU A . n 
A 1 181 ALA 181 175 175 ALA ALA A . n 
A 1 182 GLN 182 176 176 GLN GLN A . n 
A 1 183 LYS 183 177 177 LYS LYS A . n 
A 1 184 TYR 184 178 178 TYR TYR A . n 
A 1 185 GLY 185 179 179 GLY GLY A . n 
A 1 186 SER 186 180 180 SER SER A . n 
A 1 187 THR 187 181 181 THR THR A . n 
A 1 188 ASN 188 182 182 ASN ASN A . n 
A 1 189 HIS 189 183 183 HIS HIS A . n 
A 1 190 TRP 190 184 184 TRP TRP A . n 
A 1 191 GLU 191 185 185 GLU GLU A . n 
A 1 192 VAL 192 186 186 VAL VAL A . n 
A 1 193 CYS 193 187 187 CYS CYS A . n 
A 1 194 TYR 194 188 188 TYR TYR A . n 
A 1 195 GLY 195 189 189 GLY GLY A . n 
A 1 196 SER 196 190 190 SER SER A . n 
A 1 197 THR 197 191 191 THR THR A . n 
A 1 198 VAL 198 192 192 VAL VAL A . n 
A 1 199 ILE 199 193 193 ILE ILE A . n 
A 1 200 CYS 200 194 194 CYS CYS A . n 
A 1 201 SER 201 195 195 SER SER A . n 
A 1 202 PRO 202 196 196 PRO PRO A . n 
A 1 203 ALA 203 197 ?   ?   ?   A . n 
A 1 204 SER 204 198 ?   ?   ?   A . n 
A 1 205 VAL 205 199 ?   ?   ?   A . n 
A 1 206 SER 206 200 ?   ?   ?   A . n 
A 1 207 SER 207 201 ?   ?   ?   A . n 
A 1 208 LYS 208 202 ?   ?   ?   A . n 
A 1 209 LYS 209 203 ?   ?   ?   A . n 
A 1 210 LYS 210 204 ?   ?   ?   A . n 
A 1 211 LYS 211 205 ?   ?   ?   A . n 
# 
loop_
_pdbx_nonpoly_scheme.asym_id 
_pdbx_nonpoly_scheme.entity_id 
_pdbx_nonpoly_scheme.mon_id 
_pdbx_nonpoly_scheme.ndb_seq_num 
_pdbx_nonpoly_scheme.pdb_seq_num 
_pdbx_nonpoly_scheme.auth_seq_num 
_pdbx_nonpoly_scheme.pdb_mon_id 
_pdbx_nonpoly_scheme.auth_mon_id 
_pdbx_nonpoly_scheme.pdb_strand_id 
_pdbx_nonpoly_scheme.pdb_ins_code 
B 2 434 1  1111 1111 434 434 A . 
C 2 434 1  1112 1112 434 434 A . 
D 3 ALQ 1  1113 30   ALQ ALQ A . 
E 4 DMS 1  1114 31   DMS DMS A . 
F 5 HOH 1  1115 1    HOH HOH A . 
F 5 HOH 2  1116 2    HOH HOH A . 
F 5 HOH 3  1117 3    HOH HOH A . 
F 5 HOH 4  1118 4    HOH HOH A . 
F 5 HOH 5  1119 5    HOH HOH A . 
F 5 HOH 6  1120 6    HOH HOH A . 
F 5 HOH 7  1121 7    HOH HOH A . 
F 5 HOH 8  1122 8    HOH HOH A . 
F 5 HOH 9  1123 9    HOH HOH A . 
F 5 HOH 10 1124 10   HOH HOH A . 
F 5 HOH 11 1125 11   HOH HOH A . 
F 5 HOH 12 1126 12   HOH HOH A . 
F 5 HOH 13 1127 13   HOH HOH A . 
F 5 HOH 14 1128 14   HOH HOH A . 
F 5 HOH 15 1129 15   HOH HOH A . 
F 5 HOH 16 1130 16   HOH HOH A . 
F 5 HOH 17 1131 17   HOH HOH A . 
F 5 HOH 18 1132 18   HOH HOH A . 
F 5 HOH 19 1133 19   HOH HOH A . 
F 5 HOH 20 1134 20   HOH HOH A . 
F 5 HOH 21 1135 21   HOH HOH A . 
F 5 HOH 22 1136 22   HOH HOH A . 
F 5 HOH 23 1137 23   HOH HOH A . 
F 5 HOH 24 1138 24   HOH HOH A . 
F 5 HOH 25 1139 25   HOH HOH A . 
F 5 HOH 26 1140 26   HOH HOH A . 
F 5 HOH 27 1141 27   HOH HOH A . 
# 
_pdbx_struct_assembly.id                   1 
_pdbx_struct_assembly.details              author_and_software_defined_assembly 
_pdbx_struct_assembly.method_details       PISA 
_pdbx_struct_assembly.oligomeric_details   monomeric 
_pdbx_struct_assembly.oligomeric_count     1 
# 
_pdbx_struct_assembly_gen.assembly_id       1 
_pdbx_struct_assembly_gen.oper_expression   1 
_pdbx_struct_assembly_gen.asym_id_list      A,B,C,D,E,F 
# 
_pdbx_struct_oper_list.id                   1 
_pdbx_struct_oper_list.type                 'identity operation' 
_pdbx_struct_oper_list.name                 1_555 
_pdbx_struct_oper_list.symmetry_operation   x,y,z 
_pdbx_struct_oper_list.matrix[1][1]         1.0000000000 
_pdbx_struct_oper_list.matrix[1][2]         0.0000000000 
_pdbx_struct_oper_list.matrix[1][3]         0.0000000000 
_pdbx_struct_oper_list.vector[1]            0.0000000000 
_pdbx_struct_oper_list.matrix[2][1]         0.0000000000 
_pdbx_struct_oper_list.matrix[2][2]         1.0000000000 
_pdbx_struct_oper_list.matrix[2][3]         0.0000000000 
_pdbx_struct_oper_list.vector[2]            0.0000000000 
_pdbx_struct_oper_list.matrix[3][1]         0.0000000000 
_pdbx_struct_oper_list.matrix[3][2]         0.0000000000 
_pdbx_struct_oper_list.matrix[3][3]         1.0000000000 
_pdbx_struct_oper_list.vector[3]            0.0000000000 
# 
loop_
_pdbx_audit_revision_history.ordinal 
_pdbx_audit_revision_history.data_content_type 
_pdbx_audit_revision_history.major_revision 
_pdbx_audit_revision_history.minor_revision 
_pdbx_audit_revision_history.revision_date 
1 'Structure model' 1 0 2004-02-24 
2 'Structure model' 1 1 2008-04-29 
3 'Structure model' 1 2 2011-07-13 
4 'Structure model' 1 3 2018-01-24 
5 'Structure model' 1 4 2022-12-21 
6 'Structure model' 1 5 2023-09-20 
# 
_pdbx_audit_revision_details.ordinal             1 
_pdbx_audit_revision_details.revision_ordinal    1 
_pdbx_audit_revision_details.data_content_type   'Structure model' 
_pdbx_audit_revision_details.provider            repository 
_pdbx_audit_revision_details.type                'Initial release' 
_pdbx_audit_revision_details.description         ? 
_pdbx_audit_revision_details.details             ? 
# 
loop_
_pdbx_audit_revision_group.ordinal 
_pdbx_audit_revision_group.revision_ordinal 
_pdbx_audit_revision_group.data_content_type 
_pdbx_audit_revision_group.group 
1 2 'Structure model' 'Version format compliance' 
2 3 'Structure model' 'Version format compliance' 
3 4 'Structure model' 'Database references'       
4 5 'Structure model' 'Database references'       
5 5 'Structure model' 'Derived calculations'      
6 6 'Structure model' 'Data collection'           
7 6 'Structure model' 'Refinement description'    
# 
loop_
_pdbx_audit_revision_category.ordinal 
_pdbx_audit_revision_category.revision_ordinal 
_pdbx_audit_revision_category.data_content_type 
_pdbx_audit_revision_category.category 
1 4 'Structure model' citation_author               
2 5 'Structure model' database_2                    
3 5 'Structure model' struct_ref_seq_dif            
4 5 'Structure model' struct_site                   
5 6 'Structure model' chem_comp_atom                
6 6 'Structure model' chem_comp_bond                
7 6 'Structure model' pdbx_initial_refinement_model 
# 
loop_
_pdbx_audit_revision_item.ordinal 
_pdbx_audit_revision_item.revision_ordinal 
_pdbx_audit_revision_item.data_content_type 
_pdbx_audit_revision_item.item 
1 4 'Structure model' '_citation_author.name'               
2 5 'Structure model' '_database_2.pdbx_DOI'                
3 5 'Structure model' '_database_2.pdbx_database_accession' 
4 5 'Structure model' '_struct_ref_seq_dif.details'         
5 5 'Structure model' '_struct_site.pdbx_auth_asym_id'      
6 5 'Structure model' '_struct_site.pdbx_auth_comp_id'      
7 5 'Structure model' '_struct_site.pdbx_auth_seq_id'       
# 
loop_
_software.name 
_software.classification 
_software.version 
_software.citation_id 
_software.pdbx_ordinal 
DENZO     'data reduction' . ? 1 
SCALEPACK 'data scaling'   . ? 2 
CNS       refinement       . ? 3 
CNS       phasing          . ? 4 
# 
loop_
_pdbx_validate_torsion.id 
_pdbx_validate_torsion.PDB_model_num 
_pdbx_validate_torsion.auth_comp_id 
_pdbx_validate_torsion.auth_asym_id 
_pdbx_validate_torsion.auth_seq_id 
_pdbx_validate_torsion.PDB_ins_code 
_pdbx_validate_torsion.label_alt_id 
_pdbx_validate_torsion.phi 
_pdbx_validate_torsion.psi 
1 1 GLU A 2   ? ? -160.98 -41.84 
2 1 LEU A 56  ? ? 80.49   -26.10 
3 1 GLN A 113 ? ? 53.98   72.85  
4 1 ASP A 122 ? ? 76.01   -30.23 
5 1 ASN A 127 ? ? -111.65 56.11  
6 1 ASN A 142 ? ? 63.21   -83.89 
7 1 GLN A 176 ? ? -59.75  -3.63  
8 1 ASN A 182 ? ? -106.86 40.13  
# 
loop_
_pdbx_unobs_or_zero_occ_residues.id 
_pdbx_unobs_or_zero_occ_residues.PDB_model_num 
_pdbx_unobs_or_zero_occ_residues.polymer_flag 
_pdbx_unobs_or_zero_occ_residues.occupancy_flag 
_pdbx_unobs_or_zero_occ_residues.auth_asym_id 
_pdbx_unobs_or_zero_occ_residues.auth_comp_id 
_pdbx_unobs_or_zero_occ_residues.auth_seq_id 
_pdbx_unobs_or_zero_occ_residues.PDB_ins_code 
_pdbx_unobs_or_zero_occ_residues.label_asym_id 
_pdbx_unobs_or_zero_occ_residues.label_comp_id 
_pdbx_unobs_or_zero_occ_residues.label_seq_id 
1  1 Y 1 A GLY -5  ? A GLY 1   
2  1 Y 1 A HIS -4  ? A HIS 2   
3  1 Y 1 A HIS -3  ? A HIS 3   
4  1 Y 1 A HIS -2  ? A HIS 4   
5  1 Y 1 A HIS -1  ? A HIS 5   
6  1 Y 1 A HIS 0   ? A HIS 6   
7  1 Y 1 A ALA 197 ? A ALA 203 
8  1 Y 1 A SER 198 ? A SER 204 
9  1 Y 1 A VAL 199 ? A VAL 205 
10 1 Y 1 A SER 200 ? A SER 206 
11 1 Y 1 A SER 201 ? A SER 207 
12 1 Y 1 A LYS 202 ? A LYS 208 
13 1 Y 1 A LYS 203 ? A LYS 209 
14 1 Y 1 A LYS 204 ? A LYS 210 
15 1 Y 1 A LYS 205 ? A LYS 211 
# 
loop_
_chem_comp_atom.comp_id 
_chem_comp_atom.atom_id 
_chem_comp_atom.type_symbol 
_chem_comp_atom.pdbx_aromatic_flag 
_chem_comp_atom.pdbx_stereo_config 
_chem_comp_atom.pdbx_ordinal 
434 C1   C  N R 1   
434 C2   C  Y N 2   
434 O4   O  N N 3   
434 C5   C  N R 4   
434 C6   C  N R 5   
434 C8   C  N S 6   
434 C10  C  N N 7   
434 C11  C  Y N 8   
434 O12  O  N N 9   
434 C13  C  N N 10  
434 O14  O  N N 11  
434 C15  C  Y N 12  
434 C17  C  Y N 13  
434 C19  C  Y N 14  
434 C21  C  Y N 15  
434 C23  C  Y N 16  
434 C24  C  N N 17  
434 O25  O  N N 18  
434 O26  O  N N 19  
434 C28  C  N N 20  
434 O29  O  N N 21  
434 N30  N  N N 22  
434 C31  C  Y N 23  
434 C33  C  Y N 24  
434 C35  C  Y N 25  
434 C37  C  Y N 26  
434 C38  C  Y N 27  
434 C39  C  Y N 28  
434 C41  C  Y N 29  
434 N43  N  Y N 30  
434 N44  N  Y N 31  
434 S46  S  Y N 32  
434 C47  C  Y N 33  
434 C49  C  Y N 34  
434 C51  C  Y N 35  
434 C53  C  Y N 36  
434 C55  C  Y N 37  
434 C57  C  Y N 38  
434 C3   C  N N 39  
434 CL1  CL N N 40  
434 CL2  CL N N 41  
434 H1   H  N N 42  
434 H6   H  N N 43  
434 H8   H  N N 44  
434 H15  H  N N 45  
434 H19  H  N N 46  
434 H21  H  N N 47  
434 H26  H  N N 48  
434 H30  H  N N 49  
434 H33  H  N N 50  
434 H35  H  N N 51  
434 H39  H  N N 52  
434 H41  H  N N 53  
434 H47  H  N N 54  
434 H49  H  N N 55  
434 H55  H  N N 56  
434 H57  H  N N 57  
434 H31  H  N N 58  
434 H32  H  N N 59  
434 H33A H  N N 60  
ALA N    N  N N 61  
ALA CA   C  N S 62  
ALA C    C  N N 63  
ALA O    O  N N 64  
ALA CB   C  N N 65  
ALA OXT  O  N N 66  
ALA H    H  N N 67  
ALA H2   H  N N 68  
ALA HA   H  N N 69  
ALA HB1  H  N N 70  
ALA HB2  H  N N 71  
ALA HB3  H  N N 72  
ALA HXT  H  N N 73  
ALQ CM   C  N N 74  
ALQ CA   C  N N 75  
ALQ CB   C  N N 76  
ALQ C    C  N N 77  
ALQ O    O  N N 78  
ALQ OXT  O  N N 79  
ALQ HM1  H  N N 80  
ALQ HM2  H  N N 81  
ALQ HM3  H  N N 82  
ALQ HA   H  N N 83  
ALQ HB1  H  N N 84  
ALQ HB2  H  N N 85  
ALQ HB3  H  N N 86  
ALQ HXT  H  N N 87  
ARG N    N  N N 88  
ARG CA   C  N S 89  
ARG C    C  N N 90  
ARG O    O  N N 91  
ARG CB   C  N N 92  
ARG CG   C  N N 93  
ARG CD   C  N N 94  
ARG NE   N  N N 95  
ARG CZ   C  N N 96  
ARG NH1  N  N N 97  
ARG NH2  N  N N 98  
ARG OXT  O  N N 99  
ARG H    H  N N 100 
ARG H2   H  N N 101 
ARG HA   H  N N 102 
ARG HB2  H  N N 103 
ARG HB3  H  N N 104 
ARG HG2  H  N N 105 
ARG HG3  H  N N 106 
ARG HD2  H  N N 107 
ARG HD3  H  N N 108 
ARG HE   H  N N 109 
ARG HH11 H  N N 110 
ARG HH12 H  N N 111 
ARG HH21 H  N N 112 
ARG HH22 H  N N 113 
ARG HXT  H  N N 114 
ASN N    N  N N 115 
ASN CA   C  N S 116 
ASN C    C  N N 117 
ASN O    O  N N 118 
ASN CB   C  N N 119 
ASN CG   C  N N 120 
ASN OD1  O  N N 121 
ASN ND2  N  N N 122 
ASN OXT  O  N N 123 
ASN H    H  N N 124 
ASN H2   H  N N 125 
ASN HA   H  N N 126 
ASN HB2  H  N N 127 
ASN HB3  H  N N 128 
ASN HD21 H  N N 129 
ASN HD22 H  N N 130 
ASN HXT  H  N N 131 
ASP N    N  N N 132 
ASP CA   C  N S 133 
ASP C    C  N N 134 
ASP O    O  N N 135 
ASP CB   C  N N 136 
ASP CG   C  N N 137 
ASP OD1  O  N N 138 
ASP OD2  O  N N 139 
ASP OXT  O  N N 140 
ASP H    H  N N 141 
ASP H2   H  N N 142 
ASP HA   H  N N 143 
ASP HB2  H  N N 144 
ASP HB3  H  N N 145 
ASP HD2  H  N N 146 
ASP HXT  H  N N 147 
CYS N    N  N N 148 
CYS CA   C  N R 149 
CYS C    C  N N 150 
CYS O    O  N N 151 
CYS CB   C  N N 152 
CYS SG   S  N N 153 
CYS OXT  O  N N 154 
CYS H    H  N N 155 
CYS H2   H  N N 156 
CYS HA   H  N N 157 
CYS HB2  H  N N 158 
CYS HB3  H  N N 159 
CYS HG   H  N N 160 
CYS HXT  H  N N 161 
DMS S    S  N N 162 
DMS O    O  N N 163 
DMS C1   C  N N 164 
DMS C2   C  N N 165 
DMS H11  H  N N 166 
DMS H12  H  N N 167 
DMS H13  H  N N 168 
DMS H21  H  N N 169 
DMS H22  H  N N 170 
DMS H23  H  N N 171 
GLN N    N  N N 172 
GLN CA   C  N S 173 
GLN C    C  N N 174 
GLN O    O  N N 175 
GLN CB   C  N N 176 
GLN CG   C  N N 177 
GLN CD   C  N N 178 
GLN OE1  O  N N 179 
GLN NE2  N  N N 180 
GLN OXT  O  N N 181 
GLN H    H  N N 182 
GLN H2   H  N N 183 
GLN HA   H  N N 184 
GLN HB2  H  N N 185 
GLN HB3  H  N N 186 
GLN HG2  H  N N 187 
GLN HG3  H  N N 188 
GLN HE21 H  N N 189 
GLN HE22 H  N N 190 
GLN HXT  H  N N 191 
GLU N    N  N N 192 
GLU CA   C  N S 193 
GLU C    C  N N 194 
GLU O    O  N N 195 
GLU CB   C  N N 196 
GLU CG   C  N N 197 
GLU CD   C  N N 198 
GLU OE1  O  N N 199 
GLU OE2  O  N N 200 
GLU OXT  O  N N 201 
GLU H    H  N N 202 
GLU H2   H  N N 203 
GLU HA   H  N N 204 
GLU HB2  H  N N 205 
GLU HB3  H  N N 206 
GLU HG2  H  N N 207 
GLU HG3  H  N N 208 
GLU HE2  H  N N 209 
GLU HXT  H  N N 210 
GLY N    N  N N 211 
GLY CA   C  N N 212 
GLY C    C  N N 213 
GLY O    O  N N 214 
GLY OXT  O  N N 215 
GLY H    H  N N 216 
GLY H2   H  N N 217 
GLY HA2  H  N N 218 
GLY HA3  H  N N 219 
GLY HXT  H  N N 220 
HIS N    N  N N 221 
HIS CA   C  N S 222 
HIS C    C  N N 223 
HIS O    O  N N 224 
HIS CB   C  N N 225 
HIS CG   C  Y N 226 
HIS ND1  N  Y N 227 
HIS CD2  C  Y N 228 
HIS CE1  C  Y N 229 
HIS NE2  N  Y N 230 
HIS OXT  O  N N 231 
HIS H    H  N N 232 
HIS H2   H  N N 233 
HIS HA   H  N N 234 
HIS HB2  H  N N 235 
HIS HB3  H  N N 236 
HIS HD1  H  N N 237 
HIS HD2  H  N N 238 
HIS HE1  H  N N 239 
HIS HE2  H  N N 240 
HIS HXT  H  N N 241 
HOH O    O  N N 242 
HOH H1   H  N N 243 
HOH H2   H  N N 244 
ILE N    N  N N 245 
ILE CA   C  N S 246 
ILE C    C  N N 247 
ILE O    O  N N 248 
ILE CB   C  N S 249 
ILE CG1  C  N N 250 
ILE CG2  C  N N 251 
ILE CD1  C  N N 252 
ILE OXT  O  N N 253 
ILE H    H  N N 254 
ILE H2   H  N N 255 
ILE HA   H  N N 256 
ILE HB   H  N N 257 
ILE HG12 H  N N 258 
ILE HG13 H  N N 259 
ILE HG21 H  N N 260 
ILE HG22 H  N N 261 
ILE HG23 H  N N 262 
ILE HD11 H  N N 263 
ILE HD12 H  N N 264 
ILE HD13 H  N N 265 
ILE HXT  H  N N 266 
LEU N    N  N N 267 
LEU CA   C  N S 268 
LEU C    C  N N 269 
LEU O    O  N N 270 
LEU CB   C  N N 271 
LEU CG   C  N N 272 
LEU CD1  C  N N 273 
LEU CD2  C  N N 274 
LEU OXT  O  N N 275 
LEU H    H  N N 276 
LEU H2   H  N N 277 
LEU HA   H  N N 278 
LEU HB2  H  N N 279 
LEU HB3  H  N N 280 
LEU HG   H  N N 281 
LEU HD11 H  N N 282 
LEU HD12 H  N N 283 
LEU HD13 H  N N 284 
LEU HD21 H  N N 285 
LEU HD22 H  N N 286 
LEU HD23 H  N N 287 
LEU HXT  H  N N 288 
LYS N    N  N N 289 
LYS CA   C  N S 290 
LYS C    C  N N 291 
LYS O    O  N N 292 
LYS CB   C  N N 293 
LYS CG   C  N N 294 
LYS CD   C  N N 295 
LYS CE   C  N N 296 
LYS NZ   N  N N 297 
LYS OXT  O  N N 298 
LYS H    H  N N 299 
LYS H2   H  N N 300 
LYS HA   H  N N 301 
LYS HB2  H  N N 302 
LYS HB3  H  N N 303 
LYS HG2  H  N N 304 
LYS HG3  H  N N 305 
LYS HD2  H  N N 306 
LYS HD3  H  N N 307 
LYS HE2  H  N N 308 
LYS HE3  H  N N 309 
LYS HZ1  H  N N 310 
LYS HZ2  H  N N 311 
LYS HZ3  H  N N 312 
LYS HXT  H  N N 313 
MET N    N  N N 314 
MET CA   C  N S 315 
MET C    C  N N 316 
MET O    O  N N 317 
MET CB   C  N N 318 
MET CG   C  N N 319 
MET SD   S  N N 320 
MET CE   C  N N 321 
MET OXT  O  N N 322 
MET H    H  N N 323 
MET H2   H  N N 324 
MET HA   H  N N 325 
MET HB2  H  N N 326 
MET HB3  H  N N 327 
MET HG2  H  N N 328 
MET HG3  H  N N 329 
MET HE1  H  N N 330 
MET HE2  H  N N 331 
MET HE3  H  N N 332 
MET HXT  H  N N 333 
PHE N    N  N N 334 
PHE CA   C  N S 335 
PHE C    C  N N 336 
PHE O    O  N N 337 
PHE CB   C  N N 338 
PHE CG   C  Y N 339 
PHE CD1  C  Y N 340 
PHE CD2  C  Y N 341 
PHE CE1  C  Y N 342 
PHE CE2  C  Y N 343 
PHE CZ   C  Y N 344 
PHE OXT  O  N N 345 
PHE H    H  N N 346 
PHE H2   H  N N 347 
PHE HA   H  N N 348 
PHE HB2  H  N N 349 
PHE HB3  H  N N 350 
PHE HD1  H  N N 351 
PHE HD2  H  N N 352 
PHE HE1  H  N N 353 
PHE HE2  H  N N 354 
PHE HZ   H  N N 355 
PHE HXT  H  N N 356 
PRO N    N  N N 357 
PRO CA   C  N S 358 
PRO C    C  N N 359 
PRO O    O  N N 360 
PRO CB   C  N N 361 
PRO CG   C  N N 362 
PRO CD   C  N N 363 
PRO OXT  O  N N 364 
PRO H    H  N N 365 
PRO HA   H  N N 366 
PRO HB2  H  N N 367 
PRO HB3  H  N N 368 
PRO HG2  H  N N 369 
PRO HG3  H  N N 370 
PRO HD2  H  N N 371 
PRO HD3  H  N N 372 
PRO HXT  H  N N 373 
SER N    N  N N 374 
SER CA   C  N S 375 
SER C    C  N N 376 
SER O    O  N N 377 
SER CB   C  N N 378 
SER OG   O  N N 379 
SER OXT  O  N N 380 
SER H    H  N N 381 
SER H2   H  N N 382 
SER HA   H  N N 383 
SER HB2  H  N N 384 
SER HB3  H  N N 385 
SER HG   H  N N 386 
SER HXT  H  N N 387 
THR N    N  N N 388 
THR CA   C  N S 389 
THR C    C  N N 390 
THR O    O  N N 391 
THR CB   C  N R 392 
THR OG1  O  N N 393 
THR CG2  C  N N 394 
THR OXT  O  N N 395 
THR H    H  N N 396 
THR H2   H  N N 397 
THR HA   H  N N 398 
THR HB   H  N N 399 
THR HG1  H  N N 400 
THR HG21 H  N N 401 
THR HG22 H  N N 402 
THR HG23 H  N N 403 
THR HXT  H  N N 404 
TRP N    N  N N 405 
TRP CA   C  N S 406 
TRP C    C  N N 407 
TRP O    O  N N 408 
TRP CB   C  N N 409 
TRP CG   C  Y N 410 
TRP CD1  C  Y N 411 
TRP CD2  C  Y N 412 
TRP NE1  N  Y N 413 
TRP CE2  C  Y N 414 
TRP CE3  C  Y N 415 
TRP CZ2  C  Y N 416 
TRP CZ3  C  Y N 417 
TRP CH2  C  Y N 418 
TRP OXT  O  N N 419 
TRP H    H  N N 420 
TRP H2   H  N N 421 
TRP HA   H  N N 422 
TRP HB2  H  N N 423 
TRP HB3  H  N N 424 
TRP HD1  H  N N 425 
TRP HE1  H  N N 426 
TRP HE3  H  N N 427 
TRP HZ2  H  N N 428 
TRP HZ3  H  N N 429 
TRP HH2  H  N N 430 
TRP HXT  H  N N 431 
TYR N    N  N N 432 
TYR CA   C  N S 433 
TYR C    C  N N 434 
TYR O    O  N N 435 
TYR CB   C  N N 436 
TYR CG   C  Y N 437 
TYR CD1  C  Y N 438 
TYR CD2  C  Y N 439 
TYR CE1  C  Y N 440 
TYR CE2  C  Y N 441 
TYR CZ   C  Y N 442 
TYR OH   O  N N 443 
TYR OXT  O  N N 444 
TYR H    H  N N 445 
TYR H2   H  N N 446 
TYR HA   H  N N 447 
TYR HB2  H  N N 448 
TYR HB3  H  N N 449 
TYR HD1  H  N N 450 
TYR HD2  H  N N 451 
TYR HE1  H  N N 452 
TYR HE2  H  N N 453 
TYR HH   H  N N 454 
TYR HXT  H  N N 455 
VAL N    N  N N 456 
VAL CA   C  N S 457 
VAL C    C  N N 458 
VAL O    O  N N 459 
VAL CB   C  N N 460 
VAL CG1  C  N N 461 
VAL CG2  C  N N 462 
VAL OXT  O  N N 463 
VAL H    H  N N 464 
VAL H2   H  N N 465 
VAL HA   H  N N 466 
VAL HB   H  N N 467 
VAL HG11 H  N N 468 
VAL HG12 H  N N 469 
VAL HG13 H  N N 470 
VAL HG21 H  N N 471 
VAL HG22 H  N N 472 
VAL HG23 H  N N 473 
VAL HXT  H  N N 474 
# 
loop_
_chem_comp_bond.comp_id 
_chem_comp_bond.atom_id_1 
_chem_comp_bond.atom_id_2 
_chem_comp_bond.value_order 
_chem_comp_bond.pdbx_aromatic_flag 
_chem_comp_bond.pdbx_stereo_config 
_chem_comp_bond.pdbx_ordinal 
434 C1  C2   sing N N 1   
434 C1  O4   sing N N 2   
434 C1  C8   sing N N 3   
434 C1  H1   sing N N 4   
434 C2  C49  doub Y N 5   
434 C2  C57  sing Y N 6   
434 O4  C5   sing N N 7   
434 C5  C6   sing N N 8   
434 C5  C10  sing N N 9   
434 C5  C13  sing N N 10  
434 C6  C8   sing N N 11  
434 C6  C24  sing N N 12  
434 C6  H6   sing N N 13  
434 C8  C28  sing N N 14  
434 C8  H8   sing N N 15  
434 C10 C11  sing N N 16  
434 C10 O12  doub N N 17  
434 C11 C15  doub Y N 18  
434 C11 C23  sing Y N 19  
434 C13 O14  doub N N 20  
434 C13 C23  sing N N 21  
434 C15 C17  sing Y N 22  
434 C15 H15  sing N N 23  
434 C17 C19  doub Y N 24  
434 C17 C3   sing N N 25  
434 C19 C21  sing Y N 26  
434 C19 H19  sing N N 27  
434 C21 C23  doub Y N 28  
434 C21 H21  sing N N 29  
434 C24 O25  doub N N 30  
434 C24 O26  sing N N 31  
434 O26 H26  sing N N 32  
434 C28 O29  doub N N 33  
434 C28 N30  sing N N 34  
434 N30 C31  sing N N 35  
434 N30 H30  sing N N 36  
434 C31 C33  doub Y N 37  
434 C31 C41  sing Y N 38  
434 C33 C35  sing Y N 39  
434 C33 H33  sing N N 40  
434 C35 C37  doub Y N 41  
434 C35 H35  sing N N 42  
434 C37 C38  sing Y N 43  
434 C37 C39  sing Y N 44  
434 C38 N43  sing Y N 45  
434 C38 C47  doub Y N 46  
434 C39 C41  doub Y N 47  
434 C39 H39  sing N N 48  
434 C41 H41  sing N N 49  
434 N43 N44  doub Y N 50  
434 N44 S46  sing Y N 51  
434 S46 C47  sing Y N 52  
434 C47 H47  sing N N 53  
434 C49 C51  sing Y N 54  
434 C49 H49  sing N N 55  
434 C51 C53  doub Y N 56  
434 C51 CL1  sing N N 57  
434 C53 C55  sing Y N 58  
434 C53 CL2  sing N N 59  
434 C55 C57  doub Y N 60  
434 C55 H55  sing N N 61  
434 C57 H57  sing N N 62  
434 C3  H31  sing N N 63  
434 C3  H32  sing N N 64  
434 C3  H33A sing N N 65  
ALA N   CA   sing N N 66  
ALA N   H    sing N N 67  
ALA N   H2   sing N N 68  
ALA CA  C    sing N N 69  
ALA CA  CB   sing N N 70  
ALA CA  HA   sing N N 71  
ALA C   O    doub N N 72  
ALA C   OXT  sing N N 73  
ALA CB  HB1  sing N N 74  
ALA CB  HB2  sing N N 75  
ALA CB  HB3  sing N N 76  
ALA OXT HXT  sing N N 77  
ALQ CM  CA   sing N N 78  
ALQ CM  HM1  sing N N 79  
ALQ CM  HM2  sing N N 80  
ALQ CM  HM3  sing N N 81  
ALQ CA  CB   sing N N 82  
ALQ CA  C    sing N N 83  
ALQ CA  HA   sing N N 84  
ALQ CB  HB1  sing N N 85  
ALQ CB  HB2  sing N N 86  
ALQ CB  HB3  sing N N 87  
ALQ C   O    doub N N 88  
ALQ C   OXT  sing N N 89  
ALQ OXT HXT  sing N N 90  
ARG N   CA   sing N N 91  
ARG N   H    sing N N 92  
ARG N   H2   sing N N 93  
ARG CA  C    sing N N 94  
ARG CA  CB   sing N N 95  
ARG CA  HA   sing N N 96  
ARG C   O    doub N N 97  
ARG C   OXT  sing N N 98  
ARG CB  CG   sing N N 99  
ARG CB  HB2  sing N N 100 
ARG CB  HB3  sing N N 101 
ARG CG  CD   sing N N 102 
ARG CG  HG2  sing N N 103 
ARG CG  HG3  sing N N 104 
ARG CD  NE   sing N N 105 
ARG CD  HD2  sing N N 106 
ARG CD  HD3  sing N N 107 
ARG NE  CZ   sing N N 108 
ARG NE  HE   sing N N 109 
ARG CZ  NH1  sing N N 110 
ARG CZ  NH2  doub N N 111 
ARG NH1 HH11 sing N N 112 
ARG NH1 HH12 sing N N 113 
ARG NH2 HH21 sing N N 114 
ARG NH2 HH22 sing N N 115 
ARG OXT HXT  sing N N 116 
ASN N   CA   sing N N 117 
ASN N   H    sing N N 118 
ASN N   H2   sing N N 119 
ASN CA  C    sing N N 120 
ASN CA  CB   sing N N 121 
ASN CA  HA   sing N N 122 
ASN C   O    doub N N 123 
ASN C   OXT  sing N N 124 
ASN CB  CG   sing N N 125 
ASN CB  HB2  sing N N 126 
ASN CB  HB3  sing N N 127 
ASN CG  OD1  doub N N 128 
ASN CG  ND2  sing N N 129 
ASN ND2 HD21 sing N N 130 
ASN ND2 HD22 sing N N 131 
ASN OXT HXT  sing N N 132 
ASP N   CA   sing N N 133 
ASP N   H    sing N N 134 
ASP N   H2   sing N N 135 
ASP CA  C    sing N N 136 
ASP CA  CB   sing N N 137 
ASP CA  HA   sing N N 138 
ASP C   O    doub N N 139 
ASP C   OXT  sing N N 140 
ASP CB  CG   sing N N 141 
ASP CB  HB2  sing N N 142 
ASP CB  HB3  sing N N 143 
ASP CG  OD1  doub N N 144 
ASP CG  OD2  sing N N 145 
ASP OD2 HD2  sing N N 146 
ASP OXT HXT  sing N N 147 
CYS N   CA   sing N N 148 
CYS N   H    sing N N 149 
CYS N   H2   sing N N 150 
CYS CA  C    sing N N 151 
CYS CA  CB   sing N N 152 
CYS CA  HA   sing N N 153 
CYS C   O    doub N N 154 
CYS C   OXT  sing N N 155 
CYS CB  SG   sing N N 156 
CYS CB  HB2  sing N N 157 
CYS CB  HB3  sing N N 158 
CYS SG  HG   sing N N 159 
CYS OXT HXT  sing N N 160 
DMS S   O    doub N N 161 
DMS S   C1   sing N N 162 
DMS S   C2   sing N N 163 
DMS C1  H11  sing N N 164 
DMS C1  H12  sing N N 165 
DMS C1  H13  sing N N 166 
DMS C2  H21  sing N N 167 
DMS C2  H22  sing N N 168 
DMS C2  H23  sing N N 169 
GLN N   CA   sing N N 170 
GLN N   H    sing N N 171 
GLN N   H2   sing N N 172 
GLN CA  C    sing N N 173 
GLN CA  CB   sing N N 174 
GLN CA  HA   sing N N 175 
GLN C   O    doub N N 176 
GLN C   OXT  sing N N 177 
GLN CB  CG   sing N N 178 
GLN CB  HB2  sing N N 179 
GLN CB  HB3  sing N N 180 
GLN CG  CD   sing N N 181 
GLN CG  HG2  sing N N 182 
GLN CG  HG3  sing N N 183 
GLN CD  OE1  doub N N 184 
GLN CD  NE2  sing N N 185 
GLN NE2 HE21 sing N N 186 
GLN NE2 HE22 sing N N 187 
GLN OXT HXT  sing N N 188 
GLU N   CA   sing N N 189 
GLU N   H    sing N N 190 
GLU N   H2   sing N N 191 
GLU CA  C    sing N N 192 
GLU CA  CB   sing N N 193 
GLU CA  HA   sing N N 194 
GLU C   O    doub N N 195 
GLU C   OXT  sing N N 196 
GLU CB  CG   sing N N 197 
GLU CB  HB2  sing N N 198 
GLU CB  HB3  sing N N 199 
GLU CG  CD   sing N N 200 
GLU CG  HG2  sing N N 201 
GLU CG  HG3  sing N N 202 
GLU CD  OE1  doub N N 203 
GLU CD  OE2  sing N N 204 
GLU OE2 HE2  sing N N 205 
GLU OXT HXT  sing N N 206 
GLY N   CA   sing N N 207 
GLY N   H    sing N N 208 
GLY N   H2   sing N N 209 
GLY CA  C    sing N N 210 
GLY CA  HA2  sing N N 211 
GLY CA  HA3  sing N N 212 
GLY C   O    doub N N 213 
GLY C   OXT  sing N N 214 
GLY OXT HXT  sing N N 215 
HIS N   CA   sing N N 216 
HIS N   H    sing N N 217 
HIS N   H2   sing N N 218 
HIS CA  C    sing N N 219 
HIS CA  CB   sing N N 220 
HIS CA  HA   sing N N 221 
HIS C   O    doub N N 222 
HIS C   OXT  sing N N 223 
HIS CB  CG   sing N N 224 
HIS CB  HB2  sing N N 225 
HIS CB  HB3  sing N N 226 
HIS CG  ND1  sing Y N 227 
HIS CG  CD2  doub Y N 228 
HIS ND1 CE1  doub Y N 229 
HIS ND1 HD1  sing N N 230 
HIS CD2 NE2  sing Y N 231 
HIS CD2 HD2  sing N N 232 
HIS CE1 NE2  sing Y N 233 
HIS CE1 HE1  sing N N 234 
HIS NE2 HE2  sing N N 235 
HIS OXT HXT  sing N N 236 
HOH O   H1   sing N N 237 
HOH O   H2   sing N N 238 
ILE N   CA   sing N N 239 
ILE N   H    sing N N 240 
ILE N   H2   sing N N 241 
ILE CA  C    sing N N 242 
ILE CA  CB   sing N N 243 
ILE CA  HA   sing N N 244 
ILE C   O    doub N N 245 
ILE C   OXT  sing N N 246 
ILE CB  CG1  sing N N 247 
ILE CB  CG2  sing N N 248 
ILE CB  HB   sing N N 249 
ILE CG1 CD1  sing N N 250 
ILE CG1 HG12 sing N N 251 
ILE CG1 HG13 sing N N 252 
ILE CG2 HG21 sing N N 253 
ILE CG2 HG22 sing N N 254 
ILE CG2 HG23 sing N N 255 
ILE CD1 HD11 sing N N 256 
ILE CD1 HD12 sing N N 257 
ILE CD1 HD13 sing N N 258 
ILE OXT HXT  sing N N 259 
LEU N   CA   sing N N 260 
LEU N   H    sing N N 261 
LEU N   H2   sing N N 262 
LEU CA  C    sing N N 263 
LEU CA  CB   sing N N 264 
LEU CA  HA   sing N N 265 
LEU C   O    doub N N 266 
LEU C   OXT  sing N N 267 
LEU CB  CG   sing N N 268 
LEU CB  HB2  sing N N 269 
LEU CB  HB3  sing N N 270 
LEU CG  CD1  sing N N 271 
LEU CG  CD2  sing N N 272 
LEU CG  HG   sing N N 273 
LEU CD1 HD11 sing N N 274 
LEU CD1 HD12 sing N N 275 
LEU CD1 HD13 sing N N 276 
LEU CD2 HD21 sing N N 277 
LEU CD2 HD22 sing N N 278 
LEU CD2 HD23 sing N N 279 
LEU OXT HXT  sing N N 280 
LYS N   CA   sing N N 281 
LYS N   H    sing N N 282 
LYS N   H2   sing N N 283 
LYS CA  C    sing N N 284 
LYS CA  CB   sing N N 285 
LYS CA  HA   sing N N 286 
LYS C   O    doub N N 287 
LYS C   OXT  sing N N 288 
LYS CB  CG   sing N N 289 
LYS CB  HB2  sing N N 290 
LYS CB  HB3  sing N N 291 
LYS CG  CD   sing N N 292 
LYS CG  HG2  sing N N 293 
LYS CG  HG3  sing N N 294 
LYS CD  CE   sing N N 295 
LYS CD  HD2  sing N N 296 
LYS CD  HD3  sing N N 297 
LYS CE  NZ   sing N N 298 
LYS CE  HE2  sing N N 299 
LYS CE  HE3  sing N N 300 
LYS NZ  HZ1  sing N N 301 
LYS NZ  HZ2  sing N N 302 
LYS NZ  HZ3  sing N N 303 
LYS OXT HXT  sing N N 304 
MET N   CA   sing N N 305 
MET N   H    sing N N 306 
MET N   H2   sing N N 307 
MET CA  C    sing N N 308 
MET CA  CB   sing N N 309 
MET CA  HA   sing N N 310 
MET C   O    doub N N 311 
MET C   OXT  sing N N 312 
MET CB  CG   sing N N 313 
MET CB  HB2  sing N N 314 
MET CB  HB3  sing N N 315 
MET CG  SD   sing N N 316 
MET CG  HG2  sing N N 317 
MET CG  HG3  sing N N 318 
MET SD  CE   sing N N 319 
MET CE  HE1  sing N N 320 
MET CE  HE2  sing N N 321 
MET CE  HE3  sing N N 322 
MET OXT HXT  sing N N 323 
PHE N   CA   sing N N 324 
PHE N   H    sing N N 325 
PHE N   H2   sing N N 326 
PHE CA  C    sing N N 327 
PHE CA  CB   sing N N 328 
PHE CA  HA   sing N N 329 
PHE C   O    doub N N 330 
PHE C   OXT  sing N N 331 
PHE CB  CG   sing N N 332 
PHE CB  HB2  sing N N 333 
PHE CB  HB3  sing N N 334 
PHE CG  CD1  doub Y N 335 
PHE CG  CD2  sing Y N 336 
PHE CD1 CE1  sing Y N 337 
PHE CD1 HD1  sing N N 338 
PHE CD2 CE2  doub Y N 339 
PHE CD2 HD2  sing N N 340 
PHE CE1 CZ   doub Y N 341 
PHE CE1 HE1  sing N N 342 
PHE CE2 CZ   sing Y N 343 
PHE CE2 HE2  sing N N 344 
PHE CZ  HZ   sing N N 345 
PHE OXT HXT  sing N N 346 
PRO N   CA   sing N N 347 
PRO N   CD   sing N N 348 
PRO N   H    sing N N 349 
PRO CA  C    sing N N 350 
PRO CA  CB   sing N N 351 
PRO CA  HA   sing N N 352 
PRO C   O    doub N N 353 
PRO C   OXT  sing N N 354 
PRO CB  CG   sing N N 355 
PRO CB  HB2  sing N N 356 
PRO CB  HB3  sing N N 357 
PRO CG  CD   sing N N 358 
PRO CG  HG2  sing N N 359 
PRO CG  HG3  sing N N 360 
PRO CD  HD2  sing N N 361 
PRO CD  HD3  sing N N 362 
PRO OXT HXT  sing N N 363 
SER N   CA   sing N N 364 
SER N   H    sing N N 365 
SER N   H2   sing N N 366 
SER CA  C    sing N N 367 
SER CA  CB   sing N N 368 
SER CA  HA   sing N N 369 
SER C   O    doub N N 370 
SER C   OXT  sing N N 371 
SER CB  OG   sing N N 372 
SER CB  HB2  sing N N 373 
SER CB  HB3  sing N N 374 
SER OG  HG   sing N N 375 
SER OXT HXT  sing N N 376 
THR N   CA   sing N N 377 
THR N   H    sing N N 378 
THR N   H2   sing N N 379 
THR CA  C    sing N N 380 
THR CA  CB   sing N N 381 
THR CA  HA   sing N N 382 
THR C   O    doub N N 383 
THR C   OXT  sing N N 384 
THR CB  OG1  sing N N 385 
THR CB  CG2  sing N N 386 
THR CB  HB   sing N N 387 
THR OG1 HG1  sing N N 388 
THR CG2 HG21 sing N N 389 
THR CG2 HG22 sing N N 390 
THR CG2 HG23 sing N N 391 
THR OXT HXT  sing N N 392 
TRP N   CA   sing N N 393 
TRP N   H    sing N N 394 
TRP N   H2   sing N N 395 
TRP CA  C    sing N N 396 
TRP CA  CB   sing N N 397 
TRP CA  HA   sing N N 398 
TRP C   O    doub N N 399 
TRP C   OXT  sing N N 400 
TRP CB  CG   sing N N 401 
TRP CB  HB2  sing N N 402 
TRP CB  HB3  sing N N 403 
TRP CG  CD1  doub Y N 404 
TRP CG  CD2  sing Y N 405 
TRP CD1 NE1  sing Y N 406 
TRP CD1 HD1  sing N N 407 
TRP CD2 CE2  doub Y N 408 
TRP CD2 CE3  sing Y N 409 
TRP NE1 CE2  sing Y N 410 
TRP NE1 HE1  sing N N 411 
TRP CE2 CZ2  sing Y N 412 
TRP CE3 CZ3  doub Y N 413 
TRP CE3 HE3  sing N N 414 
TRP CZ2 CH2  doub Y N 415 
TRP CZ2 HZ2  sing N N 416 
TRP CZ3 CH2  sing Y N 417 
TRP CZ3 HZ3  sing N N 418 
TRP CH2 HH2  sing N N 419 
TRP OXT HXT  sing N N 420 
TYR N   CA   sing N N 421 
TYR N   H    sing N N 422 
TYR N   H2   sing N N 423 
TYR CA  C    sing N N 424 
TYR CA  CB   sing N N 425 
TYR CA  HA   sing N N 426 
TYR C   O    doub N N 427 
TYR C   OXT  sing N N 428 
TYR CB  CG   sing N N 429 
TYR CB  HB2  sing N N 430 
TYR CB  HB3  sing N N 431 
TYR CG  CD1  doub Y N 432 
TYR CG  CD2  sing Y N 433 
TYR CD1 CE1  sing Y N 434 
TYR CD1 HD1  sing N N 435 
TYR CD2 CE2  doub Y N 436 
TYR CD2 HD2  sing N N 437 
TYR CE1 CZ   doub Y N 438 
TYR CE1 HE1  sing N N 439 
TYR CE2 CZ   sing Y N 440 
TYR CE2 HE2  sing N N 441 
TYR CZ  OH   sing N N 442 
TYR OH  HH   sing N N 443 
TYR OXT HXT  sing N N 444 
VAL N   CA   sing N N 445 
VAL N   H    sing N N 446 
VAL N   H2   sing N N 447 
VAL CA  C    sing N N 448 
VAL CA  CB   sing N N 449 
VAL CA  HA   sing N N 450 
VAL C   O    doub N N 451 
VAL C   OXT  sing N N 452 
VAL CB  CG1  sing N N 453 
VAL CB  CG2  sing N N 454 
VAL CB  HB   sing N N 455 
VAL CG1 HG11 sing N N 456 
VAL CG1 HG12 sing N N 457 
VAL CG1 HG13 sing N N 458 
VAL CG2 HG21 sing N N 459 
VAL CG2 HG22 sing N N 460 
VAL CG2 HG23 sing N N 461 
VAL OXT HXT  sing N N 462 
# 
loop_
_pdbx_entity_nonpoly.entity_id 
_pdbx_entity_nonpoly.name 
_pdbx_entity_nonpoly.comp_id 
2 
;SPIRO[3-CARBOXY-4-{(4-[1,2,3]THIADIAZOL-4-YL-PHENYL)-AMINO-CARBONYL} -5-[3,4-DICHLORO-PHENYL]-TETRAHYDROFURAN-2,2'-5-METHYL-INDAN-1,3-DIONE]
;
434 
3 '2-METHYL-PROPIONIC ACID' ALQ 
4 'DIMETHYL SULFOXIDE' DMS 
5 water HOH 
# 
_pdbx_initial_refinement_model.id               1 
_pdbx_initial_refinement_model.entity_id_list   ? 
_pdbx_initial_refinement_model.type             'experimental model' 
_pdbx_initial_refinement_model.source_name      PDB 
_pdbx_initial_refinement_model.accession_code   1R6K 
_pdbx_initial_refinement_model.details          'HPV11 E2 TAb apo (1R6K)' 
# 
